data_8TAL
#
_entry.id   8TAL
#
loop_
_entity.id
_entity.type
_entity.pdbx_description
1 polymer Anoctamin-6
2 non-polymer 2-acetamido-2-deoxy-beta-D-glucopyranose
3 non-polymer 'CALCIUM ION'
#
_entity_poly.entity_id   1
_entity_poly.type   'polypeptide(L)'
_entity_poly.pdbx_seq_one_letter_code
;FEEFNGKPDSLFFTDGQRRIDFILVYEDESKKENNKKGTNEKQKRKRQAYESNLICHGLQLEATRSVSDDKLVFVKVHAP
WEVLCYYAEIMHIKLPLKPNDLKTRSPFGNLNWFTKVLRVNESVIKPEQEFFTAPFEKSRMNDFYILDRDSFFNPATRSR
IVYFILSRVKYQVMNNVNKFGINRLVSSGIYKAAFPLHDCRFNYESEDISCPSERYLLYREWAHPRSIYKKQPLDLIRKY
YGEKIGIYFAWLGYYTQMLLLAAVVGVACFLYGYLDQDNCTWSKEVCDPDIGGQILMCPQCDRLCPFWRLNITCESSKKL
CIFDSFGTLIFAVFMGVWVTLFLEFWKRRQAELEYEWDTVELQQEEQARPEYEAQCNHVVINEITQEEERIPFTTCGKCI
RVTLCASAVFFWILLIIASVIGIIVYRLSVFIVFSTTLPKNPNGTDPIQKYLTPQMATSITASIISFIIIMILNTIYEKV
AIMITNFELPRTQTDYENSLTMKMFLFQFVNYYSSCFYIAFFKGKFVGYPGDPVYLLGKYRSEECDPGGCLLELTTQLTI
IMGGKAIWNNIQEVLLPWVMNLIGRYKRVSGSEKITPRWEQDYHLQPMGKLGLFYEYLEMIIQFGFVTLFVASFPLAPLL
ALVNNILEIRVDAWKLTTQFRRMVPEKAQDIGAWQPIMQGIAILAVVTNAMIIAFTSDMIPRLVYYWSFSIPPYGDHTYY
TMDGYINNTLSVFNITDFKNTDKENPYIGLGNYTLCRYRDFRNPPGHPQEYKHNIYYWHVIAAKLAFIIVMEHIIYSVKF
FISYAIPDVSKITKSKIKRE
;
_entity_poly.pdbx_strand_id   A,B
#
loop_
_chem_comp.id
_chem_comp.type
_chem_comp.name
_chem_comp.formula
CA non-polymer 'CALCIUM ION' 'Ca 2'
NAG D-saccharide, beta linking 2-acetamido-2-deoxy-beta-D-glucopyranose 'C8 H15 N O6'
#
# COMPACT_ATOMS: atom_id res chain seq x y z
N PRO A 8 4.46 -58.35 -20.71
CA PRO A 8 4.07 -57.50 -21.85
C PRO A 8 4.24 -56.02 -21.57
N ASP A 9 4.48 -55.66 -20.32
CA ASP A 9 4.65 -54.26 -19.92
C ASP A 9 3.47 -53.42 -20.37
N SER A 10 2.28 -54.00 -20.25
CA SER A 10 1.06 -53.32 -20.69
C SER A 10 0.48 -52.48 -19.56
N LEU A 11 -0.30 -51.48 -19.95
CA LEU A 11 -1.00 -50.64 -19.00
C LEU A 11 -2.43 -51.11 -18.74
N PHE A 12 -2.81 -52.27 -19.27
CA PHE A 12 -4.18 -52.76 -19.21
C PHE A 12 -4.28 -54.01 -18.34
N PHE A 13 -5.50 -54.32 -17.92
CA PHE A 13 -5.74 -55.51 -17.13
C PHE A 13 -5.31 -56.75 -17.89
N THR A 14 -5.14 -57.85 -17.19
CA THR A 14 -4.79 -59.11 -17.84
C THR A 14 -5.87 -59.49 -18.84
N ASP A 15 -5.45 -59.81 -20.07
CA ASP A 15 -6.35 -60.26 -21.13
C ASP A 15 -7.67 -59.51 -21.13
N GLY A 16 -7.62 -58.19 -20.95
CA GLY A 16 -8.83 -57.40 -20.88
C GLY A 16 -8.62 -55.96 -21.28
N GLN A 17 -9.68 -55.30 -21.74
CA GLN A 17 -9.63 -53.89 -22.14
C GLN A 17 -10.16 -53.04 -20.99
N ARG A 18 -9.27 -52.69 -20.08
CA ARG A 18 -9.62 -51.91 -18.90
C ARG A 18 -8.37 -51.22 -18.38
N ARG A 19 -8.42 -49.90 -18.28
CA ARG A 19 -7.26 -49.09 -17.95
C ARG A 19 -7.11 -48.94 -16.44
N ILE A 20 -5.96 -49.38 -15.93
CA ILE A 20 -5.68 -49.29 -14.51
C ILE A 20 -5.54 -47.82 -14.12
N ASP A 21 -5.83 -47.52 -12.87
CA ASP A 21 -5.74 -46.15 -12.37
C ASP A 21 -5.04 -46.02 -11.03
N PHE A 22 -4.83 -47.11 -10.29
CA PHE A 22 -4.18 -47.01 -9.00
C PHE A 22 -3.87 -48.43 -8.51
N ILE A 23 -2.82 -48.58 -7.73
CA ILE A 23 -2.31 -49.89 -7.34
C ILE A 23 -2.26 -49.98 -5.82
N LEU A 24 -2.57 -51.16 -5.29
CA LEU A 24 -2.40 -51.50 -3.89
C LEU A 24 -1.45 -52.67 -3.78
N VAL A 25 -0.45 -52.57 -2.92
CA VAL A 25 0.50 -53.66 -2.65
C VAL A 25 0.51 -53.93 -1.15
N TYR A 26 0.39 -55.21 -0.78
CA TYR A 26 0.36 -55.61 0.61
C TYR A 26 1.32 -56.78 0.81
N GLU A 27 1.83 -56.89 2.03
CA GLU A 27 2.72 -57.98 2.40
C GLU A 27 1.95 -59.04 3.14
N ASP A 28 1.89 -60.25 2.57
CA ASP A 28 1.07 -61.30 3.14
C ASP A 28 1.65 -61.78 4.47
N GLU A 29 0.75 -62.02 5.44
CA GLU A 29 1.16 -62.57 6.72
C GLU A 29 1.22 -64.08 6.73
N SER A 30 0.55 -64.75 5.78
CA SER A 30 0.61 -66.20 5.71
C SER A 30 1.97 -66.70 5.25
N LYS A 31 2.84 -65.82 4.75
CA LYS A 31 4.17 -66.21 4.33
C LYS A 31 4.13 -67.21 3.19
N ASN A 40 -0.93 -62.88 15.61
CA ASN A 40 -0.40 -61.92 14.65
C ASN A 40 -1.31 -61.81 13.41
N GLU A 41 -2.54 -62.29 13.55
CA GLU A 41 -3.48 -62.26 12.45
C GLU A 41 -4.24 -60.93 12.37
N LYS A 42 -3.99 -60.01 13.31
CA LYS A 42 -4.71 -58.75 13.33
C LYS A 42 -4.54 -58.00 12.00
N GLN A 43 -3.32 -57.93 11.48
CA GLN A 43 -3.10 -57.27 10.20
C GLN A 43 -3.86 -57.93 9.06
N LYS A 44 -3.89 -59.27 9.01
CA LYS A 44 -4.63 -59.96 7.97
C LYS A 44 -6.13 -59.67 8.09
N ARG A 45 -6.64 -59.63 9.33
CA ARG A 45 -8.05 -59.33 9.53
C ARG A 45 -8.39 -57.93 9.03
N LYS A 46 -7.55 -56.94 9.38
CA LYS A 46 -7.79 -55.58 8.91
C LYS A 46 -7.72 -55.52 7.39
N ARG A 47 -6.76 -56.22 6.78
CA ARG A 47 -6.66 -56.26 5.33
C ARG A 47 -7.92 -56.84 4.71
N GLN A 48 -8.41 -57.95 5.26
CA GLN A 48 -9.60 -58.59 4.71
C GLN A 48 -10.79 -57.65 4.82
N ALA A 49 -10.92 -56.96 5.96
CA ALA A 49 -12.01 -56.01 6.11
C ALA A 49 -11.94 -54.92 5.06
N TYR A 50 -10.74 -54.36 4.86
CA TYR A 50 -10.60 -53.29 3.87
C TYR A 50 -10.94 -53.79 2.48
N GLU A 51 -10.45 -54.98 2.12
CA GLU A 51 -10.70 -55.52 0.79
C GLU A 51 -12.18 -55.80 0.58
N SER A 52 -12.84 -56.36 1.58
CA SER A 52 -14.28 -56.61 1.47
C SER A 52 -15.04 -55.30 1.31
N ASN A 53 -14.65 -54.26 2.07
CA ASN A 53 -15.31 -52.98 1.93
C ASN A 53 -15.13 -52.41 0.53
N LEU A 54 -13.91 -52.49 0.00
CA LEU A 54 -13.65 -52.00 -1.34
C LEU A 54 -14.47 -52.76 -2.37
N ILE A 55 -14.54 -54.08 -2.22
CA ILE A 55 -15.31 -54.90 -3.17
C ILE A 55 -16.78 -54.50 -3.13
N CYS A 56 -17.33 -54.34 -1.92
CA CYS A 56 -18.74 -54.00 -1.78
C CYS A 56 -19.04 -52.60 -2.31
N HIS A 57 -18.10 -51.67 -2.17
CA HIS A 57 -18.36 -50.30 -2.58
C HIS A 57 -18.39 -50.14 -4.10
N GLY A 58 -17.97 -51.14 -4.87
CA GLY A 58 -18.11 -51.08 -6.31
C GLY A 58 -16.85 -50.74 -7.06
N LEU A 59 -15.73 -51.37 -6.71
CA LEU A 59 -14.47 -51.19 -7.41
C LEU A 59 -13.91 -52.55 -7.81
N GLN A 60 -13.22 -52.59 -8.95
CA GLN A 60 -12.62 -53.83 -9.40
C GLN A 60 -11.29 -54.07 -8.70
N LEU A 61 -10.95 -55.34 -8.52
CA LEU A 61 -9.71 -55.72 -7.84
C LEU A 61 -9.10 -56.91 -8.54
N GLU A 62 -7.79 -56.88 -8.70
CA GLU A 62 -7.04 -58.01 -9.23
C GLU A 62 -5.65 -58.00 -8.61
N ALA A 63 -5.16 -59.20 -8.29
CA ALA A 63 -3.90 -59.37 -7.59
C ALA A 63 -2.98 -60.25 -8.40
N THR A 64 -1.73 -59.80 -8.57
CA THR A 64 -0.69 -60.58 -9.24
C THR A 64 0.56 -60.55 -8.37
N ARG A 65 1.10 -61.73 -8.09
CA ARG A 65 2.27 -61.82 -7.23
C ARG A 65 3.54 -61.53 -8.02
N SER A 66 4.38 -60.65 -7.48
CA SER A 66 5.65 -60.34 -8.13
C SER A 66 6.57 -61.55 -8.05
N VAL A 67 7.17 -61.90 -9.20
CA VAL A 67 8.03 -63.09 -9.25
C VAL A 67 9.23 -62.90 -8.34
N SER A 68 9.75 -61.67 -8.25
CA SER A 68 10.98 -61.44 -7.50
C SER A 68 10.81 -61.79 -6.02
N ASP A 69 9.73 -61.32 -5.40
CA ASP A 69 9.51 -61.53 -3.97
C ASP A 69 8.16 -62.21 -3.78
N ASP A 70 8.20 -63.48 -3.37
CA ASP A 70 6.97 -64.21 -3.14
C ASP A 70 6.16 -63.63 -2.00
N LYS A 71 6.83 -63.01 -1.02
CA LYS A 71 6.10 -62.41 0.10
C LYS A 71 5.22 -61.27 -0.36
N LEU A 72 5.73 -60.44 -1.27
CA LEU A 72 5.00 -59.25 -1.72
C LEU A 72 3.96 -59.66 -2.75
N VAL A 73 2.70 -59.33 -2.48
CA VAL A 73 1.59 -59.60 -3.40
C VAL A 73 0.97 -58.25 -3.76
N PHE A 74 0.85 -57.98 -5.05
CA PHE A 74 0.36 -56.70 -5.54
C PHE A 74 -1.11 -56.80 -5.93
N VAL A 75 -1.82 -55.68 -5.79
CA VAL A 75 -3.25 -55.60 -6.08
C VAL A 75 -3.50 -54.35 -6.90
N LYS A 76 -4.35 -54.47 -7.92
CA LYS A 76 -4.63 -53.39 -8.86
C LYS A 76 -6.13 -53.14 -8.95
N VAL A 77 -6.49 -51.96 -9.44
CA VAL A 77 -7.88 -51.54 -9.51
C VAL A 77 -8.21 -51.03 -10.91
N HIS A 78 -9.43 -50.55 -11.10
CA HIS A 78 -9.89 -50.01 -12.37
C HIS A 78 -10.93 -48.95 -12.07
N ALA A 79 -11.71 -48.56 -13.08
CA ALA A 79 -12.71 -47.50 -12.92
C ALA A 79 -13.90 -47.76 -13.83
N PRO A 80 -15.01 -48.26 -13.31
CA PRO A 80 -16.22 -48.39 -14.13
C PRO A 80 -16.76 -47.02 -14.48
N TRP A 81 -17.35 -46.91 -15.67
CA TRP A 81 -17.80 -45.61 -16.15
C TRP A 81 -18.88 -45.01 -15.25
N GLU A 82 -19.89 -45.81 -14.91
CA GLU A 82 -21.08 -45.26 -14.26
C GLU A 82 -20.76 -44.72 -12.87
N VAL A 83 -20.33 -45.59 -11.96
CA VAL A 83 -20.10 -45.18 -10.58
C VAL A 83 -18.96 -44.17 -10.50
N LEU A 84 -17.90 -44.39 -11.27
CA LEU A 84 -16.77 -43.46 -11.25
C LEU A 84 -17.20 -42.07 -11.69
N CYS A 85 -17.96 -41.98 -12.80
CA CYS A 85 -18.42 -40.69 -13.28
C CYS A 85 -19.38 -40.05 -12.29
N TYR A 86 -20.23 -40.85 -11.65
CA TYR A 86 -21.15 -40.32 -10.65
C TYR A 86 -20.38 -39.67 -9.50
N TYR A 87 -19.44 -40.41 -8.91
CA TYR A 87 -18.69 -39.85 -7.80
C TYR A 87 -17.81 -38.68 -8.24
N ALA A 88 -17.35 -38.70 -9.49
CA ALA A 88 -16.62 -37.55 -10.03
C ALA A 88 -17.53 -36.31 -10.07
N GLU A 89 -18.78 -36.51 -10.48
CA GLU A 89 -19.75 -35.43 -10.40
C GLU A 89 -20.06 -35.06 -8.96
N ILE A 90 -19.78 -35.96 -8.00
CA ILE A 90 -20.02 -35.66 -6.60
C ILE A 90 -19.29 -34.37 -6.20
N MET A 91 -18.00 -34.29 -6.50
CA MET A 91 -17.26 -33.05 -6.35
C MET A 91 -17.29 -32.26 -7.65
N HIS A 92 -16.98 -30.97 -7.55
CA HIS A 92 -17.09 -30.08 -8.70
C HIS A 92 -16.00 -30.40 -9.71
N ILE A 93 -16.34 -31.19 -10.73
CA ILE A 93 -15.42 -31.57 -11.80
C ILE A 93 -15.95 -31.01 -13.11
N LYS A 94 -15.04 -30.44 -13.91
CA LYS A 94 -15.41 -29.84 -15.18
C LYS A 94 -15.23 -30.86 -16.31
N LEU A 95 -15.30 -30.39 -17.54
CA LEU A 95 -15.23 -31.28 -18.69
C LEU A 95 -13.94 -32.10 -18.63
N PRO A 96 -14.01 -33.44 -18.72
CA PRO A 96 -12.78 -34.23 -18.74
C PRO A 96 -11.98 -34.04 -20.02
N ALA A 134 -18.40 -25.71 -14.13
CA ALA A 134 -19.26 -26.54 -14.96
C ALA A 134 -19.27 -27.99 -14.43
N PRO A 135 -20.00 -28.24 -13.36
CA PRO A 135 -20.05 -29.59 -12.81
C PRO A 135 -20.61 -30.59 -13.83
N PHE A 136 -20.09 -31.81 -13.77
CA PHE A 136 -20.44 -32.85 -14.73
C PHE A 136 -21.91 -33.21 -14.58
N GLU A 137 -22.62 -33.28 -15.70
CA GLU A 137 -24.05 -33.55 -15.69
C GLU A 137 -24.44 -34.09 -17.07
N LYS A 138 -25.23 -35.17 -17.07
CA LYS A 138 -25.59 -35.81 -18.34
C LYS A 138 -26.44 -34.90 -19.21
N SER A 139 -27.08 -33.89 -18.62
CA SER A 139 -27.89 -32.96 -19.40
C SER A 139 -27.07 -32.24 -20.47
N ARG A 140 -25.75 -32.16 -20.30
CA ARG A 140 -24.86 -31.54 -21.26
C ARG A 140 -23.94 -32.57 -21.91
N MET A 141 -24.46 -33.79 -22.10
CA MET A 141 -23.64 -34.87 -22.65
C MET A 141 -23.20 -34.56 -24.06
N ASN A 142 -24.13 -34.13 -24.92
CA ASN A 142 -23.82 -33.90 -26.33
C ASN A 142 -23.45 -32.46 -26.65
N ASP A 143 -23.41 -31.58 -25.65
CA ASP A 143 -22.99 -30.20 -25.91
C ASP A 143 -21.54 -30.13 -26.34
N PHE A 144 -20.67 -30.92 -25.71
CA PHE A 144 -19.24 -30.90 -25.97
C PHE A 144 -18.85 -32.15 -26.76
N TYR A 145 -18.01 -31.96 -27.78
CA TYR A 145 -17.64 -33.07 -28.64
C TYR A 145 -16.93 -34.16 -27.85
N ILE A 146 -17.32 -35.41 -28.11
CA ILE A 146 -16.70 -36.59 -27.51
C ILE A 146 -16.47 -37.61 -28.62
N LEU A 147 -15.23 -38.08 -28.76
CA LEU A 147 -14.91 -39.01 -29.83
C LEU A 147 -15.08 -40.46 -29.39
N ASP A 148 -14.84 -40.75 -28.12
CA ASP A 148 -14.97 -42.11 -27.61
C ASP A 148 -15.45 -42.08 -26.17
N ARG A 149 -16.00 -43.21 -25.73
CA ARG A 149 -16.51 -43.31 -24.36
C ARG A 149 -15.47 -43.89 -23.41
N ASP A 150 -14.39 -44.45 -23.93
CA ASP A 150 -13.42 -45.18 -23.12
C ASP A 150 -12.12 -44.42 -22.87
N SER A 151 -11.85 -43.36 -23.64
CA SER A 151 -10.57 -42.67 -23.57
C SER A 151 -10.68 -41.16 -23.50
N PHE A 152 -11.88 -40.59 -23.68
CA PHE A 152 -12.00 -39.14 -23.64
C PHE A 152 -11.55 -38.56 -22.31
N PHE A 153 -11.72 -39.31 -21.22
CA PHE A 153 -11.27 -38.84 -19.93
C PHE A 153 -9.74 -38.73 -19.91
N ASN A 154 -9.25 -37.68 -19.27
CA ASN A 154 -7.81 -37.55 -19.09
C ASN A 154 -7.33 -38.56 -18.06
N PRO A 155 -6.35 -39.41 -18.38
CA PRO A 155 -5.92 -40.42 -17.40
C PRO A 155 -5.50 -39.81 -16.07
N ALA A 156 -4.88 -38.63 -16.08
CA ALA A 156 -4.51 -37.99 -14.82
C ALA A 156 -5.75 -37.71 -13.97
N THR A 157 -6.80 -37.17 -14.58
CA THR A 157 -8.02 -36.90 -13.83
C THR A 157 -8.66 -38.19 -13.34
N ARG A 158 -8.59 -39.25 -14.14
CA ARG A 158 -9.11 -40.54 -13.69
C ARG A 158 -8.38 -41.01 -12.44
N SER A 159 -7.06 -40.90 -12.43
CA SER A 159 -6.28 -41.26 -11.25
C SER A 159 -6.66 -40.39 -10.06
N ARG A 160 -6.84 -39.09 -10.28
CA ARG A 160 -7.22 -38.20 -9.17
C ARG A 160 -8.56 -38.61 -8.58
N ILE A 161 -9.54 -38.90 -9.43
CA ILE A 161 -10.86 -39.28 -8.93
C ILE A 161 -10.75 -40.58 -8.14
N VAL A 162 -10.00 -41.55 -8.66
CA VAL A 162 -9.86 -42.82 -7.94
C VAL A 162 -9.19 -42.59 -6.58
N TYR A 163 -8.18 -41.71 -6.54
CA TYR A 163 -7.51 -41.44 -5.27
C TYR A 163 -8.48 -40.80 -4.28
N PHE A 164 -9.31 -39.86 -4.74
CA PHE A 164 -10.30 -39.25 -3.85
C PHE A 164 -11.27 -40.30 -3.33
N ILE A 165 -11.71 -41.20 -4.21
CA ILE A 165 -12.59 -42.28 -3.79
C ILE A 165 -11.93 -43.07 -2.67
N LEU A 166 -10.66 -43.44 -2.85
CA LEU A 166 -9.97 -44.21 -1.82
C LEU A 166 -9.88 -43.41 -0.52
N SER A 167 -9.63 -42.11 -0.63
CA SER A 167 -9.47 -41.28 0.57
C SER A 167 -10.77 -41.21 1.37
N ARG A 168 -11.90 -41.01 0.68
CA ARG A 168 -13.17 -40.87 1.39
C ARG A 168 -13.57 -42.15 2.13
N VAL A 169 -13.23 -43.32 1.59
CA VAL A 169 -13.59 -44.57 2.25
C VAL A 169 -12.83 -44.68 3.55
N LYS A 170 -13.43 -45.36 4.52
CA LYS A 170 -12.87 -45.49 5.86
C LYS A 170 -13.19 -46.87 6.41
N TYR A 171 -12.58 -47.19 7.54
CA TYR A 171 -12.88 -48.40 8.27
C TYR A 171 -12.67 -48.19 9.77
N GLY A 181 -7.56 -48.94 3.39
CA GLY A 181 -7.21 -47.76 4.15
C GLY A 181 -5.88 -47.18 3.73
N ILE A 182 -5.87 -45.87 3.46
CA ILE A 182 -4.64 -45.21 3.00
C ILE A 182 -3.75 -44.86 4.18
N ASN A 183 -4.20 -43.93 5.02
CA ASN A 183 -3.31 -43.35 6.01
C ASN A 183 -2.91 -44.37 7.06
N ARG A 184 -3.88 -44.91 7.80
CA ARG A 184 -3.56 -45.87 8.85
C ARG A 184 -2.91 -47.15 8.33
N LEU A 185 -3.42 -47.69 7.21
CA LEU A 185 -2.86 -48.92 6.69
C LEU A 185 -1.42 -48.73 6.22
N VAL A 186 -1.15 -47.62 5.53
CA VAL A 186 0.20 -47.36 5.07
C VAL A 186 1.13 -47.12 6.25
N SER A 187 0.69 -46.33 7.22
CA SER A 187 1.55 -46.02 8.36
C SER A 187 1.86 -47.27 9.17
N SER A 188 0.84 -48.07 9.47
CA SER A 188 1.00 -49.24 10.34
C SER A 188 1.43 -50.49 9.58
N GLY A 189 1.61 -50.41 8.26
CA GLY A 189 2.04 -51.56 7.51
C GLY A 189 0.93 -52.46 7.01
N ILE A 190 -0.33 -52.03 7.09
CA ILE A 190 -1.40 -52.83 6.53
C ILE A 190 -1.21 -53.00 5.03
N TYR A 191 -0.83 -51.92 4.34
CA TYR A 191 -0.52 -51.97 2.91
C TYR A 191 0.82 -51.26 2.71
N LYS A 192 1.74 -51.93 2.02
CA LYS A 192 3.10 -51.40 1.90
C LYS A 192 3.10 -50.05 1.20
N ALA A 193 2.33 -49.91 0.12
CA ALA A 193 2.30 -48.65 -0.62
C ALA A 193 1.13 -48.71 -1.59
N ALA A 194 0.90 -47.58 -2.26
CA ALA A 194 -0.18 -47.49 -3.24
C ALA A 194 0.07 -46.26 -4.10
N PHE A 195 -0.10 -46.40 -5.42
CA PHE A 195 0.30 -45.34 -6.35
C PHE A 195 -0.36 -45.60 -7.70
N PRO A 196 -0.44 -44.58 -8.57
CA PRO A 196 -0.83 -44.82 -9.96
C PRO A 196 0.33 -45.26 -10.84
N LEU A 197 0.11 -45.38 -12.14
CA LEU A 197 1.11 -45.87 -13.08
C LEU A 197 1.60 -44.76 -14.00
N HIS A 198 2.83 -44.92 -14.48
CA HIS A 198 3.35 -44.07 -15.55
C HIS A 198 3.00 -44.68 -16.91
N ASP A 199 2.90 -43.82 -17.91
CA ASP A 199 2.46 -44.28 -19.23
C ASP A 199 3.39 -45.35 -19.78
N CYS A 200 4.71 -45.13 -19.67
CA CYS A 200 5.66 -46.06 -20.26
C CYS A 200 7.05 -45.71 -19.74
N ARG A 201 8.01 -46.55 -20.09
CA ARG A 201 9.40 -46.29 -19.71
C ARG A 201 9.89 -45.04 -20.42
N PHE A 202 10.68 -44.23 -19.72
CA PHE A 202 11.15 -42.98 -20.30
C PHE A 202 12.23 -43.21 -21.35
N ASN A 203 12.98 -44.30 -21.23
CA ASN A 203 14.00 -44.61 -22.23
C ASN A 203 13.37 -44.82 -23.60
N TYR A 204 12.55 -45.85 -23.74
CA TYR A 204 11.99 -46.24 -25.02
C TYR A 204 10.50 -45.97 -25.06
N GLU A 205 9.98 -45.74 -26.27
CA GLU A 205 8.57 -45.46 -26.46
C GLU A 205 7.73 -46.64 -25.99
N SER A 206 6.45 -46.37 -25.74
CA SER A 206 5.55 -47.42 -25.29
C SER A 206 5.44 -48.51 -26.34
N GLU A 207 5.55 -49.76 -25.89
CA GLU A 207 5.39 -50.89 -26.80
C GLU A 207 3.97 -50.97 -27.33
N ASP A 208 2.99 -50.66 -26.48
CA ASP A 208 1.60 -50.63 -26.91
C ASP A 208 1.34 -49.39 -27.76
N ILE A 209 0.79 -49.60 -28.96
CA ILE A 209 0.57 -48.48 -29.87
C ILE A 209 -0.50 -47.55 -29.33
N SER A 210 -1.54 -48.09 -28.68
CA SER A 210 -2.62 -47.25 -28.19
C SER A 210 -2.09 -46.21 -27.21
N CYS A 211 -1.12 -46.57 -26.39
CA CYS A 211 -0.53 -45.61 -25.47
C CYS A 211 0.16 -44.49 -26.25
N PRO A 212 -0.11 -43.23 -25.91
CA PRO A 212 0.62 -42.13 -26.58
C PRO A 212 2.08 -42.03 -26.16
N SER A 213 2.50 -42.77 -25.15
CA SER A 213 3.88 -42.69 -24.64
C SER A 213 4.23 -41.26 -24.25
N GLU A 214 3.27 -40.55 -23.64
CA GLU A 214 3.47 -39.15 -23.30
C GLU A 214 4.73 -38.96 -22.45
N ARG A 215 5.07 -39.96 -21.63
CA ARG A 215 6.27 -39.87 -20.83
C ARG A 215 7.51 -39.78 -21.71
N TYR A 216 7.56 -40.60 -22.75
CA TYR A 216 8.71 -40.59 -23.65
C TYR A 216 8.90 -39.24 -24.31
N LEU A 217 7.84 -38.71 -24.92
CA LEU A 217 7.93 -37.42 -25.58
C LEU A 217 8.28 -36.33 -24.58
N LEU A 218 7.62 -36.33 -23.42
CA LEU A 218 7.87 -35.31 -22.42
C LEU A 218 9.33 -35.32 -21.99
N TYR A 219 9.87 -36.51 -21.71
CA TYR A 219 11.28 -36.61 -21.33
C TYR A 219 12.19 -36.10 -22.43
N ARG A 220 12.02 -36.63 -23.64
CA ARG A 220 12.94 -36.30 -24.73
C ARG A 220 12.88 -34.82 -25.08
N GLU A 221 11.74 -34.17 -24.84
CA GLU A 221 11.60 -32.79 -25.29
C GLU A 221 11.86 -31.78 -24.20
N TRP A 222 11.71 -32.15 -22.93
CA TRP A 222 11.74 -31.15 -21.87
C TRP A 222 12.55 -31.55 -20.64
N ALA A 223 12.95 -32.81 -20.49
CA ALA A 223 13.74 -33.24 -19.34
C ALA A 223 15.21 -33.43 -19.65
N HIS A 224 15.52 -34.17 -20.71
CA HIS A 224 16.91 -34.37 -21.10
C HIS A 224 17.57 -33.01 -21.34
N PRO A 225 18.83 -32.83 -20.95
CA PRO A 225 19.44 -31.52 -21.16
C PRO A 225 19.83 -31.27 -22.62
N ARG A 226 19.56 -32.22 -23.50
CA ARG A 226 19.61 -31.93 -24.94
C ARG A 226 18.68 -30.79 -25.29
N SER A 227 17.58 -30.64 -24.56
CA SER A 227 16.61 -29.58 -24.76
C SER A 227 16.80 -28.43 -23.78
N ILE A 228 18.06 -28.10 -23.46
CA ILE A 228 18.33 -27.04 -22.50
C ILE A 228 17.75 -25.71 -22.98
N TYR A 229 17.79 -25.46 -24.28
CA TYR A 229 17.42 -24.16 -24.82
C TYR A 229 15.96 -24.07 -25.23
N LYS A 230 15.28 -25.20 -25.42
CA LYS A 230 13.94 -25.16 -25.99
C LYS A 230 12.97 -24.51 -25.02
N LYS A 231 11.77 -24.21 -25.53
CA LYS A 231 10.74 -23.58 -24.72
C LYS A 231 10.01 -24.63 -23.87
N GLN A 232 9.30 -24.15 -22.85
CA GLN A 232 8.69 -25.03 -21.88
C GLN A 232 7.30 -25.43 -22.33
N PRO A 233 7.03 -26.73 -22.54
CA PRO A 233 5.67 -27.17 -22.93
C PRO A 233 4.72 -27.35 -21.75
N LEU A 234 4.19 -26.23 -21.27
CA LEU A 234 3.39 -26.26 -20.06
C LEU A 234 2.14 -27.10 -20.22
N ASP A 235 1.54 -27.09 -21.42
CA ASP A 235 0.34 -27.90 -21.65
C ASP A 235 0.55 -29.38 -21.31
N LEU A 236 1.60 -30.00 -21.87
CA LEU A 236 1.88 -31.39 -21.53
C LEU A 236 2.23 -31.55 -20.06
N ILE A 237 2.98 -30.60 -19.49
CA ILE A 237 3.36 -30.73 -18.09
C ILE A 237 2.12 -30.87 -17.22
N ARG A 238 1.15 -29.99 -17.39
CA ARG A 238 -0.04 -30.10 -16.55
C ARG A 238 -0.90 -31.28 -16.96
N LYS A 239 -1.04 -31.55 -18.25
CA LYS A 239 -1.89 -32.63 -18.71
C LYS A 239 -1.33 -33.99 -18.38
N TYR A 240 -0.09 -34.07 -17.91
CA TYR A 240 0.50 -35.32 -17.44
C TYR A 240 0.62 -35.38 -15.93
N TYR A 241 1.10 -34.30 -15.29
CA TYR A 241 1.40 -34.36 -13.86
C TYR A 241 0.32 -33.70 -13.01
N GLY A 242 0.03 -32.43 -13.23
CA GLY A 242 -1.03 -31.77 -12.50
C GLY A 242 -0.87 -30.28 -12.52
N GLU A 243 -1.88 -29.61 -11.99
CA GLU A 243 -1.89 -28.15 -11.98
C GLU A 243 -0.76 -27.59 -11.14
N LYS A 244 -0.47 -28.20 -10.00
CA LYS A 244 0.60 -27.71 -9.14
C LYS A 244 1.93 -27.68 -9.90
N ILE A 245 2.28 -28.79 -10.54
CA ILE A 245 3.55 -28.85 -11.25
C ILE A 245 3.56 -27.84 -12.38
N GLY A 246 2.45 -27.71 -13.11
CA GLY A 246 2.40 -26.76 -14.20
C GLY A 246 2.62 -25.33 -13.74
N ILE A 247 1.94 -24.93 -12.66
CA ILE A 247 2.07 -23.56 -12.19
C ILE A 247 3.47 -23.33 -11.66
N TYR A 248 4.05 -24.31 -10.96
CA TYR A 248 5.41 -24.15 -10.47
C TYR A 248 6.39 -23.94 -11.62
N PHE A 249 6.26 -24.74 -12.67
CA PHE A 249 7.20 -24.63 -13.77
C PHE A 249 6.99 -23.34 -14.55
N ALA A 250 5.74 -22.89 -14.69
CA ALA A 250 5.49 -21.61 -15.34
C ALA A 250 6.12 -20.47 -14.56
N TRP A 251 5.95 -20.47 -13.23
CA TRP A 251 6.55 -19.43 -12.42
C TRP A 251 8.06 -19.46 -12.57
N LEU A 252 8.66 -20.65 -12.51
CA LEU A 252 10.10 -20.75 -12.64
C LEU A 252 10.57 -20.21 -13.99
N GLY A 253 9.85 -20.53 -15.05
CA GLY A 253 10.22 -20.06 -16.37
C GLY A 253 10.15 -18.55 -16.49
N TYR A 254 9.07 -17.94 -16.01
CA TYR A 254 8.97 -16.50 -16.10
C TYR A 254 10.02 -15.81 -15.23
N TYR A 255 10.32 -16.41 -14.08
CA TYR A 255 11.37 -15.88 -13.22
C TYR A 255 12.70 -15.87 -13.95
N THR A 256 13.00 -16.96 -14.67
CA THR A 256 14.22 -16.99 -15.47
C THR A 256 14.19 -15.92 -16.57
N GLN A 257 13.04 -15.78 -17.23
CA GLN A 257 12.94 -14.81 -18.33
C GLN A 257 13.31 -13.42 -17.84
N MET A 258 12.72 -12.97 -16.73
CA MET A 258 13.04 -11.63 -16.27
C MET A 258 14.42 -11.54 -15.61
N LEU A 259 14.90 -12.63 -15.01
CA LEU A 259 16.28 -12.63 -14.57
C LEU A 259 17.22 -12.35 -15.73
N LEU A 260 16.82 -12.69 -16.95
CA LEU A 260 17.66 -12.36 -18.11
C LEU A 260 17.85 -10.86 -18.24
N LEU A 261 16.76 -10.09 -18.19
CA LEU A 261 16.88 -8.64 -18.29
C LEU A 261 17.69 -8.09 -17.12
N ALA A 262 17.41 -8.59 -15.92
CA ALA A 262 18.18 -8.14 -14.76
C ALA A 262 19.67 -8.41 -14.96
N ALA A 263 20.01 -9.57 -15.50
CA ALA A 263 21.41 -9.91 -15.72
C ALA A 263 22.06 -9.00 -16.75
N VAL A 264 21.34 -8.68 -17.82
CA VAL A 264 21.92 -7.79 -18.82
C VAL A 264 22.21 -6.43 -18.21
N VAL A 265 21.27 -5.88 -17.44
CA VAL A 265 21.50 -4.58 -16.83
C VAL A 265 22.66 -4.63 -15.86
N GLY A 266 22.72 -5.69 -15.05
CA GLY A 266 23.82 -5.83 -14.10
C GLY A 266 25.16 -5.93 -14.78
N VAL A 267 25.23 -6.65 -15.89
CA VAL A 267 26.48 -6.75 -16.64
C VAL A 267 26.87 -5.40 -17.19
N ALA A 268 25.89 -4.63 -17.67
CA ALA A 268 26.19 -3.29 -18.15
C ALA A 268 26.82 -2.46 -17.04
N CYS A 269 26.22 -2.48 -15.85
CA CYS A 269 26.75 -1.69 -14.75
C CYS A 269 28.15 -2.16 -14.36
N PHE A 270 28.36 -3.48 -14.31
CA PHE A 270 29.67 -3.99 -13.92
C PHE A 270 30.72 -3.57 -14.94
N LEU A 271 30.40 -3.60 -16.22
CA LEU A 271 31.35 -3.11 -17.22
C LEU A 271 31.62 -1.63 -17.02
N TYR A 272 30.56 -0.85 -16.77
CA TYR A 272 30.75 0.57 -16.52
C TYR A 272 31.76 0.79 -15.40
N GLY A 273 31.66 0.00 -14.33
CA GLY A 273 32.66 0.07 -13.28
C GLY A 273 34.03 -0.37 -13.75
N TYR A 274 34.09 -1.46 -14.52
CA TYR A 274 35.38 -2.05 -14.87
C TYR A 274 36.19 -1.17 -15.80
N LEU A 275 35.52 -0.37 -16.62
CA LEU A 275 36.27 0.52 -17.51
C LEU A 275 36.69 1.81 -16.83
N ASP A 276 36.36 1.98 -15.55
CA ASP A 276 36.69 3.20 -14.82
C ASP A 276 37.90 3.02 -13.90
N GLN A 277 38.63 1.92 -14.04
CA GLN A 277 39.75 1.70 -13.13
C GLN A 277 40.78 2.82 -13.23
N ASP A 278 41.01 3.34 -14.43
CA ASP A 278 42.00 4.40 -14.58
C ASP A 278 41.57 5.68 -13.88
N ASN A 279 40.26 5.95 -13.85
CA ASN A 279 39.75 7.21 -13.30
C ASN A 279 39.32 7.10 -11.85
N CYS A 280 39.69 6.02 -11.16
CA CYS A 280 39.32 5.81 -9.76
C CYS A 280 40.42 6.42 -8.89
N THR A 281 40.24 7.70 -8.57
CA THR A 281 41.33 8.46 -7.96
C THR A 281 41.74 7.89 -6.60
N TRP A 282 40.75 7.62 -5.74
CA TRP A 282 41.10 7.29 -4.36
C TRP A 282 41.91 6.00 -4.28
N SER A 283 41.59 5.02 -5.13
CA SER A 283 42.42 3.81 -5.16
C SER A 283 43.83 4.14 -5.61
N LYS A 284 43.97 5.00 -6.63
CA LYS A 284 45.29 5.40 -7.10
C LYS A 284 46.09 5.99 -5.96
N GLU A 285 45.49 6.90 -5.20
CA GLU A 285 46.17 7.49 -4.06
C GLU A 285 46.52 6.43 -3.02
N VAL A 286 45.61 5.50 -2.78
CA VAL A 286 45.89 4.43 -1.83
C VAL A 286 47.11 3.64 -2.26
N CYS A 287 47.39 3.60 -3.56
CA CYS A 287 48.51 2.81 -4.04
C CYS A 287 49.82 3.60 -4.11
N ASP A 288 49.76 4.83 -4.61
CA ASP A 288 50.97 5.62 -4.79
C ASP A 288 51.80 5.60 -3.52
N PRO A 289 53.00 5.03 -3.54
CA PRO A 289 53.71 4.81 -2.26
C PRO A 289 53.89 6.08 -1.44
N ASP A 290 54.21 7.21 -2.09
CA ASP A 290 54.47 8.43 -1.34
C ASP A 290 53.23 8.89 -0.58
N ILE A 291 52.06 8.36 -0.90
CA ILE A 291 50.82 8.68 -0.20
C ILE A 291 50.36 7.51 0.67
N GLY A 292 50.09 6.35 0.05
CA GLY A 292 49.59 5.22 0.80
C GLY A 292 50.59 4.70 1.82
N GLY A 293 51.85 4.51 1.39
CA GLY A 293 52.83 3.92 2.27
C GLY A 293 53.17 4.78 3.47
N GLN A 294 53.17 6.10 3.29
CA GLN A 294 53.53 6.99 4.39
C GLN A 294 52.50 6.93 5.51
N ILE A 295 51.23 6.74 5.17
CA ILE A 295 50.21 6.61 6.20
C ILE A 295 50.48 5.36 7.02
N LEU A 296 50.47 5.52 8.35
CA LEU A 296 50.69 4.42 9.27
C LEU A 296 49.42 4.24 10.10
N MET A 297 48.69 3.16 9.82
CA MET A 297 47.43 2.91 10.50
C MET A 297 47.67 2.28 11.88
N CYS A 298 46.73 2.50 12.78
CA CYS A 298 46.79 1.90 14.10
C CYS A 298 46.45 0.42 14.03
N PRO A 299 46.78 -0.35 15.05
CA PRO A 299 46.48 -1.79 15.02
C PRO A 299 44.99 -2.03 15.22
N GLN A 300 44.51 -3.12 14.60
CA GLN A 300 43.11 -3.49 14.63
C GLN A 300 42.76 -4.44 15.77
N CYS A 301 43.76 -4.94 16.48
CA CYS A 301 43.55 -5.83 17.62
C CYS A 301 44.58 -5.46 18.69
N ASP A 302 44.62 -6.23 19.77
CA ASP A 302 45.45 -5.89 20.91
C ASP A 302 46.82 -6.55 20.87
N ARG A 303 46.85 -7.89 20.85
CA ARG A 303 48.08 -8.63 21.16
C ARG A 303 48.68 -9.33 19.95
N LEU A 304 48.02 -9.31 18.79
CA LEU A 304 48.52 -10.02 17.62
C LEU A 304 48.33 -9.18 16.35
N CYS A 305 48.64 -7.88 16.43
CA CYS A 305 48.66 -7.05 15.24
C CYS A 305 49.51 -5.78 15.31
N PRO A 306 50.50 -5.62 14.45
CA PRO A 306 51.35 -4.42 14.50
C PRO A 306 50.81 -3.28 13.65
N PHE A 307 51.47 -2.12 13.70
CA PHE A 307 51.09 -1.01 12.85
C PHE A 307 51.34 -1.39 11.40
N TRP A 308 50.43 -1.01 10.51
CA TRP A 308 50.49 -1.42 9.12
C TRP A 308 50.33 -0.22 8.21
N ARG A 309 51.05 -0.24 7.09
CA ARG A 309 50.91 0.80 6.10
C ARG A 309 49.60 0.65 5.33
N LEU A 310 49.12 1.75 4.77
CA LEU A 310 47.85 1.72 4.06
C LEU A 310 47.97 1.09 2.69
N ASN A 311 49.13 1.19 2.04
CA ASN A 311 49.23 0.74 0.65
C ASN A 311 49.26 -0.77 0.51
N ILE A 312 49.21 -1.53 1.62
CA ILE A 312 49.15 -2.98 1.50
C ILE A 312 47.81 -3.46 0.97
N THR A 313 46.88 -2.57 0.67
CA THR A 313 45.54 -2.93 0.23
C THR A 313 45.24 -2.40 -1.17
N CYS A 314 46.25 -2.31 -2.04
CA CYS A 314 45.96 -2.00 -3.44
C CYS A 314 45.00 -3.00 -4.06
N GLU A 315 45.23 -4.29 -3.86
CA GLU A 315 44.35 -5.27 -4.49
C GLU A 315 42.93 -5.09 -3.99
N SER A 316 42.76 -4.95 -2.67
CA SER A 316 41.44 -4.78 -2.11
C SER A 316 40.76 -3.53 -2.63
N SER A 317 41.50 -2.41 -2.67
CA SER A 317 40.88 -1.15 -3.10
C SER A 317 40.55 -1.16 -4.58
N LYS A 318 41.44 -1.70 -5.41
CA LYS A 318 41.18 -1.75 -6.84
C LYS A 318 39.98 -2.65 -7.14
N LYS A 319 39.87 -3.79 -6.45
CA LYS A 319 38.69 -4.62 -6.63
C LYS A 319 37.45 -3.94 -6.09
N LEU A 320 37.60 -3.18 -5.00
CA LEU A 320 36.44 -2.56 -4.36
C LEU A 320 35.91 -1.42 -5.20
N CYS A 321 36.77 -0.75 -5.96
CA CYS A 321 36.31 0.34 -6.81
C CYS A 321 35.36 -0.17 -7.89
N ILE A 322 35.41 -1.47 -8.19
CA ILE A 322 34.49 -2.04 -9.17
C ILE A 322 33.08 -2.12 -8.59
N PHE A 323 32.96 -2.59 -7.35
CA PHE A 323 31.66 -2.81 -6.72
C PHE A 323 31.21 -1.64 -5.87
N ASP A 324 31.90 -0.52 -5.92
CA ASP A 324 31.60 0.66 -5.11
C ASP A 324 31.62 1.91 -5.97
N SER A 325 30.96 1.85 -7.12
CA SER A 325 30.89 2.97 -8.04
C SER A 325 29.44 3.38 -8.25
N PHE A 326 29.24 4.41 -9.05
CA PHE A 326 27.88 4.87 -9.33
C PHE A 326 27.06 3.80 -10.02
N GLY A 327 27.71 2.89 -10.74
CA GLY A 327 26.97 1.82 -11.39
C GLY A 327 26.15 1.01 -10.40
N THR A 328 26.72 0.71 -9.24
CA THR A 328 25.97 -0.03 -8.23
C THR A 328 24.76 0.75 -7.76
N LEU A 329 24.91 2.06 -7.57
CA LEU A 329 23.78 2.88 -7.15
C LEU A 329 22.68 2.84 -8.21
N ILE A 330 23.05 3.00 -9.48
CA ILE A 330 22.06 2.98 -10.55
C ILE A 330 21.38 1.62 -10.58
N PHE A 331 22.15 0.55 -10.42
CA PHE A 331 21.57 -0.79 -10.48
C PHE A 331 20.62 -1.03 -9.32
N ALA A 332 20.96 -0.55 -8.12
CA ALA A 332 20.04 -0.69 -7.00
C ALA A 332 18.73 0.05 -7.28
N VAL A 333 18.83 1.28 -7.80
CA VAL A 333 17.64 2.02 -8.14
C VAL A 333 16.81 1.26 -9.18
N PHE A 334 17.49 0.67 -10.16
CA PHE A 334 16.80 -0.09 -11.20
C PHE A 334 16.08 -1.30 -10.62
N MET A 335 16.78 -2.09 -9.79
CA MET A 335 16.17 -3.26 -9.20
C MET A 335 14.97 -2.88 -8.34
N GLY A 336 15.00 -1.67 -7.77
CA GLY A 336 13.86 -1.22 -6.98
C GLY A 336 12.56 -1.27 -7.76
N VAL A 337 12.59 -0.86 -9.03
CA VAL A 337 11.39 -0.93 -9.86
C VAL A 337 11.27 -2.28 -10.57
N TRP A 338 12.39 -2.97 -10.78
CA TRP A 338 12.34 -4.28 -11.41
C TRP A 338 11.56 -5.27 -10.56
N VAL A 339 11.72 -5.22 -9.25
CA VAL A 339 10.97 -6.13 -8.38
C VAL A 339 9.48 -5.89 -8.53
N THR A 340 9.08 -4.62 -8.53
CA THR A 340 7.66 -4.30 -8.68
C THR A 340 7.13 -4.77 -10.02
N LEU A 341 7.91 -4.57 -11.08
CA LEU A 341 7.51 -5.04 -12.40
C LEU A 341 7.34 -6.55 -12.40
N PHE A 342 8.27 -7.26 -11.75
CA PHE A 342 8.19 -8.71 -11.66
C PHE A 342 6.87 -9.12 -11.00
N LEU A 343 6.54 -8.51 -9.87
CA LEU A 343 5.28 -8.85 -9.21
C LEU A 343 4.10 -8.58 -10.12
N GLU A 344 4.07 -7.40 -10.75
CA GLU A 344 2.91 -7.01 -11.54
C GLU A 344 2.71 -7.95 -12.72
N PHE A 345 3.78 -8.28 -13.43
CA PHE A 345 3.64 -9.16 -14.58
C PHE A 345 3.40 -10.61 -14.15
N TRP A 346 3.84 -11.00 -12.95
CA TRP A 346 3.45 -12.33 -12.49
C TRP A 346 1.96 -12.37 -12.22
N LYS A 347 1.39 -11.28 -11.72
CA LYS A 347 -0.06 -11.25 -11.60
C LYS A 347 -0.73 -11.32 -12.98
N ARG A 348 -0.15 -10.63 -13.96
CA ARG A 348 -0.58 -10.82 -15.35
C ARG A 348 -0.66 -12.30 -15.71
N ARG A 349 0.47 -12.99 -15.61
CA ARG A 349 0.54 -14.38 -16.06
C ARG A 349 -0.35 -15.28 -15.22
N GLN A 350 -0.49 -14.97 -13.94
CA GLN A 350 -1.37 -15.76 -13.08
C GLN A 350 -2.82 -15.62 -13.54
N ALA A 351 -3.25 -14.40 -13.85
CA ALA A 351 -4.59 -14.23 -14.39
C ALA A 351 -4.76 -14.98 -15.70
N GLU A 352 -3.75 -14.90 -16.56
CA GLU A 352 -3.83 -15.57 -17.86
C GLU A 352 -3.98 -17.08 -17.69
N LEU A 353 -3.12 -17.69 -16.86
CA LEU A 353 -3.23 -19.13 -16.63
C LEU A 353 -4.54 -19.48 -15.93
N GLU A 354 -5.00 -18.61 -15.02
CA GLU A 354 -6.27 -18.85 -14.35
C GLU A 354 -7.39 -18.95 -15.37
N TYR A 355 -7.39 -18.06 -16.36
CA TYR A 355 -8.40 -18.11 -17.40
C TYR A 355 -8.23 -19.35 -18.27
N GLU A 356 -7.01 -19.60 -18.76
CA GLU A 356 -6.84 -20.58 -19.83
C GLU A 356 -6.98 -22.00 -19.32
N TRP A 357 -6.66 -22.24 -18.05
CA TRP A 357 -6.78 -23.56 -17.47
C TRP A 357 -8.05 -23.67 -16.64
N ASP A 358 -8.38 -24.91 -16.27
CA ASP A 358 -9.55 -25.18 -15.44
C ASP A 358 -9.26 -24.88 -13.98
N THR A 359 -8.94 -23.62 -13.69
CA THR A 359 -8.53 -23.19 -12.35
C THR A 359 -9.69 -22.58 -11.58
N VAL A 360 -10.93 -22.94 -11.91
CA VAL A 360 -12.11 -22.38 -11.28
C VAL A 360 -12.76 -23.44 -10.41
N GLU A 361 -11.96 -24.39 -9.91
CA GLU A 361 -12.47 -25.47 -9.07
C GLU A 361 -12.79 -24.93 -7.68
N LEU A 362 -13.98 -25.25 -7.18
CA LEU A 362 -14.38 -24.81 -5.86
C LEU A 362 -13.63 -25.59 -4.78
N GLN A 363 -13.59 -25.01 -3.58
CA GLN A 363 -12.89 -25.59 -2.45
C GLN A 363 -13.90 -26.15 -1.45
N GLN A 364 -13.59 -27.32 -0.91
CA GLN A 364 -14.40 -27.89 0.15
C GLN A 364 -14.17 -27.13 1.46
N GLU A 365 -15.25 -26.98 2.23
CA GLU A 365 -15.18 -26.17 3.44
C GLU A 365 -14.28 -26.80 4.49
N GLU A 366 -14.30 -28.12 4.62
CA GLU A 366 -13.63 -28.80 5.71
C GLU A 366 -12.85 -30.01 5.19
N GLN A 367 -11.85 -30.41 5.97
CA GLN A 367 -10.99 -31.53 5.61
C GLN A 367 -10.62 -32.29 6.88
N ALA A 368 -10.16 -33.52 6.70
CA ALA A 368 -9.82 -34.40 7.82
C ALA A 368 -8.33 -34.70 7.84
N ARG A 369 -7.79 -34.85 9.05
CA ARG A 369 -6.38 -35.14 9.27
C ARG A 369 -6.27 -36.13 10.43
N PRO A 370 -5.21 -36.95 10.48
CA PRO A 370 -5.09 -37.88 11.62
C PRO A 370 -5.08 -37.16 12.96
N GLU A 371 -4.48 -36.00 13.05
CA GLU A 371 -4.57 -35.14 14.23
C GLU A 371 -5.61 -34.06 13.97
N TYR A 372 -6.62 -34.01 14.81
CA TYR A 372 -7.70 -33.04 14.65
C TYR A 372 -7.66 -31.97 15.73
N ALA A 406 0.02 -18.01 23.75
CA ALA A 406 0.27 -19.33 23.17
C ALA A 406 1.74 -19.71 23.32
N SER A 407 2.12 -20.84 22.74
CA SER A 407 3.52 -21.28 22.74
C SER A 407 4.29 -20.71 21.56
N ALA A 408 3.66 -19.89 20.71
CA ALA A 408 4.36 -19.32 19.57
C ALA A 408 5.56 -18.48 20.01
N VAL A 409 5.53 -17.97 21.23
CA VAL A 409 6.69 -17.22 21.74
C VAL A 409 7.92 -18.12 21.74
N PHE A 410 7.75 -19.39 22.13
CA PHE A 410 8.87 -20.32 22.10
C PHE A 410 9.53 -20.36 20.74
N PHE A 411 8.73 -20.27 19.67
CA PHE A 411 9.28 -20.26 18.32
C PHE A 411 10.16 -19.05 18.10
N TRP A 412 9.72 -17.86 18.54
CA TRP A 412 10.52 -16.66 18.34
C TRP A 412 11.80 -16.69 19.16
N ILE A 413 11.76 -17.31 20.34
CA ILE A 413 13.00 -17.48 21.10
C ILE A 413 13.98 -18.31 20.29
N LEU A 414 13.47 -19.35 19.61
CA LEU A 414 14.33 -20.14 18.74
C LEU A 414 14.86 -19.31 17.59
N LEU A 415 14.05 -18.41 17.05
CA LEU A 415 14.55 -17.50 16.01
C LEU A 415 15.72 -16.68 16.53
N ILE A 416 15.57 -16.10 17.71
CA ILE A 416 16.64 -15.26 18.27
C ILE A 416 17.90 -16.08 18.48
N ILE A 417 17.76 -17.25 19.11
CA ILE A 417 18.95 -18.04 19.39
C ILE A 417 19.60 -18.51 18.10
N ALA A 418 18.79 -18.80 17.08
CA ALA A 418 19.35 -19.19 15.78
C ALA A 418 20.17 -18.07 15.17
N SER A 419 19.64 -16.85 15.18
CA SER A 419 20.38 -15.72 14.63
C SER A 419 21.69 -15.51 15.38
N VAL A 420 21.63 -15.59 16.71
CA VAL A 420 22.84 -15.41 17.50
C VAL A 420 23.86 -16.50 17.18
N ILE A 421 23.39 -17.74 17.04
CA ILE A 421 24.30 -18.83 16.69
C ILE A 421 24.94 -18.58 15.34
N GLY A 422 24.17 -18.12 14.36
CA GLY A 422 24.75 -17.84 13.06
C GLY A 422 25.85 -16.78 13.14
N ILE A 423 25.58 -15.71 13.89
CA ILE A 423 26.56 -14.64 14.01
C ILE A 423 27.82 -15.17 14.69
N ILE A 424 27.66 -15.96 15.76
CA ILE A 424 28.83 -16.50 16.44
C ILE A 424 29.58 -17.45 15.53
N VAL A 425 28.86 -18.19 14.69
CA VAL A 425 29.51 -19.12 13.78
C VAL A 425 30.41 -18.38 12.82
N TYR A 426 29.89 -17.30 12.22
CA TYR A 426 30.73 -16.53 11.31
C TYR A 426 31.92 -15.92 12.03
N ARG A 427 31.69 -15.35 13.22
CA ARG A 427 32.76 -14.73 13.98
C ARG A 427 33.85 -15.74 14.31
N LEU A 428 33.45 -16.91 14.81
CA LEU A 428 34.43 -17.94 15.18
C LEU A 428 35.18 -18.45 13.95
N SER A 429 34.47 -18.60 12.83
CA SER A 429 35.15 -19.06 11.62
C SER A 429 36.25 -18.10 11.21
N VAL A 430 35.91 -16.81 11.12
CA VAL A 430 36.93 -15.85 10.74
C VAL A 430 38.06 -15.84 11.75
N PHE A 431 37.72 -15.99 13.05
CA PHE A 431 38.74 -15.98 14.08
C PHE A 431 39.72 -17.12 13.92
N ILE A 432 39.20 -18.34 13.74
CA ILE A 432 40.09 -19.50 13.65
C ILE A 432 40.93 -19.44 12.39
N VAL A 433 40.35 -18.93 11.30
CA VAL A 433 41.16 -18.80 10.08
C VAL A 433 42.26 -17.76 10.28
N PHE A 434 41.97 -16.70 11.05
CA PHE A 434 42.98 -15.69 11.31
C PHE A 434 44.09 -16.21 12.21
N SER A 435 43.73 -17.01 13.22
CA SER A 435 44.71 -17.53 14.18
C SER A 435 45.45 -18.71 13.55
N THR A 436 46.33 -18.37 12.61
CA THR A 436 47.11 -19.37 11.90
C THR A 436 48.00 -18.72 10.84
N LEU A 452 48.28 -9.96 -2.74
CA LEU A 452 47.49 -10.53 -3.81
C LEU A 452 46.43 -11.49 -3.26
N THR A 453 46.79 -12.77 -3.14
CA THR A 453 45.82 -13.77 -2.70
C THR A 453 45.61 -13.77 -1.20
N PRO A 454 46.63 -13.64 -0.34
CA PRO A 454 46.50 -14.16 1.03
C PRO A 454 45.22 -13.75 1.75
N GLN A 455 44.89 -12.46 1.78
CA GLN A 455 43.68 -12.04 2.48
C GLN A 455 42.42 -12.52 1.74
N MET A 456 42.46 -12.55 0.41
CA MET A 456 41.32 -13.06 -0.34
C MET A 456 41.09 -14.53 -0.03
N ALA A 457 42.16 -15.32 0.02
CA ALA A 457 42.04 -16.73 0.36
C ALA A 457 41.55 -16.90 1.79
N THR A 458 42.02 -16.05 2.71
CA THR A 458 41.51 -16.09 4.08
C THR A 458 40.00 -15.87 4.11
N SER A 459 39.54 -14.83 3.40
CA SER A 459 38.10 -14.56 3.38
C SER A 459 37.33 -15.71 2.74
N ILE A 460 37.87 -16.27 1.65
CA ILE A 460 37.18 -17.36 0.98
C ILE A 460 37.08 -18.57 1.89
N THR A 461 38.16 -18.90 2.59
CA THR A 461 38.13 -20.05 3.48
C THR A 461 37.14 -19.83 4.63
N ALA A 462 37.13 -18.63 5.20
CA ALA A 462 36.19 -18.34 6.27
C ALA A 462 34.75 -18.49 5.77
N SER A 463 34.47 -17.95 4.59
CA SER A 463 33.14 -18.06 4.02
C SER A 463 32.77 -19.51 3.76
N ILE A 464 33.72 -20.31 3.28
CA ILE A 464 33.45 -21.71 2.99
C ILE A 464 33.11 -22.45 4.29
N ILE A 465 33.88 -22.20 5.34
CA ILE A 465 33.61 -22.86 6.61
C ILE A 465 32.24 -22.46 7.14
N SER A 466 31.92 -21.17 7.09
CA SER A 466 30.62 -20.72 7.55
C SER A 466 29.50 -21.36 6.73
N PHE A 467 29.70 -21.46 5.41
CA PHE A 467 28.69 -22.09 4.56
C PHE A 467 28.50 -23.54 4.94
N ILE A 468 29.59 -24.26 5.21
CA ILE A 468 29.46 -25.66 5.61
C ILE A 468 28.63 -25.75 6.89
N ILE A 469 28.97 -24.93 7.89
CA ILE A 469 28.26 -24.99 9.15
C ILE A 469 26.78 -24.67 8.94
N ILE A 470 26.47 -23.73 8.06
CA ILE A 470 25.08 -23.43 7.74
C ILE A 470 24.41 -24.64 7.12
N MET A 471 25.12 -25.36 6.25
CA MET A 471 24.53 -26.54 5.62
C MET A 471 24.18 -27.59 6.67
N ILE A 472 25.07 -27.83 7.62
CA ILE A 472 24.71 -28.76 8.70
C ILE A 472 23.53 -28.22 9.50
N LEU A 473 23.55 -26.92 9.82
CA LEU A 473 22.50 -26.36 10.66
C LEU A 473 21.14 -26.45 9.99
N ASN A 474 21.11 -26.45 8.65
CA ASN A 474 19.82 -26.48 7.95
C ASN A 474 19.03 -27.72 8.30
N THR A 475 19.68 -28.89 8.33
CA THR A 475 18.98 -30.12 8.64
C THR A 475 18.41 -30.09 10.05
N ILE A 476 19.19 -29.60 11.02
CA ILE A 476 18.73 -29.55 12.39
C ILE A 476 17.52 -28.62 12.50
N TYR A 477 17.59 -27.47 11.83
CA TYR A 477 16.46 -26.55 11.86
C TYR A 477 15.23 -27.19 11.21
N GLU A 478 15.43 -27.94 10.14
CA GLU A 478 14.30 -28.60 9.51
C GLU A 478 13.65 -29.59 10.49
N LYS A 479 14.48 -30.40 11.14
CA LYS A 479 13.94 -31.39 12.06
C LYS A 479 13.21 -30.74 13.23
N VAL A 480 13.77 -29.67 13.79
CA VAL A 480 13.14 -29.04 14.94
C VAL A 480 11.84 -28.35 14.51
N ALA A 481 11.82 -27.76 13.32
CA ALA A 481 10.56 -27.18 12.82
C ALA A 481 9.49 -28.26 12.67
N ILE A 482 9.85 -29.40 12.09
CA ILE A 482 8.88 -30.49 11.97
C ILE A 482 8.38 -30.91 13.35
N MET A 483 9.30 -31.10 14.29
CA MET A 483 8.89 -31.56 15.61
C MET A 483 7.94 -30.58 16.27
N ILE A 484 8.32 -29.30 16.30
CA ILE A 484 7.51 -28.31 17.02
C ILE A 484 6.16 -28.13 16.35
N THR A 485 6.13 -28.04 15.01
CA THR A 485 4.86 -27.84 14.34
C THR A 485 3.95 -29.06 14.50
N ASN A 486 4.52 -30.26 14.48
CA ASN A 486 3.70 -31.44 14.73
C ASN A 486 3.17 -31.46 16.15
N PHE A 487 3.92 -30.90 17.10
CA PHE A 487 3.45 -30.86 18.48
C PHE A 487 2.24 -29.94 18.63
N GLU A 488 1.95 -29.11 17.63
CA GLU A 488 0.85 -28.15 17.72
C GLU A 488 -0.50 -28.79 17.42
N LEU A 489 -0.53 -29.97 16.82
CA LEU A 489 -1.78 -30.66 16.49
C LEU A 489 -2.65 -29.83 15.54
N PRO A 490 -2.23 -29.63 14.29
CA PRO A 490 -3.08 -28.89 13.35
C PRO A 490 -4.34 -29.66 12.99
N ARG A 491 -5.40 -28.90 12.67
CA ARG A 491 -6.68 -29.52 12.35
C ARG A 491 -6.68 -30.15 10.96
N THR A 492 -6.17 -29.44 9.96
CA THR A 492 -6.26 -29.84 8.57
C THR A 492 -4.86 -29.98 7.97
N GLN A 493 -4.82 -30.15 6.65
CA GLN A 493 -3.55 -30.32 5.92
C GLN A 493 -3.05 -28.99 5.37
N THR A 494 -3.94 -28.18 4.78
CA THR A 494 -3.51 -26.90 4.22
C THR A 494 -2.95 -25.98 5.28
N ASP A 495 -3.61 -25.91 6.44
CA ASP A 495 -3.06 -25.12 7.53
C ASP A 495 -1.71 -25.66 7.96
N TYR A 496 -1.56 -26.99 7.96
CA TYR A 496 -0.27 -27.57 8.30
C TYR A 496 0.81 -27.10 7.33
N GLU A 497 0.51 -27.13 6.04
CA GLU A 497 1.48 -26.66 5.06
C GLU A 497 1.79 -25.18 5.25
N ASN A 498 0.78 -24.37 5.55
CA ASN A 498 1.04 -22.94 5.74
C ASN A 498 1.91 -22.68 6.97
N SER A 499 1.61 -23.36 8.08
CA SER A 499 2.44 -23.21 9.26
C SER A 499 3.87 -23.65 8.98
N LEU A 500 4.03 -24.78 8.29
CA LEU A 500 5.38 -25.21 7.92
C LEU A 500 6.05 -24.17 7.05
N THR A 501 5.35 -23.61 6.07
CA THR A 501 5.98 -22.63 5.20
C THR A 501 6.51 -21.47 6.03
N MET A 502 5.67 -20.91 6.89
CA MET A 502 6.11 -19.75 7.67
C MET A 502 7.30 -20.10 8.54
N LYS A 503 7.20 -21.16 9.34
CA LYS A 503 8.27 -21.46 10.29
C LYS A 503 9.54 -21.88 9.58
N MET A 504 9.43 -22.75 8.58
CA MET A 504 10.59 -23.23 7.84
C MET A 504 11.28 -22.05 7.16
N PHE A 505 10.50 -21.13 6.58
CA PHE A 505 11.09 -19.97 5.93
C PHE A 505 11.81 -19.09 6.93
N LEU A 506 11.22 -18.88 8.11
CA LEU A 506 11.92 -18.04 9.09
C LEU A 506 13.24 -18.66 9.51
N PHE A 507 13.25 -19.96 9.81
CA PHE A 507 14.53 -20.61 10.13
C PHE A 507 15.52 -20.45 9.00
N GLN A 508 15.12 -20.73 7.77
CA GLN A 508 16.07 -20.63 6.67
C GLN A 508 16.56 -19.19 6.51
N PHE A 509 15.67 -18.23 6.65
CA PHE A 509 16.04 -16.83 6.50
C PHE A 509 17.11 -16.44 7.49
N VAL A 510 16.88 -16.71 8.78
CA VAL A 510 17.87 -16.34 9.78
C VAL A 510 19.17 -17.11 9.54
N ASN A 511 19.06 -18.42 9.35
CA ASN A 511 20.24 -19.25 9.20
C ASN A 511 21.12 -18.83 8.03
N TYR A 512 20.51 -18.33 6.96
CA TYR A 512 21.27 -18.00 5.77
C TYR A 512 21.70 -16.55 5.69
N TYR A 513 20.94 -15.62 6.29
CA TYR A 513 21.25 -14.21 6.16
C TYR A 513 21.80 -13.57 7.43
N SER A 514 21.95 -14.31 8.52
CA SER A 514 22.47 -13.69 9.74
C SER A 514 23.88 -13.16 9.53
N SER A 515 24.75 -13.97 8.91
CA SER A 515 26.12 -13.53 8.69
C SER A 515 26.17 -12.34 7.75
N CYS A 516 25.35 -12.36 6.70
CA CYS A 516 25.35 -11.25 5.75
C CYS A 516 24.88 -9.96 6.42
N PHE A 517 23.83 -10.04 7.22
CA PHE A 517 23.36 -8.86 7.93
C PHE A 517 24.42 -8.35 8.89
N TYR A 518 25.07 -9.25 9.61
CA TYR A 518 26.13 -8.85 10.53
C TYR A 518 27.23 -8.11 9.78
N ILE A 519 27.71 -8.69 8.69
CA ILE A 519 28.78 -8.05 7.92
C ILE A 519 28.35 -6.68 7.45
N ALA A 520 27.12 -6.57 6.94
CA ALA A 520 26.69 -5.30 6.36
C ALA A 520 26.57 -4.22 7.43
N PHE A 521 25.95 -4.55 8.56
CA PHE A 521 25.55 -3.51 9.51
C PHE A 521 26.35 -3.50 10.81
N PHE A 522 26.49 -4.64 11.49
CA PHE A 522 27.06 -4.65 12.82
C PHE A 522 28.55 -4.96 12.83
N LYS A 523 29.27 -4.63 11.76
CA LYS A 523 30.70 -4.85 11.71
C LYS A 523 31.40 -3.52 11.44
N GLY A 524 32.18 -3.06 12.40
CA GLY A 524 32.93 -1.83 12.25
C GLY A 524 32.11 -0.57 12.30
N LYS A 525 30.92 -0.62 12.91
CA LYS A 525 30.03 0.53 12.93
C LYS A 525 30.13 1.32 14.23
N PHE A 526 30.25 0.62 15.36
CA PHE A 526 30.20 1.25 16.68
C PHE A 526 31.41 0.84 17.50
N VAL A 527 32.59 0.93 16.88
CA VAL A 527 33.86 0.73 17.56
C VAL A 527 34.42 2.08 17.94
N GLY A 528 34.78 2.24 19.20
CA GLY A 528 35.31 3.51 19.67
C GLY A 528 36.71 3.75 19.18
N TYR A 529 37.22 4.95 19.44
CA TYR A 529 38.56 5.30 19.02
C TYR A 529 39.58 4.53 19.84
N PRO A 530 40.82 4.42 19.34
CA PRO A 530 41.79 3.55 20.02
C PRO A 530 42.02 3.88 21.47
N GLY A 531 41.77 5.13 21.89
CA GLY A 531 41.93 5.46 23.29
C GLY A 531 40.99 4.69 24.20
N ASP A 532 39.72 4.59 23.80
CA ASP A 532 38.69 3.95 24.61
C ASP A 532 37.92 2.96 23.75
N PRO A 533 38.54 1.83 23.40
CA PRO A 533 37.83 0.81 22.63
C PRO A 533 36.55 0.37 23.33
N VAL A 534 35.65 -0.20 22.53
CA VAL A 534 34.36 -0.66 23.02
C VAL A 534 34.44 -2.16 23.26
N TYR A 535 34.19 -2.58 24.50
CA TYR A 535 34.06 -3.98 24.87
C TYR A 535 32.61 -4.14 25.32
N LEU A 536 31.72 -4.39 24.36
CA LEU A 536 30.29 -4.36 24.64
C LEU A 536 29.90 -5.41 25.67
N LEU A 537 30.44 -6.62 25.54
CA LEU A 537 30.11 -7.71 26.45
C LEU A 537 31.19 -7.96 27.49
N GLY A 538 32.34 -7.32 27.38
CA GLY A 538 33.43 -7.56 28.30
C GLY A 538 34.42 -8.56 27.74
N LYS A 539 35.65 -8.11 27.50
CA LYS A 539 36.71 -8.95 26.95
C LYS A 539 36.40 -9.41 25.54
N TYR A 540 35.50 -8.72 24.84
CA TYR A 540 35.11 -9.06 23.47
C TYR A 540 35.12 -7.78 22.65
N ARG A 541 36.27 -7.47 22.07
CA ARG A 541 36.41 -6.27 21.26
C ARG A 541 35.62 -6.41 19.95
N SER A 542 35.19 -5.27 19.42
CA SER A 542 34.47 -5.23 18.16
C SER A 542 35.44 -5.18 16.99
N GLU A 543 35.12 -5.90 15.93
CA GLU A 543 35.95 -5.91 14.75
C GLU A 543 35.80 -4.59 13.98
N GLU A 544 36.83 -4.27 13.19
CA GLU A 544 36.83 -3.07 12.38
C GLU A 544 37.07 -3.44 10.93
N CYS A 545 36.54 -2.61 10.03
CA CYS A 545 36.77 -2.77 8.60
C CYS A 545 37.97 -1.93 8.18
N ASP A 546 38.58 -2.32 7.07
CA ASP A 546 39.68 -1.54 6.52
C ASP A 546 39.15 -0.21 6.03
N PRO A 547 40.00 0.74 5.66
CA PRO A 547 39.50 2.06 5.28
C PRO A 547 38.46 2.02 4.17
N GLY A 548 38.60 1.10 3.22
CA GLY A 548 37.60 1.01 2.16
C GLY A 548 36.23 0.65 2.68
N GLY A 549 36.15 -0.29 3.60
CA GLY A 549 34.90 -0.79 4.13
C GLY A 549 34.82 -2.31 4.04
N CYS A 550 33.72 -2.82 4.57
CA CYS A 550 33.46 -4.26 4.61
C CYS A 550 32.60 -4.72 3.44
N LEU A 551 32.35 -3.84 2.47
CA LEU A 551 31.53 -4.20 1.33
C LEU A 551 32.15 -5.37 0.55
N LEU A 552 33.48 -5.39 0.46
CA LEU A 552 34.13 -6.43 -0.33
C LEU A 552 33.91 -7.80 0.31
N GLU A 553 34.05 -7.91 1.62
CA GLU A 553 33.80 -9.20 2.24
C GLU A 553 32.32 -9.53 2.30
N LEU A 554 31.45 -8.54 2.34
CA LEU A 554 30.03 -8.84 2.19
C LEU A 554 29.77 -9.49 0.84
N THR A 555 30.36 -8.94 -0.23
CA THR A 555 30.21 -9.54 -1.54
C THR A 555 30.79 -10.95 -1.58
N THR A 556 31.96 -11.15 -0.98
CA THR A 556 32.56 -12.47 -0.98
C THR A 556 31.67 -13.49 -0.28
N GLN A 557 31.18 -13.14 0.91
CA GLN A 557 30.28 -14.05 1.63
C GLN A 557 29.04 -14.35 0.80
N LEU A 558 28.46 -13.31 0.19
CA LEU A 558 27.22 -13.48 -0.56
C LEU A 558 27.43 -14.43 -1.74
N THR A 559 28.46 -14.18 -2.54
CA THR A 559 28.70 -15.02 -3.71
C THR A 559 29.05 -16.44 -3.30
N ILE A 560 29.86 -16.61 -2.26
CA ILE A 560 30.22 -17.95 -1.83
C ILE A 560 28.99 -18.71 -1.38
N ILE A 561 28.12 -18.07 -0.59
CA ILE A 561 26.94 -18.76 -0.10
C ILE A 561 26.03 -19.15 -1.27
N MET A 562 25.73 -18.20 -2.16
CA MET A 562 24.81 -18.54 -3.25
C MET A 562 25.38 -19.67 -4.09
N GLY A 563 26.62 -19.52 -4.55
CA GLY A 563 27.24 -20.57 -5.34
C GLY A 563 27.17 -21.88 -4.59
N GLY A 564 27.93 -22.00 -3.51
CA GLY A 564 27.94 -23.21 -2.73
C GLY A 564 26.58 -23.84 -2.56
N LYS A 565 25.58 -23.09 -2.12
CA LYS A 565 24.26 -23.67 -1.91
C LYS A 565 23.73 -24.28 -3.20
N ALA A 566 23.66 -23.49 -4.26
CA ALA A 566 23.07 -24.00 -5.50
C ALA A 566 23.85 -25.21 -6.02
N ILE A 567 25.17 -25.06 -6.13
CA ILE A 567 26.02 -26.09 -6.71
C ILE A 567 25.89 -27.37 -5.91
N TRP A 568 26.06 -27.29 -4.59
CA TRP A 568 26.05 -28.49 -3.77
C TRP A 568 24.68 -29.16 -3.81
N ASN A 569 23.64 -28.39 -3.54
CA ASN A 569 22.30 -28.96 -3.41
C ASN A 569 21.78 -29.72 -4.63
N ASN A 570 20.57 -29.39 -5.09
CA ASN A 570 19.98 -30.15 -6.17
C ASN A 570 21.00 -30.36 -7.25
N ILE A 571 21.69 -29.31 -7.67
CA ILE A 571 22.61 -29.44 -8.77
C ILE A 571 23.44 -30.68 -8.58
N GLN A 572 24.41 -30.61 -7.69
CA GLN A 572 25.33 -31.73 -7.51
C GLN A 572 24.64 -33.04 -7.20
N GLU A 573 23.63 -33.03 -6.33
CA GLU A 573 23.03 -34.31 -5.94
C GLU A 573 22.44 -35.06 -7.14
N VAL A 574 21.77 -34.34 -8.04
CA VAL A 574 21.14 -34.98 -9.19
C VAL A 574 22.14 -35.20 -10.32
N LEU A 575 23.20 -34.40 -10.34
CA LEU A 575 24.14 -34.45 -11.47
C LEU A 575 25.30 -35.47 -11.54
N LEU A 576 25.41 -36.42 -10.62
CA LEU A 576 26.60 -37.27 -10.78
C LEU A 576 26.52 -38.12 -12.03
N PRO A 577 25.46 -38.89 -12.28
CA PRO A 577 25.46 -39.80 -13.44
C PRO A 577 25.68 -39.08 -14.77
N TRP A 578 25.18 -37.86 -14.93
CA TRP A 578 25.37 -37.17 -16.20
C TRP A 578 26.84 -36.92 -16.49
N VAL A 579 27.58 -36.38 -15.51
CA VAL A 579 28.99 -36.12 -15.72
C VAL A 579 29.75 -37.44 -15.89
N MET A 580 29.35 -38.48 -15.15
CA MET A 580 29.99 -39.78 -15.31
C MET A 580 29.85 -40.27 -16.75
N ASN A 581 28.63 -40.23 -17.29
CA ASN A 581 28.40 -40.73 -18.65
C ASN A 581 29.11 -39.85 -19.67
N LEU A 582 29.12 -38.53 -19.46
CA LEU A 582 29.80 -37.64 -20.40
C LEU A 582 31.30 -37.93 -20.42
N ILE A 583 31.91 -38.12 -19.25
CA ILE A 583 33.34 -38.43 -19.21
C ILE A 583 33.59 -39.76 -19.90
N GLY A 584 32.76 -40.77 -19.61
CA GLY A 584 32.93 -42.06 -20.26
C GLY A 584 32.85 -41.96 -21.77
N ARG A 585 31.91 -41.15 -22.28
CA ARG A 585 31.73 -41.06 -23.73
C ARG A 585 32.87 -40.28 -24.39
N TYR A 586 33.24 -39.13 -23.83
CA TYR A 586 34.21 -38.25 -24.49
C TYR A 586 35.63 -38.53 -24.02
N LYS A 587 35.91 -38.34 -22.74
CA LYS A 587 37.26 -38.53 -22.21
C LYS A 587 37.40 -39.91 -21.60
N LYS A 594 12.54 -62.58 -16.36
CA LYS A 594 13.09 -61.44 -15.65
C LYS A 594 12.32 -60.17 -15.95
N ILE A 595 11.76 -60.08 -17.16
CA ILE A 595 10.93 -58.93 -17.50
C ILE A 595 9.76 -58.87 -16.54
N THR A 596 9.47 -57.66 -16.06
CA THR A 596 8.45 -57.47 -15.04
C THR A 596 7.43 -56.44 -15.52
N PRO A 597 6.20 -56.51 -15.02
CA PRO A 597 5.18 -55.56 -15.46
C PRO A 597 5.49 -54.15 -14.98
N ARG A 598 4.69 -53.20 -15.47
CA ARG A 598 4.92 -51.80 -15.13
C ARG A 598 4.75 -51.56 -13.63
N TRP A 599 3.74 -52.18 -13.01
CA TRP A 599 3.47 -51.88 -11.61
C TRP A 599 4.64 -52.27 -10.72
N GLU A 600 5.28 -53.41 -11.00
CA GLU A 600 6.44 -53.82 -10.19
C GLU A 600 7.58 -52.81 -10.36
N GLN A 601 7.83 -52.37 -11.59
CA GLN A 601 8.87 -51.38 -11.82
C GLN A 601 8.59 -50.11 -11.03
N ASP A 602 7.37 -49.59 -11.14
CA ASP A 602 7.03 -48.37 -10.43
C ASP A 602 7.13 -48.57 -8.93
N TYR A 603 6.83 -49.76 -8.45
CA TYR A 603 7.02 -50.06 -7.03
C TYR A 603 8.49 -49.94 -6.66
N HIS A 604 9.37 -50.42 -7.54
CA HIS A 604 10.80 -50.36 -7.21
C HIS A 604 11.34 -48.94 -7.18
N LEU A 605 10.57 -47.96 -7.66
CA LEU A 605 10.94 -46.56 -7.51
C LEU A 605 10.75 -46.13 -6.06
N GLN A 606 11.08 -44.87 -5.77
CA GLN A 606 10.89 -44.32 -4.45
C GLN A 606 9.97 -43.11 -4.51
N PRO A 607 9.10 -42.92 -3.52
CA PRO A 607 8.15 -41.81 -3.56
C PRO A 607 8.82 -40.49 -3.20
N MET A 608 8.15 -39.40 -3.59
CA MET A 608 8.66 -38.06 -3.35
C MET A 608 8.11 -37.45 -2.08
N GLY A 609 7.32 -38.19 -1.29
CA GLY A 609 6.81 -37.64 -0.06
C GLY A 609 5.75 -36.59 -0.31
N LYS A 610 5.51 -35.78 0.72
CA LYS A 610 4.49 -34.75 0.66
C LYS A 610 5.06 -33.34 0.76
N LEU A 611 6.38 -33.19 0.66
CA LEU A 611 7.01 -31.89 0.86
C LEU A 611 8.01 -31.57 -0.25
N GLY A 612 8.01 -32.35 -1.34
CA GLY A 612 8.97 -32.10 -2.40
C GLY A 612 8.77 -30.77 -3.09
N LEU A 613 7.54 -30.50 -3.52
CA LEU A 613 7.24 -29.20 -4.11
C LEU A 613 7.51 -28.08 -3.12
N PHE A 614 7.22 -28.32 -1.84
CA PHE A 614 7.52 -27.33 -0.81
C PHE A 614 9.00 -27.03 -0.77
N TYR A 615 9.83 -28.07 -0.81
CA TYR A 615 11.28 -27.85 -0.76
C TYR A 615 11.76 -27.10 -2.00
N GLU A 616 11.23 -27.44 -3.18
CA GLU A 616 11.66 -26.74 -4.39
C GLU A 616 11.29 -25.25 -4.34
N TYR A 617 10.06 -24.96 -3.91
CA TYR A 617 9.69 -23.55 -3.76
C TYR A 617 10.56 -22.87 -2.73
N LEU A 618 10.90 -23.57 -1.64
CA LEU A 618 11.77 -22.99 -0.63
C LEU A 618 13.12 -22.62 -1.23
N GLU A 619 13.68 -23.51 -2.06
CA GLU A 619 14.97 -23.22 -2.67
C GLU A 619 14.89 -21.98 -3.56
N MET A 620 13.86 -21.90 -4.41
CA MET A 620 13.72 -20.73 -5.27
C MET A 620 13.48 -19.45 -4.47
N ILE A 621 12.77 -19.56 -3.34
CA ILE A 621 12.50 -18.37 -2.53
C ILE A 621 13.76 -17.88 -1.85
N ILE A 622 14.58 -18.81 -1.35
CA ILE A 622 15.85 -18.40 -0.76
C ILE A 622 16.72 -17.73 -1.83
N GLN A 623 16.73 -18.29 -3.04
CA GLN A 623 17.48 -17.65 -4.12
C GLN A 623 16.96 -16.24 -4.40
N PHE A 624 15.64 -16.08 -4.42
CA PHE A 624 15.08 -14.76 -4.67
C PHE A 624 15.51 -13.78 -3.58
N GLY A 625 15.49 -14.23 -2.33
CA GLY A 625 15.96 -13.37 -1.25
C GLY A 625 17.40 -12.96 -1.44
N PHE A 626 18.26 -13.90 -1.77
CA PHE A 626 19.66 -13.58 -1.99
C PHE A 626 19.82 -12.57 -3.12
N VAL A 627 19.08 -12.76 -4.21
CA VAL A 627 19.24 -11.88 -5.37
C VAL A 627 18.74 -10.48 -5.07
N THR A 628 17.66 -10.35 -4.31
CA THR A 628 17.00 -9.06 -4.16
C THR A 628 17.49 -8.27 -2.95
N LEU A 629 17.71 -8.92 -1.81
CA LEU A 629 18.05 -8.19 -0.59
C LEU A 629 19.35 -7.43 -0.76
N PHE A 630 20.45 -8.15 -0.93
CA PHE A 630 21.78 -7.55 -1.02
C PHE A 630 22.23 -7.41 -2.47
N VAL A 631 21.42 -6.78 -3.33
CA VAL A 631 21.81 -6.64 -4.72
C VAL A 631 22.86 -5.55 -4.88
N ALA A 632 22.84 -4.55 -4.00
CA ALA A 632 23.78 -3.46 -4.13
C ALA A 632 25.22 -3.94 -4.04
N SER A 633 25.50 -4.83 -3.10
CA SER A 633 26.87 -5.30 -2.90
C SER A 633 27.38 -6.03 -4.13
N PHE A 634 26.54 -6.87 -4.73
CA PHE A 634 26.96 -7.78 -5.80
C PHE A 634 26.05 -7.60 -7.00
N PRO A 635 26.38 -6.71 -7.95
CA PRO A 635 25.49 -6.50 -9.10
C PRO A 635 25.41 -7.70 -10.02
N LEU A 636 26.34 -8.65 -9.93
CA LEU A 636 26.33 -9.83 -10.79
C LEU A 636 25.47 -10.95 -10.25
N ALA A 637 24.84 -10.77 -9.09
CA ALA A 637 24.00 -11.83 -8.53
C ALA A 637 22.92 -12.31 -9.49
N PRO A 638 22.22 -11.44 -10.22
CA PRO A 638 21.21 -11.93 -11.16
C PRO A 638 21.75 -12.90 -12.18
N LEU A 639 23.00 -12.74 -12.63
CA LEU A 639 23.57 -13.68 -13.59
C LEU A 639 23.70 -15.06 -12.97
N LEU A 640 24.21 -15.14 -11.74
CA LEU A 640 24.28 -16.42 -11.05
C LEU A 640 22.91 -17.02 -10.88
N ALA A 641 21.93 -16.21 -10.49
CA ALA A 641 20.57 -16.72 -10.32
C ALA A 641 20.04 -17.27 -11.63
N LEU A 642 20.31 -16.58 -12.74
CA LEU A 642 19.82 -17.04 -14.04
C LEU A 642 20.45 -18.35 -14.43
N VAL A 643 21.76 -18.49 -14.24
CA VAL A 643 22.41 -19.76 -14.56
C VAL A 643 21.82 -20.88 -13.72
N ASN A 644 21.68 -20.62 -12.42
CA ASN A 644 21.12 -21.64 -11.54
C ASN A 644 19.73 -22.03 -11.97
N ASN A 645 18.89 -21.06 -12.31
CA ASN A 645 17.53 -21.37 -12.74
C ASN A 645 17.52 -22.17 -14.03
N ILE A 646 18.37 -21.79 -14.99
CA ILE A 646 18.39 -22.49 -16.27
C ILE A 646 18.76 -23.95 -16.08
N LEU A 647 19.70 -24.23 -15.18
CA LEU A 647 19.99 -25.64 -14.90
C LEU A 647 18.87 -26.28 -14.08
N GLU A 648 18.35 -25.56 -13.08
CA GLU A 648 17.42 -26.16 -12.13
C GLU A 648 16.12 -26.58 -12.80
N ILE A 649 15.66 -25.82 -13.80
CA ILE A 649 14.40 -26.19 -14.44
C ILE A 649 14.51 -27.59 -15.02
N ARG A 650 15.61 -27.85 -15.75
CA ARG A 650 15.77 -29.17 -16.35
C ARG A 650 16.11 -30.23 -15.30
N VAL A 651 16.85 -29.87 -14.25
CA VAL A 651 17.14 -30.82 -13.20
C VAL A 651 15.85 -31.29 -12.53
N ASP A 652 14.98 -30.35 -12.18
CA ASP A 652 13.71 -30.70 -11.57
C ASP A 652 12.87 -31.54 -12.53
N ALA A 653 12.80 -31.14 -13.79
CA ALA A 653 12.01 -31.89 -14.75
C ALA A 653 12.51 -33.33 -14.86
N TRP A 654 13.82 -33.50 -14.99
CA TRP A 654 14.38 -34.83 -15.17
C TRP A 654 14.15 -35.70 -13.95
N LYS A 655 14.42 -35.16 -12.77
CA LYS A 655 14.21 -35.96 -11.57
C LYS A 655 12.74 -36.33 -11.41
N LEU A 656 11.84 -35.39 -11.67
CA LEU A 656 10.41 -35.65 -11.51
C LEU A 656 9.94 -36.71 -12.49
N THR A 657 10.42 -36.67 -13.73
CA THR A 657 9.94 -37.59 -14.74
C THR A 657 10.72 -38.90 -14.80
N THR A 658 11.80 -39.04 -14.04
CA THR A 658 12.60 -40.25 -14.08
C THR A 658 12.67 -40.98 -12.76
N GLN A 659 13.01 -40.30 -11.66
CA GLN A 659 13.44 -40.96 -10.44
C GLN A 659 12.36 -41.04 -9.37
N PHE A 660 11.13 -40.60 -9.66
CA PHE A 660 10.07 -40.61 -8.66
C PHE A 660 8.81 -41.24 -9.23
N ARG A 661 8.06 -41.91 -8.36
CA ARG A 661 6.78 -42.46 -8.76
C ARG A 661 5.85 -41.31 -9.17
N ARG A 662 4.85 -41.65 -9.97
CA ARG A 662 3.88 -40.67 -10.42
C ARG A 662 3.08 -40.18 -9.22
N MET A 663 2.83 -38.88 -9.16
CA MET A 663 2.04 -38.29 -8.10
C MET A 663 0.64 -37.95 -8.60
N VAL A 664 -0.34 -38.18 -7.75
CA VAL A 664 -1.73 -37.86 -8.12
C VAL A 664 -1.85 -36.36 -8.37
N PRO A 665 -2.42 -35.92 -9.49
CA PRO A 665 -2.53 -34.48 -9.73
C PRO A 665 -3.39 -33.81 -8.66
N GLU A 666 -3.09 -32.55 -8.41
CA GLU A 666 -3.85 -31.74 -7.47
C GLU A 666 -4.31 -30.48 -8.18
N LYS A 667 -5.16 -29.72 -7.50
CA LYS A 667 -5.74 -28.50 -8.05
C LYS A 667 -5.27 -27.31 -7.23
N ALA A 668 -4.72 -26.31 -7.93
CA ALA A 668 -4.24 -25.10 -7.28
C ALA A 668 -4.28 -23.96 -8.29
N GLN A 669 -4.53 -22.75 -7.79
CA GLN A 669 -4.68 -21.58 -8.63
C GLN A 669 -3.52 -20.61 -8.53
N ASP A 670 -2.71 -20.68 -7.47
CA ASP A 670 -1.58 -19.79 -7.29
C ASP A 670 -0.47 -20.56 -6.58
N ILE A 671 0.74 -19.98 -6.56
CA ILE A 671 1.84 -20.66 -5.89
C ILE A 671 1.48 -20.97 -4.44
N GLY A 672 0.77 -20.06 -3.77
CA GLY A 672 0.25 -20.36 -2.45
C GLY A 672 0.71 -19.40 -1.37
N ALA A 673 1.34 -19.95 -0.34
CA ALA A 673 1.76 -19.19 0.83
C ALA A 673 2.92 -18.25 0.55
N TRP A 674 3.53 -18.33 -0.63
CA TRP A 674 4.77 -17.62 -0.86
C TRP A 674 4.56 -16.19 -1.35
N GLN A 675 3.48 -15.91 -2.08
CA GLN A 675 3.28 -14.56 -2.59
C GLN A 675 3.35 -13.49 -1.51
N PRO A 676 2.70 -13.65 -0.36
CA PRO A 676 2.94 -12.69 0.73
C PRO A 676 4.40 -12.61 1.10
N ILE A 677 5.11 -13.74 1.08
CA ILE A 677 6.54 -13.72 1.38
C ILE A 677 7.29 -12.94 0.31
N MET A 678 6.91 -13.10 -0.96
CA MET A 678 7.60 -12.35 -2.01
C MET A 678 7.41 -10.85 -1.83
N GLN A 679 6.18 -10.40 -1.61
CA GLN A 679 5.98 -8.95 -1.45
C GLN A 679 6.65 -8.43 -0.18
N GLY A 680 6.64 -9.22 0.90
CA GLY A 680 7.38 -8.82 2.08
C GLY A 680 8.86 -8.69 1.80
N ILE A 681 9.42 -9.63 1.06
CA ILE A 681 10.83 -9.57 0.70
C ILE A 681 11.13 -8.33 -0.11
N ALA A 682 10.22 -7.94 -1.01
CA ALA A 682 10.47 -6.74 -1.81
C ALA A 682 10.45 -5.48 -0.93
N ILE A 683 9.44 -5.38 -0.06
CA ILE A 683 9.35 -4.21 0.81
C ILE A 683 10.53 -4.14 1.75
N LEU A 684 11.05 -5.29 2.19
CA LEU A 684 12.25 -5.29 3.02
C LEU A 684 13.49 -4.99 2.19
N ALA A 685 13.51 -5.41 0.92
CA ALA A 685 14.70 -5.28 0.12
C ALA A 685 14.98 -3.83 -0.23
N VAL A 686 13.93 -3.04 -0.44
CA VAL A 686 14.17 -1.62 -0.73
C VAL A 686 14.95 -0.98 0.41
N VAL A 687 14.50 -1.18 1.66
CA VAL A 687 15.16 -0.55 2.79
C VAL A 687 16.53 -1.17 3.03
N THR A 688 16.65 -2.48 2.82
CA THR A 688 17.95 -3.13 3.00
C THR A 688 18.97 -2.55 2.03
N ASN A 689 18.58 -2.34 0.78
CA ASN A 689 19.50 -1.76 -0.19
C ASN A 689 19.84 -0.31 0.16
N ALA A 690 18.85 0.45 0.61
CA ALA A 690 19.13 1.82 1.04
C ALA A 690 20.17 1.83 2.15
N MET A 691 19.97 1.00 3.17
CA MET A 691 20.92 0.95 4.28
C MET A 691 22.29 0.47 3.83
N ILE A 692 22.33 -0.51 2.93
CA ILE A 692 23.62 -1.02 2.46
C ILE A 692 24.40 0.10 1.77
N ILE A 693 23.75 0.80 0.83
CA ILE A 693 24.44 1.88 0.13
C ILE A 693 24.87 2.96 1.11
N ALA A 694 24.02 3.25 2.10
CA ALA A 694 24.33 4.34 3.02
C ALA A 694 25.51 4.01 3.92
N PHE A 695 25.49 2.84 4.54
CA PHE A 695 26.42 2.54 5.62
C PHE A 695 27.54 1.59 5.20
N THR A 696 27.23 0.50 4.49
CA THR A 696 28.28 -0.43 4.10
C THR A 696 29.30 0.24 3.20
N SER A 697 28.82 0.99 2.20
CA SER A 697 29.70 1.61 1.23
C SER A 697 30.24 2.94 1.76
N ASP A 698 31.30 3.41 1.12
CA ASP A 698 31.89 4.71 1.41
C ASP A 698 31.63 5.70 0.28
N MET A 699 30.53 5.54 -0.44
CA MET A 699 30.23 6.47 -1.52
C MET A 699 29.74 7.80 -0.97
N ILE A 700 28.92 7.78 0.08
CA ILE A 700 28.41 9.02 0.65
C ILE A 700 29.55 9.88 1.22
N PRO A 701 30.46 9.36 2.04
CA PRO A 701 31.59 10.20 2.47
C PRO A 701 32.39 10.75 1.30
N ARG A 702 32.60 9.94 0.26
CA ARG A 702 33.36 10.43 -0.89
C ARG A 702 32.64 11.58 -1.58
N LEU A 703 31.34 11.44 -1.81
CA LEU A 703 30.60 12.51 -2.46
C LEU A 703 30.61 13.77 -1.60
N VAL A 704 30.41 13.61 -0.29
CA VAL A 704 30.39 14.77 0.58
C VAL A 704 31.74 15.47 0.55
N TYR A 705 32.83 14.71 0.61
CA TYR A 705 34.14 15.33 0.53
C TYR A 705 34.31 16.07 -0.77
N TYR A 706 33.95 15.44 -1.88
CA TYR A 706 34.16 16.06 -3.18
C TYR A 706 33.41 17.38 -3.28
N TRP A 707 32.17 17.40 -2.80
CA TRP A 707 31.33 18.57 -2.97
C TRP A 707 31.58 19.65 -1.91
N SER A 708 32.13 19.31 -0.75
CA SER A 708 32.23 20.28 0.33
C SER A 708 33.66 20.54 0.80
N PHE A 709 34.47 19.50 0.96
CA PHE A 709 35.75 19.62 1.66
C PHE A 709 36.93 19.70 0.70
N SER A 710 36.70 20.12 -0.55
CA SER A 710 37.79 20.37 -1.49
C SER A 710 37.79 21.85 -1.90
N ILE A 711 37.31 22.71 -1.02
CA ILE A 711 37.01 24.10 -1.35
C ILE A 711 37.67 24.94 -0.25
N PRO A 712 38.08 26.17 -0.55
CA PRO A 712 39.02 26.88 0.34
C PRO A 712 38.55 26.93 1.79
N PRO A 713 37.24 27.08 2.06
CA PRO A 713 36.82 27.14 3.47
C PRO A 713 37.30 25.96 4.28
N TYR A 714 37.31 24.77 3.70
CA TYR A 714 37.80 23.56 4.36
C TYR A 714 39.01 22.95 3.66
N GLY A 715 38.99 22.89 2.33
CA GLY A 715 40.10 22.38 1.56
C GLY A 715 40.99 23.49 1.05
N ASP A 716 41.78 23.16 0.03
CA ASP A 716 42.64 24.14 -0.60
C ASP A 716 42.69 24.02 -2.12
N HIS A 717 41.91 23.14 -2.72
CA HIS A 717 41.87 23.03 -4.17
C HIS A 717 40.99 24.13 -4.75
N THR A 718 41.34 24.59 -5.95
CA THR A 718 40.61 25.66 -6.60
C THR A 718 39.28 25.21 -7.18
N TYR A 719 39.04 23.91 -7.28
CA TYR A 719 37.84 23.37 -7.89
C TYR A 719 37.56 22.02 -7.28
N TYR A 720 36.30 21.59 -7.40
CA TYR A 720 35.93 20.29 -6.85
C TYR A 720 36.82 19.21 -7.43
N THR A 721 37.36 18.36 -6.56
CA THR A 721 38.24 17.29 -6.98
C THR A 721 38.36 16.30 -5.84
N MET A 722 38.89 15.12 -6.16
CA MET A 722 39.07 14.04 -5.18
C MET A 722 40.48 13.96 -4.65
N ASP A 723 41.36 14.86 -5.04
CA ASP A 723 42.75 14.79 -4.60
C ASP A 723 42.83 14.98 -3.09
N GLY A 724 43.65 14.17 -2.44
CA GLY A 724 43.84 14.27 -1.01
C GLY A 724 42.67 13.79 -0.19
N TYR A 725 41.76 13.01 -0.75
CA TYR A 725 40.63 12.50 0.02
C TYR A 725 41.12 11.59 1.14
N ILE A 726 42.07 10.71 0.83
CA ILE A 726 42.49 9.71 1.80
C ILE A 726 43.16 10.39 2.99
N ASN A 727 44.07 11.33 2.72
CA ASN A 727 44.79 11.96 3.82
C ASN A 727 43.89 12.89 4.61
N ASN A 728 43.02 13.64 3.93
CA ASN A 728 42.16 14.59 4.59
C ASN A 728 40.95 13.94 5.24
N THR A 729 40.76 12.64 5.07
CA THR A 729 39.64 11.94 5.70
C THR A 729 40.04 11.13 6.92
N LEU A 730 41.19 10.47 6.89
CA LEU A 730 41.60 9.63 8.02
C LEU A 730 41.93 10.50 9.22
N SER A 731 41.57 10.00 10.41
CA SER A 731 41.79 10.74 11.64
C SER A 731 43.22 10.54 12.13
N VAL A 732 43.52 11.06 13.31
CA VAL A 732 44.85 10.97 13.89
C VAL A 732 44.71 10.60 15.37
N PHE A 733 45.65 9.79 15.85
CA PHE A 733 45.68 9.35 17.24
C PHE A 733 47.09 9.51 17.79
N ASN A 734 47.18 9.73 19.10
CA ASN A 734 48.44 9.96 19.77
C ASN A 734 48.70 8.83 20.75
N ILE A 735 49.92 8.29 20.73
CA ILE A 735 50.27 7.15 21.57
C ILE A 735 50.26 7.55 23.04
N THR A 736 50.71 8.76 23.35
CA THR A 736 50.83 9.16 24.75
C THR A 736 49.49 9.06 25.46
N ASP A 737 48.38 9.15 24.73
CA ASP A 737 47.04 8.97 25.28
C ASP A 737 46.53 7.56 25.04
N PHE A 738 47.42 6.57 25.19
CA PHE A 738 47.14 5.22 24.72
C PHE A 738 45.80 4.70 25.24
N LYS A 739 45.47 4.99 26.51
CA LYS A 739 44.22 4.51 27.06
C LYS A 739 43.76 5.41 28.20
N ASN A 740 42.45 5.46 28.39
CA ASN A 740 41.89 6.09 29.58
C ASN A 740 41.96 5.20 30.81
N THR A 741 42.05 3.88 30.63
CA THR A 741 42.23 2.97 31.75
C THR A 741 43.67 2.93 32.26
N ASP A 742 44.63 3.32 31.42
CA ASP A 742 46.03 3.36 31.81
C ASP A 742 46.52 2.01 32.32
N LYS A 743 46.47 1.01 31.44
CA LYS A 743 46.99 -0.31 31.68
C LYS A 743 48.08 -0.61 30.66
N GLU A 744 48.56 -1.86 30.65
CA GLU A 744 49.53 -2.25 29.65
C GLU A 744 48.93 -2.09 28.26
N ASN A 745 49.69 -1.46 27.37
CA ASN A 745 49.18 -1.08 26.06
C ASN A 745 49.99 -1.74 24.94
N PRO A 746 49.36 -2.05 23.82
CA PRO A 746 50.12 -2.61 22.69
C PRO A 746 50.93 -1.57 21.95
N TYR A 747 50.71 -0.28 22.24
CA TYR A 747 51.43 0.78 21.56
C TYR A 747 52.83 0.99 22.13
N ILE A 748 53.13 0.36 23.27
CA ILE A 748 54.40 0.63 23.93
C ILE A 748 55.55 0.15 23.07
N GLY A 749 56.60 0.96 22.99
CA GLY A 749 57.75 0.59 22.19
C GLY A 749 57.36 0.38 20.74
N LEU A 750 57.83 -0.72 20.17
CA LEU A 750 57.56 -1.05 18.77
C LEU A 750 58.02 0.09 17.84
N GLY A 751 59.24 0.57 18.08
CA GLY A 751 59.83 1.57 17.22
C GLY A 751 59.52 2.99 17.67
N ASN A 752 59.93 3.93 16.82
CA ASN A 752 59.78 5.35 17.07
C ASN A 752 58.40 5.86 16.66
N TYR A 753 57.41 4.98 16.51
CA TYR A 753 56.08 5.41 16.13
C TYR A 753 55.49 6.31 17.22
N THR A 754 54.93 7.44 16.79
CA THR A 754 54.34 8.41 17.71
C THR A 754 52.91 8.77 17.35
N LEU A 755 52.54 8.71 16.07
CA LEU A 755 51.20 9.03 15.62
C LEU A 755 50.71 7.94 14.68
N CYS A 756 49.45 7.54 14.87
CA CYS A 756 48.82 6.53 14.02
C CYS A 756 47.43 7.03 13.66
N ARG A 757 46.90 6.49 12.56
CA ARG A 757 45.64 6.95 12.00
C ARG A 757 44.63 5.80 12.00
N TYR A 758 43.35 6.16 12.13
CA TYR A 758 42.29 5.16 12.19
C TYR A 758 41.10 5.63 11.37
N ARG A 759 40.27 4.67 10.97
CA ARG A 759 39.13 4.92 10.11
C ARG A 759 37.96 5.39 10.96
N ASP A 760 37.94 6.69 11.27
CA ASP A 760 36.83 7.29 11.98
C ASP A 760 37.03 8.80 11.97
N PHE A 761 35.92 9.51 12.16
CA PHE A 761 35.89 10.96 11.98
C PHE A 761 35.90 11.59 13.37
N ARG A 762 37.08 12.01 13.82
CA ARG A 762 37.20 12.60 15.15
C ARG A 762 38.26 13.68 15.12
N ASN A 763 38.11 14.65 16.01
CA ASN A 763 39.00 15.79 16.05
C ASN A 763 40.42 15.35 16.41
N PRO A 764 41.44 16.02 15.89
CA PRO A 764 42.82 15.61 16.15
C PRO A 764 43.19 15.91 17.59
N PRO A 765 44.26 15.29 18.10
CA PRO A 765 44.70 15.61 19.46
C PRO A 765 45.11 17.07 19.58
N GLY A 766 44.81 17.65 20.74
CA GLY A 766 45.05 19.05 20.98
C GLY A 766 43.88 19.95 20.66
N HIS A 767 42.92 19.47 19.88
CA HIS A 767 41.71 20.24 19.64
C HIS A 767 40.95 20.41 20.96
N PRO A 768 40.25 21.53 21.13
CA PRO A 768 39.47 21.70 22.37
C PRO A 768 38.51 20.56 22.64
N GLN A 769 37.98 19.93 21.59
CA GLN A 769 37.15 18.73 21.74
C GLN A 769 38.04 17.53 21.40
N GLU A 770 38.84 17.12 22.38
CA GLU A 770 39.79 16.03 22.18
C GLU A 770 39.06 14.75 21.77
N TYR A 771 39.41 14.21 20.61
CA TYR A 771 38.93 12.90 20.18
C TYR A 771 37.40 12.82 20.24
N LYS A 772 36.74 13.87 19.79
CA LYS A 772 35.30 13.92 19.69
C LYS A 772 34.89 13.99 18.22
N HIS A 773 33.66 13.53 17.95
CA HIS A 773 33.15 13.61 16.59
C HIS A 773 33.19 15.05 16.11
N ASN A 774 33.68 15.25 14.89
CA ASN A 774 33.89 16.58 14.37
C ASN A 774 32.79 16.95 13.38
N ILE A 775 32.96 18.12 12.74
CA ILE A 775 31.93 18.61 11.84
C ILE A 775 31.73 17.65 10.67
N TYR A 776 32.82 17.07 10.17
CA TYR A 776 32.72 16.22 8.99
C TYR A 776 31.90 14.98 9.28
N TYR A 777 32.04 14.42 10.49
CA TYR A 777 31.22 13.28 10.87
C TYR A 777 29.74 13.59 10.76
N TRP A 778 29.32 14.72 11.31
CA TRP A 778 27.90 15.05 11.32
C TRP A 778 27.41 15.41 9.94
N HIS A 779 28.22 16.12 9.16
CA HIS A 779 27.87 16.36 7.77
C HIS A 779 27.62 15.05 7.05
N VAL A 780 28.52 14.08 7.24
CA VAL A 780 28.41 12.81 6.53
C VAL A 780 27.17 12.05 6.98
N ILE A 781 26.90 12.00 8.27
CA ILE A 781 25.75 11.23 8.75
C ILE A 781 24.46 11.90 8.29
N ALA A 782 24.42 13.23 8.26
CA ALA A 782 23.25 13.91 7.75
C ALA A 782 23.04 13.59 6.28
N ALA A 783 24.11 13.57 5.49
CA ALA A 783 23.98 13.19 4.09
C ALA A 783 23.47 11.77 3.95
N LYS A 784 23.96 10.87 4.79
CA LYS A 784 23.54 9.47 4.73
C LYS A 784 22.05 9.34 5.02
N LEU A 785 21.57 10.01 6.06
CA LEU A 785 20.16 9.92 6.40
C LEU A 785 19.30 10.56 5.33
N ALA A 786 19.76 11.67 4.75
CA ALA A 786 19.01 12.30 3.66
C ALA A 786 18.92 11.36 2.47
N PHE A 787 20.02 10.68 2.13
CA PHE A 787 19.98 9.73 1.03
C PHE A 787 19.00 8.61 1.34
N ILE A 788 19.04 8.07 2.55
CA ILE A 788 18.13 7.00 2.90
C ILE A 788 16.70 7.43 2.69
N ILE A 789 16.34 8.59 3.23
CA ILE A 789 14.94 9.01 3.18
C ILE A 789 14.51 9.30 1.75
N VAL A 790 15.34 10.02 0.99
CA VAL A 790 14.94 10.39 -0.37
C VAL A 790 14.81 9.15 -1.24
N MET A 791 15.79 8.25 -1.18
CA MET A 791 15.72 7.05 -2.02
C MET A 791 14.53 6.19 -1.64
N GLU A 792 14.29 6.00 -0.34
CA GLU A 792 13.16 5.17 0.08
C GLU A 792 11.85 5.77 -0.41
N HIS A 793 11.68 7.08 -0.24
CA HIS A 793 10.42 7.70 -0.64
C HIS A 793 10.22 7.63 -2.15
N ILE A 794 11.27 7.91 -2.92
CA ILE A 794 11.12 7.86 -4.38
C ILE A 794 10.78 6.45 -4.82
N ILE A 795 11.47 5.45 -4.27
CA ILE A 795 11.23 4.08 -4.69
C ILE A 795 9.82 3.65 -4.34
N TYR A 796 9.34 4.00 -3.15
CA TYR A 796 7.98 3.63 -2.78
C TYR A 796 6.95 4.34 -3.66
N SER A 797 7.20 5.61 -4.00
CA SER A 797 6.29 6.31 -4.88
C SER A 797 6.22 5.64 -6.25
N VAL A 798 7.37 5.26 -6.80
CA VAL A 798 7.36 4.57 -8.09
C VAL A 798 6.64 3.24 -7.97
N LYS A 799 6.85 2.52 -6.86
CA LYS A 799 6.14 1.27 -6.66
C LYS A 799 4.64 1.49 -6.71
N PHE A 800 4.15 2.48 -5.98
CA PHE A 800 2.71 2.73 -5.95
C PHE A 800 2.18 3.11 -7.32
N PHE A 801 2.92 3.98 -8.04
CA PHE A 801 2.46 4.39 -9.37
C PHE A 801 2.37 3.19 -10.30
N ILE A 802 3.39 2.34 -10.29
CA ILE A 802 3.40 1.18 -11.18
C ILE A 802 2.28 0.22 -10.81
N SER A 803 2.06 0.00 -9.51
CA SER A 803 0.99 -0.89 -9.10
C SER A 803 -0.38 -0.36 -9.51
N TYR A 804 -0.59 0.95 -9.36
CA TYR A 804 -1.86 1.55 -9.73
C TYR A 804 -2.05 1.67 -11.24
N ALA A 805 -0.97 1.60 -12.01
CA ALA A 805 -1.05 1.72 -13.46
C ALA A 805 -1.40 0.40 -14.14
N ILE A 806 -2.00 -0.54 -13.41
CA ILE A 806 -2.43 -1.80 -14.02
C ILE A 806 -3.30 -1.56 -15.24
N PRO A 807 -4.33 -0.70 -15.20
CA PRO A 807 -5.10 -0.43 -16.42
C PRO A 807 -4.25 0.13 -17.55
N ASP A 808 -3.26 0.97 -17.23
CA ASP A 808 -2.36 1.53 -18.23
C ASP A 808 -1.14 0.66 -18.48
N VAL A 809 -1.02 -0.46 -17.77
CA VAL A 809 0.12 -1.36 -17.91
C VAL A 809 -0.40 -2.71 -18.41
N SER A 810 -1.61 -3.08 -17.99
CA SER A 810 -2.12 -4.42 -18.17
C SER A 810 -3.44 -4.46 -18.92
N LYS A 811 -3.56 -3.68 -20.00
CA LYS A 811 -4.82 -3.61 -20.72
C LYS A 811 -5.14 -4.89 -21.49
N ILE A 812 -4.18 -5.79 -21.66
CA ILE A 812 -4.41 -6.96 -22.51
C ILE A 812 -5.08 -8.09 -21.73
N THR A 813 -4.38 -8.61 -20.71
CA THR A 813 -4.81 -9.85 -20.09
C THR A 813 -6.19 -9.72 -19.46
N LYS A 814 -6.41 -8.72 -18.62
CA LYS A 814 -7.71 -8.59 -17.97
C LYS A 814 -8.81 -8.34 -19.00
N SER A 815 -8.55 -7.49 -19.99
CA SER A 815 -9.59 -7.20 -20.98
C SER A 815 -10.01 -8.45 -21.72
N LYS A 816 -9.06 -9.24 -22.21
CA LYS A 816 -9.43 -10.45 -22.95
C LYS A 816 -9.98 -11.53 -22.04
N ILE A 817 -9.53 -11.58 -20.79
CA ILE A 817 -10.05 -12.60 -19.87
C ILE A 817 -11.51 -12.29 -19.52
N LYS A 818 -11.84 -11.02 -19.37
CA LYS A 818 -13.21 -10.62 -19.10
C LYS A 818 -14.06 -10.56 -20.35
N ARG A 819 -13.45 -10.58 -21.54
CA ARG A 819 -14.23 -10.57 -22.77
C ARG A 819 -14.87 -11.92 -23.03
N GLU A 820 -14.06 -12.96 -23.23
CA GLU A 820 -14.55 -14.30 -23.54
C GLU A 820 -15.58 -14.25 -24.67
N PHE B 1 -57.86 13.63 -19.90
CA PHE B 1 -57.52 13.99 -18.54
C PHE B 1 -58.69 14.65 -17.82
N GLU B 2 -58.52 14.88 -16.51
CA GLU B 2 -59.58 15.38 -15.65
C GLU B 2 -59.00 16.40 -14.68
N GLU B 3 -59.88 17.27 -14.18
CA GLU B 3 -59.46 18.44 -13.44
C GLU B 3 -59.22 18.12 -11.97
N PHE B 4 -58.82 19.14 -11.21
CA PHE B 4 -58.43 18.97 -9.82
C PHE B 4 -59.61 18.49 -8.99
N ASN B 5 -59.36 17.53 -8.10
CA ASN B 5 -60.45 16.90 -7.36
C ASN B 5 -60.92 17.78 -6.20
N GLY B 6 -60.00 18.15 -5.30
CA GLY B 6 -60.38 18.94 -4.15
C GLY B 6 -59.73 18.48 -2.84
N LYS B 7 -58.98 17.39 -2.88
CA LYS B 7 -58.29 16.89 -1.69
C LYS B 7 -56.80 17.12 -1.88
N PRO B 8 -56.23 18.19 -1.31
CA PRO B 8 -54.83 18.52 -1.62
C PRO B 8 -53.86 17.41 -1.30
N ASP B 9 -53.81 16.98 -0.04
CA ASP B 9 -52.77 16.05 0.38
C ASP B 9 -52.89 14.69 -0.30
N SER B 10 -54.04 14.35 -0.86
CA SER B 10 -54.23 13.03 -1.42
C SER B 10 -53.17 12.75 -2.48
N LEU B 11 -52.48 11.63 -2.33
CA LEU B 11 -51.44 11.22 -3.26
C LEU B 11 -51.95 10.22 -4.29
N PHE B 12 -53.26 9.98 -4.32
CA PHE B 12 -53.85 8.99 -5.20
C PHE B 12 -54.43 9.65 -6.44
N PHE B 13 -54.94 8.83 -7.35
CA PHE B 13 -55.69 9.33 -8.48
C PHE B 13 -57.06 9.83 -8.01
N THR B 14 -57.78 10.48 -8.92
CA THR B 14 -59.05 11.10 -8.54
C THR B 14 -60.02 10.07 -7.97
N ASP B 15 -59.90 8.81 -8.38
CA ASP B 15 -60.74 7.77 -7.77
C ASP B 15 -60.38 7.57 -6.31
N GLY B 16 -59.09 7.62 -5.99
CA GLY B 16 -58.61 7.38 -4.64
C GLY B 16 -58.13 5.97 -4.37
N GLN B 17 -57.80 5.20 -5.41
CA GLN B 17 -57.36 3.82 -5.23
C GLN B 17 -56.01 3.52 -5.87
N ARG B 18 -55.43 4.44 -6.62
CA ARG B 18 -54.17 4.23 -7.31
C ARG B 18 -53.12 5.20 -6.78
N ARG B 19 -51.96 4.68 -6.43
CA ARG B 19 -50.91 5.46 -5.79
C ARG B 19 -49.98 6.06 -6.85
N ILE B 20 -49.84 7.38 -6.83
CA ILE B 20 -48.99 8.04 -7.80
C ILE B 20 -47.53 7.66 -7.57
N ASP B 21 -46.76 7.63 -8.65
CA ASP B 21 -45.34 7.30 -8.58
C ASP B 21 -44.43 8.31 -9.25
N PHE B 22 -44.91 9.09 -10.21
CA PHE B 22 -44.15 10.15 -10.82
C PHE B 22 -45.10 11.18 -11.41
N ILE B 23 -44.63 12.41 -11.49
CA ILE B 23 -45.35 13.49 -12.14
C ILE B 23 -44.49 14.00 -13.28
N LEU B 24 -45.04 13.96 -14.49
CA LEU B 24 -44.37 14.49 -15.67
C LEU B 24 -44.94 15.87 -15.96
N VAL B 25 -44.06 16.86 -16.09
CA VAL B 25 -44.47 18.25 -16.25
C VAL B 25 -43.96 18.73 -17.60
N TYR B 26 -44.87 19.19 -18.45
CA TYR B 26 -44.54 19.68 -19.77
C TYR B 26 -45.21 21.03 -19.97
N GLU B 27 -44.74 21.75 -20.99
CA GLU B 27 -45.28 23.04 -21.36
C GLU B 27 -46.12 22.89 -22.62
N ASP B 28 -47.38 23.33 -22.54
CA ASP B 28 -48.31 23.14 -23.64
C ASP B 28 -48.12 24.21 -24.71
N GLU B 29 -48.71 23.96 -25.87
CA GLU B 29 -48.67 24.92 -26.98
C GLU B 29 -49.76 25.97 -26.88
N SER B 30 -50.61 25.92 -25.86
CA SER B 30 -51.76 26.81 -25.81
C SER B 30 -51.38 28.28 -25.97
N LYS B 31 -50.21 28.68 -25.47
CA LYS B 31 -49.73 30.04 -25.68
C LYS B 31 -49.42 30.28 -27.15
N LYS B 32 -49.12 31.53 -27.48
CA LYS B 32 -48.68 31.91 -28.82
C LYS B 32 -47.16 31.81 -28.89
N GLU B 33 -46.66 30.60 -29.14
CA GLU B 33 -45.23 30.41 -29.27
C GLU B 33 -44.73 31.02 -30.59
N ASN B 34 -43.42 31.23 -30.66
CA ASN B 34 -42.80 31.92 -31.79
C ASN B 34 -41.84 30.97 -32.49
N ASN B 35 -41.03 31.55 -33.38
CA ASN B 35 -40.04 30.80 -34.15
C ASN B 35 -40.71 29.83 -35.10
N LYS B 36 -40.78 28.55 -34.74
CA LYS B 36 -41.32 27.51 -35.61
C LYS B 36 -42.52 26.86 -34.92
N LYS B 37 -43.64 26.78 -35.63
CA LYS B 37 -44.67 25.83 -35.25
C LYS B 37 -44.20 24.40 -35.50
N GLY B 38 -43.22 24.24 -36.40
CA GLY B 38 -42.63 22.93 -36.61
C GLY B 38 -41.94 22.38 -35.38
N THR B 39 -41.26 23.26 -34.64
CA THR B 39 -40.67 22.83 -33.37
C THR B 39 -41.75 22.33 -32.42
N ASN B 40 -42.88 23.02 -32.35
CA ASN B 40 -43.99 22.57 -31.54
C ASN B 40 -44.48 21.21 -32.02
N GLU B 41 -44.59 21.03 -33.34
CA GLU B 41 -45.03 19.76 -33.88
C GLU B 41 -44.11 18.63 -33.46
N LYS B 42 -42.80 18.82 -33.63
CA LYS B 42 -41.85 17.78 -33.26
C LYS B 42 -41.89 17.51 -31.75
N GLN B 43 -41.94 18.56 -30.94
CA GLN B 43 -41.97 18.36 -29.49
C GLN B 43 -43.20 17.58 -29.08
N LYS B 44 -44.37 17.98 -29.57
CA LYS B 44 -45.60 17.29 -29.21
C LYS B 44 -45.60 15.86 -29.72
N ARG B 45 -45.07 15.63 -30.92
CA ARG B 45 -45.02 14.27 -31.46
C ARG B 45 -44.12 13.38 -30.62
N LYS B 46 -42.95 13.90 -30.23
CA LYS B 46 -42.04 13.13 -29.39
C LYS B 46 -42.69 12.81 -28.04
N ARG B 47 -43.31 13.81 -27.43
CA ARG B 47 -43.99 13.60 -26.16
C ARG B 47 -45.09 12.55 -26.29
N GLN B 48 -45.87 12.65 -27.37
CA GLN B 48 -46.95 11.71 -27.59
C GLN B 48 -46.42 10.30 -27.79
N ALA B 49 -45.32 10.16 -28.54
CA ALA B 49 -44.74 8.84 -28.75
C ALA B 49 -44.27 8.24 -27.43
N TYR B 50 -43.59 9.04 -26.61
CA TYR B 50 -43.10 8.52 -25.34
C TYR B 50 -44.26 8.10 -24.45
N GLU B 51 -45.28 8.95 -24.33
CA GLU B 51 -46.41 8.61 -23.49
C GLU B 51 -47.15 7.38 -24.02
N SER B 52 -47.29 7.27 -25.34
CA SER B 52 -47.94 6.11 -25.92
C SER B 52 -47.16 4.84 -25.64
N ASN B 53 -45.83 4.89 -25.77
CA ASN B 53 -45.02 3.73 -25.46
C ASN B 53 -45.18 3.33 -24.00
N LEU B 54 -45.18 4.32 -23.10
CA LEU B 54 -45.31 4.01 -21.67
C LEU B 54 -46.67 3.39 -21.36
N ILE B 55 -47.74 3.96 -21.91
CA ILE B 55 -49.07 3.39 -21.64
C ILE B 55 -49.17 2.00 -22.22
N CYS B 56 -48.52 1.76 -23.38
CA CYS B 56 -48.50 0.41 -23.93
C CYS B 56 -47.78 -0.55 -23.01
N HIS B 57 -46.65 -0.13 -22.44
CA HIS B 57 -45.85 -1.00 -21.59
C HIS B 57 -46.59 -1.48 -20.35
N GLY B 58 -47.65 -0.79 -19.96
CA GLY B 58 -48.46 -1.19 -18.83
C GLY B 58 -48.57 -0.19 -17.69
N LEU B 59 -48.10 1.05 -17.88
CA LEU B 59 -48.18 2.07 -16.85
C LEU B 59 -49.35 3.00 -17.16
N GLN B 60 -50.33 3.03 -16.26
CA GLN B 60 -51.42 3.98 -16.40
C GLN B 60 -50.90 5.40 -16.20
N LEU B 61 -51.65 6.37 -16.68
CA LEU B 61 -51.29 7.76 -16.46
C LEU B 61 -52.45 8.68 -16.84
N GLU B 62 -52.75 9.63 -15.96
CA GLU B 62 -53.78 10.62 -16.21
C GLU B 62 -53.22 11.99 -15.83
N ALA B 63 -53.64 13.01 -16.58
CA ALA B 63 -53.11 14.35 -16.42
C ALA B 63 -54.14 15.26 -15.75
N THR B 64 -53.79 16.53 -15.66
CA THR B 64 -54.67 17.55 -15.10
C THR B 64 -54.06 18.91 -15.39
N ARG B 65 -54.91 19.94 -15.36
CA ARG B 65 -54.50 21.30 -15.63
C ARG B 65 -54.31 22.06 -14.32
N SER B 66 -53.19 22.77 -14.20
CA SER B 66 -52.91 23.52 -13.00
C SER B 66 -53.95 24.63 -12.82
N VAL B 67 -54.32 24.88 -11.57
CA VAL B 67 -55.34 25.89 -11.29
C VAL B 67 -54.81 27.29 -11.55
N SER B 68 -53.53 27.53 -11.23
CA SER B 68 -53.00 28.89 -11.28
C SER B 68 -52.63 29.30 -12.70
N ASP B 69 -51.71 28.58 -13.33
CA ASP B 69 -51.23 28.91 -14.67
C ASP B 69 -51.86 27.97 -15.69
N ASP B 70 -52.47 28.54 -16.72
CA ASP B 70 -53.15 27.74 -17.73
C ASP B 70 -52.19 26.92 -18.59
N LYS B 71 -50.93 27.36 -18.70
CA LYS B 71 -50.00 26.71 -19.61
C LYS B 71 -49.29 25.51 -18.98
N LEU B 72 -49.57 25.20 -17.72
CA LEU B 72 -48.94 24.08 -17.02
C LEU B 72 -49.86 22.88 -17.02
N VAL B 73 -49.35 21.74 -17.47
CA VAL B 73 -50.09 20.48 -17.48
C VAL B 73 -49.26 19.44 -16.74
N PHE B 74 -49.89 18.77 -15.78
CA PHE B 74 -49.23 17.76 -14.96
C PHE B 74 -49.72 16.39 -15.42
N VAL B 75 -48.78 15.47 -15.62
CA VAL B 75 -49.09 14.11 -16.07
C VAL B 75 -48.67 13.16 -14.97
N LYS B 76 -49.63 12.43 -14.41
CA LYS B 76 -49.36 11.46 -13.36
C LYS B 76 -48.89 10.14 -13.97
N VAL B 77 -48.54 9.21 -13.09
CA VAL B 77 -48.13 7.87 -13.49
C VAL B 77 -48.64 6.90 -12.44
N HIS B 78 -48.64 5.61 -12.79
CA HIS B 78 -49.07 4.57 -11.87
C HIS B 78 -48.70 3.22 -12.44
N ALA B 79 -48.23 2.32 -11.59
CA ALA B 79 -47.79 0.99 -12.02
C ALA B 79 -48.62 -0.09 -11.33
N PRO B 80 -49.52 -0.79 -12.04
CA PRO B 80 -50.25 -1.90 -11.42
C PRO B 80 -49.34 -3.07 -11.11
N TRP B 81 -49.82 -4.11 -10.42
CA TRP B 81 -48.89 -5.12 -9.92
C TRP B 81 -48.14 -5.77 -11.08
N GLU B 82 -48.87 -6.34 -12.04
CA GLU B 82 -48.26 -7.22 -13.05
C GLU B 82 -46.95 -6.67 -13.57
N VAL B 83 -46.96 -5.43 -14.05
CA VAL B 83 -45.75 -4.80 -14.55
C VAL B 83 -44.73 -4.61 -13.43
N LEU B 84 -45.22 -4.24 -12.24
CA LEU B 84 -44.30 -4.03 -11.12
C LEU B 84 -43.52 -5.31 -10.80
N CYS B 85 -44.23 -6.42 -10.68
CA CYS B 85 -43.59 -7.69 -10.38
C CYS B 85 -42.64 -8.11 -11.50
N TYR B 86 -43.06 -7.95 -12.76
CA TYR B 86 -42.20 -8.36 -13.86
C TYR B 86 -40.89 -7.55 -13.86
N TYR B 87 -41.01 -6.23 -13.67
CA TYR B 87 -39.82 -5.40 -13.70
C TYR B 87 -38.96 -5.59 -12.46
N ALA B 88 -39.56 -5.89 -11.30
CA ALA B 88 -38.78 -6.25 -10.14
C ALA B 88 -37.99 -7.53 -10.40
N GLU B 89 -38.63 -8.49 -11.07
CA GLU B 89 -37.92 -9.72 -11.42
C GLU B 89 -36.73 -9.42 -12.34
N ILE B 90 -36.93 -8.55 -13.33
CA ILE B 90 -35.81 -8.19 -14.20
C ILE B 90 -34.70 -7.46 -13.46
N MET B 91 -35.06 -6.64 -12.47
CA MET B 91 -34.10 -5.87 -11.69
C MET B 91 -33.45 -6.67 -10.57
N HIS B 92 -33.88 -7.91 -10.35
CA HIS B 92 -33.38 -8.73 -9.25
C HIS B 92 -33.73 -8.09 -7.90
N ILE B 93 -34.81 -7.32 -7.85
CA ILE B 93 -35.28 -6.71 -6.60
C ILE B 93 -35.68 -7.84 -5.65
N LYS B 94 -35.14 -7.80 -4.43
CA LYS B 94 -35.50 -8.76 -3.41
C LYS B 94 -36.56 -8.20 -2.48
N LEU B 95 -37.35 -9.09 -1.91
CA LEU B 95 -38.41 -8.77 -0.97
C LEU B 95 -38.19 -9.54 0.31
N PRO B 96 -38.75 -9.07 1.43
CA PRO B 96 -38.52 -9.75 2.72
C PRO B 96 -39.02 -11.18 2.68
N LEU B 97 -38.17 -12.10 3.13
CA LEU B 97 -38.46 -13.52 3.22
C LEU B 97 -38.96 -13.84 4.63
N LYS B 98 -38.99 -15.12 4.97
CA LYS B 98 -39.46 -15.62 6.28
C LYS B 98 -40.96 -15.86 6.22
N PHE B 132 -28.89 -18.60 0.85
CA PHE B 132 -30.25 -19.07 1.12
C PHE B 132 -31.26 -17.94 0.90
N THR B 133 -30.83 -16.90 0.19
CA THR B 133 -31.67 -15.76 -0.15
C THR B 133 -31.56 -15.50 -1.65
N ALA B 134 -32.66 -15.13 -2.27
CA ALA B 134 -32.74 -14.98 -3.71
C ALA B 134 -33.55 -13.74 -4.05
N PRO B 135 -33.43 -13.24 -5.28
CA PRO B 135 -34.28 -12.12 -5.73
C PRO B 135 -35.73 -12.56 -5.85
N PHE B 136 -36.54 -11.64 -6.39
CA PHE B 136 -37.98 -11.84 -6.52
C PHE B 136 -38.31 -12.45 -7.88
N GLU B 137 -39.05 -13.56 -7.86
CA GLU B 137 -39.55 -14.19 -9.07
C GLU B 137 -40.99 -14.60 -8.85
N LYS B 138 -41.78 -14.56 -9.93
CA LYS B 138 -43.18 -14.98 -9.82
C LYS B 138 -43.30 -16.46 -9.53
N SER B 139 -42.34 -17.27 -9.99
CA SER B 139 -42.38 -18.70 -9.73
C SER B 139 -42.36 -19.01 -8.24
N ARG B 140 -41.89 -18.09 -7.43
CA ARG B 140 -41.85 -18.23 -5.97
C ARG B 140 -42.76 -17.21 -5.32
N MET B 141 -43.89 -16.91 -5.98
CA MET B 141 -44.79 -15.88 -5.48
C MET B 141 -45.32 -16.24 -4.11
N ASN B 142 -45.68 -17.50 -3.89
CA ASN B 142 -46.25 -17.94 -2.64
C ASN B 142 -45.23 -18.06 -1.51
N ASP B 143 -43.94 -17.95 -1.83
CA ASP B 143 -42.88 -18.16 -0.85
C ASP B 143 -42.52 -16.90 -0.08
N PHE B 144 -43.23 -15.79 -0.31
CA PHE B 144 -42.89 -14.51 0.29
C PHE B 144 -44.00 -14.06 1.25
N TYR B 145 -43.62 -13.21 2.20
CA TYR B 145 -44.55 -12.70 3.21
C TYR B 145 -45.32 -11.51 2.63
N ILE B 146 -46.21 -11.81 1.68
CA ILE B 146 -47.02 -10.79 1.02
C ILE B 146 -48.09 -10.32 1.99
N LEU B 147 -48.21 -9.01 2.16
CA LEU B 147 -49.12 -8.42 3.14
C LEU B 147 -50.42 -7.92 2.51
N ASP B 148 -50.35 -7.10 1.47
CA ASP B 148 -51.56 -6.52 0.90
C ASP B 148 -51.27 -6.18 -0.56
N ARG B 149 -52.33 -5.80 -1.27
CA ARG B 149 -52.19 -5.48 -2.68
C ARG B 149 -51.13 -4.43 -2.88
N ASP B 150 -51.35 -3.26 -2.28
CA ASP B 150 -50.52 -2.09 -2.55
C ASP B 150 -49.48 -1.84 -1.46
N SER B 151 -49.68 -2.38 -0.26
CA SER B 151 -48.83 -2.01 0.86
C SER B 151 -47.52 -2.79 0.88
N PHE B 152 -47.51 -3.99 0.30
CA PHE B 152 -46.33 -4.84 0.36
C PHE B 152 -45.11 -4.17 -0.27
N PHE B 153 -45.32 -3.22 -1.17
CA PHE B 153 -44.22 -2.54 -1.85
C PHE B 153 -44.12 -1.12 -1.31
N ASN B 154 -42.95 -0.74 -0.81
CA ASN B 154 -42.79 0.59 -0.25
C ASN B 154 -42.69 1.63 -1.37
N PRO B 155 -43.21 2.84 -1.16
CA PRO B 155 -43.22 3.83 -2.25
C PRO B 155 -41.86 4.14 -2.83
N ALA B 156 -40.78 4.07 -2.05
CA ALA B 156 -39.46 4.38 -2.60
C ALA B 156 -39.07 3.38 -3.68
N THR B 157 -39.27 2.09 -3.42
CA THR B 157 -38.94 1.07 -4.42
C THR B 157 -39.82 1.23 -5.65
N ARG B 158 -41.10 1.54 -5.46
CA ARG B 158 -41.98 1.77 -6.59
C ARG B 158 -41.46 2.93 -7.44
N SER B 159 -41.03 4.01 -6.78
CA SER B 159 -40.49 5.14 -7.51
C SER B 159 -39.24 4.76 -8.28
N ARG B 160 -38.37 3.95 -7.68
CA ARG B 160 -37.16 3.54 -8.39
C ARG B 160 -37.49 2.70 -9.62
N ILE B 161 -38.42 1.76 -9.47
CA ILE B 161 -38.80 0.91 -10.60
C ILE B 161 -39.39 1.76 -11.71
N VAL B 162 -40.29 2.68 -11.36
CA VAL B 162 -40.91 3.52 -12.37
C VAL B 162 -39.86 4.42 -13.02
N TYR B 163 -38.86 4.86 -12.25
CA TYR B 163 -37.82 5.67 -12.84
C TYR B 163 -37.03 4.90 -13.89
N PHE B 164 -36.64 3.66 -13.57
CA PHE B 164 -35.96 2.88 -14.59
C PHE B 164 -36.81 2.64 -15.83
N ILE B 165 -38.10 2.36 -15.62
CA ILE B 165 -39.02 2.19 -16.75
C ILE B 165 -38.98 3.44 -17.63
N LEU B 166 -39.10 4.62 -17.00
CA LEU B 166 -39.03 5.86 -17.76
C LEU B 166 -37.70 6.07 -18.47
N SER B 167 -36.60 5.67 -17.85
CA SER B 167 -35.29 5.95 -18.44
C SER B 167 -35.00 5.06 -19.63
N ARG B 168 -35.30 3.76 -19.51
CA ARG B 168 -34.87 2.82 -20.54
C ARG B 168 -35.65 2.99 -21.85
N VAL B 169 -36.86 3.55 -21.76
CA VAL B 169 -37.75 3.56 -22.91
C VAL B 169 -37.17 4.42 -24.03
N LYS B 170 -37.55 4.09 -25.26
CA LYS B 170 -37.21 4.84 -26.46
C LYS B 170 -38.46 5.48 -27.05
N TYR B 171 -38.26 6.57 -27.77
CA TYR B 171 -39.39 7.34 -28.28
C TYR B 171 -39.37 7.52 -29.80
N GLN B 172 -38.21 7.65 -30.42
CA GLN B 172 -38.16 7.86 -31.85
C GLN B 172 -36.74 7.57 -32.34
N VAL B 173 -36.63 7.23 -33.62
CA VAL B 173 -35.36 6.98 -34.27
C VAL B 173 -35.22 7.96 -35.44
N MET B 174 -34.13 8.72 -35.43
CA MET B 174 -33.89 9.75 -36.44
C MET B 174 -32.45 9.64 -36.92
N ASN B 175 -32.25 9.88 -38.21
CA ASN B 175 -30.98 9.59 -38.88
C ASN B 175 -30.59 8.13 -38.72
N ASN B 176 -31.58 7.24 -38.70
CA ASN B 176 -31.35 5.80 -38.61
C ASN B 176 -30.64 5.41 -37.32
N VAL B 177 -30.63 6.29 -36.33
CA VAL B 177 -30.00 6.04 -35.04
C VAL B 177 -31.04 6.24 -33.94
N ASN B 178 -31.12 5.28 -33.02
CA ASN B 178 -32.16 5.30 -31.99
C ASN B 178 -31.96 6.48 -31.04
N LYS B 179 -33.07 7.13 -30.70
CA LYS B 179 -33.10 8.16 -29.66
C LYS B 179 -33.98 7.67 -28.53
N PHE B 180 -33.44 7.68 -27.31
CA PHE B 180 -34.16 7.19 -26.15
C PHE B 180 -33.73 7.98 -24.93
N GLY B 181 -34.45 7.78 -23.83
CA GLY B 181 -34.05 8.34 -22.56
C GLY B 181 -34.90 9.51 -22.11
N ILE B 182 -35.58 9.37 -20.97
CA ILE B 182 -36.31 10.49 -20.41
C ILE B 182 -35.37 11.67 -20.16
N ASN B 183 -34.14 11.37 -19.76
CA ASN B 183 -33.19 12.43 -19.43
C ASN B 183 -32.96 13.33 -20.63
N ARG B 184 -32.82 12.74 -21.82
CA ARG B 184 -32.67 13.54 -23.03
C ARG B 184 -33.86 14.45 -23.31
N LEU B 185 -35.07 14.03 -22.96
CA LEU B 185 -36.25 14.88 -23.17
C LEU B 185 -36.12 16.18 -22.39
N VAL B 186 -35.75 16.08 -21.11
CA VAL B 186 -35.56 17.29 -20.31
C VAL B 186 -34.32 18.04 -20.75
N SER B 187 -33.26 17.33 -21.15
CA SER B 187 -32.03 18.01 -21.57
C SER B 187 -32.30 18.90 -22.77
N SER B 188 -33.08 18.42 -23.73
CA SER B 188 -33.41 19.20 -24.92
C SER B 188 -34.60 20.13 -24.70
N GLY B 189 -35.25 20.05 -23.54
CA GLY B 189 -36.31 21.00 -23.22
C GLY B 189 -37.72 20.53 -23.49
N ILE B 190 -37.93 19.25 -23.80
CA ILE B 190 -39.28 18.76 -24.02
C ILE B 190 -40.08 18.76 -22.73
N TYR B 191 -39.48 18.28 -21.64
CA TYR B 191 -40.11 18.23 -20.33
C TYR B 191 -39.45 19.21 -19.38
N LYS B 192 -40.27 19.82 -18.52
CA LYS B 192 -39.73 20.69 -17.48
C LYS B 192 -39.08 19.88 -16.37
N ALA B 193 -39.72 18.78 -15.94
CA ALA B 193 -39.18 18.01 -14.84
C ALA B 193 -39.97 16.71 -14.68
N ALA B 194 -39.44 15.81 -13.87
CA ALA B 194 -40.09 14.57 -13.51
C ALA B 194 -39.53 14.11 -12.18
N PHE B 195 -40.41 13.81 -11.22
CA PHE B 195 -39.98 13.61 -9.84
C PHE B 195 -41.02 12.78 -9.13
N PRO B 196 -40.63 12.05 -8.07
CA PRO B 196 -41.64 11.47 -7.17
C PRO B 196 -42.28 12.56 -6.32
N LEU B 197 -43.13 12.18 -5.38
CA LEU B 197 -43.85 13.15 -4.57
C LEU B 197 -43.64 12.88 -3.08
N HIS B 198 -43.60 13.96 -2.30
CA HIS B 198 -43.46 13.83 -0.86
C HIS B 198 -44.79 13.41 -0.23
N ASP B 199 -44.71 12.86 0.98
CA ASP B 199 -45.92 12.39 1.65
C ASP B 199 -46.88 13.55 1.92
N CYS B 200 -46.39 14.61 2.55
CA CYS B 200 -47.24 15.72 2.97
C CYS B 200 -46.35 16.85 3.44
N ARG B 201 -46.96 17.95 3.88
CA ARG B 201 -46.18 19.08 4.37
C ARG B 201 -45.30 18.62 5.52
N PHE B 202 -44.06 19.13 5.53
CA PHE B 202 -43.16 18.79 6.61
C PHE B 202 -43.68 19.30 7.95
N ASN B 203 -44.26 20.50 7.97
CA ASN B 203 -44.63 21.13 9.23
C ASN B 203 -46.08 20.87 9.65
N TYR B 204 -46.86 20.15 8.85
CA TYR B 204 -48.19 19.71 9.26
C TYR B 204 -48.39 18.26 8.87
N GLU B 205 -49.29 17.58 9.59
CA GLU B 205 -49.64 16.21 9.26
C GLU B 205 -50.48 16.15 7.99
N SER B 206 -50.47 14.99 7.34
CA SER B 206 -51.32 14.79 6.19
C SER B 206 -52.78 14.77 6.61
N GLU B 207 -53.63 15.43 5.84
CA GLU B 207 -55.06 15.40 6.14
C GLU B 207 -55.64 14.01 5.93
N ASP B 208 -54.99 13.20 5.10
CA ASP B 208 -55.44 11.82 4.88
C ASP B 208 -55.00 10.95 6.05
N ILE B 209 -55.96 10.30 6.71
CA ILE B 209 -55.64 9.55 7.92
C ILE B 209 -54.72 8.38 7.61
N SER B 210 -54.98 7.65 6.51
CA SER B 210 -54.18 6.48 6.21
C SER B 210 -52.72 6.83 5.95
N CYS B 211 -52.45 8.05 5.51
CA CYS B 211 -51.09 8.41 5.13
C CYS B 211 -50.16 8.30 6.32
N PRO B 212 -49.00 7.66 6.19
CA PRO B 212 -48.05 7.65 7.31
C PRO B 212 -47.60 9.04 7.72
N SER B 213 -47.50 9.97 6.78
CA SER B 213 -46.99 11.31 7.05
C SER B 213 -45.57 11.25 7.58
N GLU B 214 -44.83 10.22 7.18
CA GLU B 214 -43.50 9.99 7.77
C GLU B 214 -42.58 11.16 7.53
N ARG B 215 -42.86 12.00 6.53
CA ARG B 215 -42.12 13.25 6.42
C ARG B 215 -42.31 14.09 7.67
N TYR B 216 -43.53 14.10 8.21
CA TYR B 216 -43.79 14.84 9.45
C TYR B 216 -42.90 14.33 10.57
N LEU B 217 -42.83 13.01 10.74
CA LEU B 217 -42.00 12.46 11.80
C LEU B 217 -40.52 12.77 11.57
N LEU B 218 -40.07 12.65 10.31
CA LEU B 218 -38.66 12.95 10.03
C LEU B 218 -38.35 14.40 10.39
N TYR B 219 -39.24 15.33 10.05
CA TYR B 219 -39.00 16.72 10.39
C TYR B 219 -39.00 16.91 11.90
N ARG B 220 -39.95 16.28 12.61
CA ARG B 220 -40.05 16.46 14.04
C ARG B 220 -38.81 15.93 14.77
N GLU B 221 -38.31 14.78 14.35
CA GLU B 221 -37.25 14.09 15.08
C GLU B 221 -35.87 14.30 14.46
N TRP B 222 -35.76 14.12 13.14
CA TRP B 222 -34.44 14.13 12.50
C TRP B 222 -33.98 15.56 12.20
N ALA B 223 -34.72 16.27 11.36
CA ALA B 223 -34.43 17.67 11.08
C ALA B 223 -34.97 18.54 12.21
N HIS B 224 -35.08 19.85 11.99
CA HIS B 224 -35.64 20.71 13.02
C HIS B 224 -34.79 20.66 14.29
N PRO B 225 -33.66 21.38 14.33
CA PRO B 225 -32.63 21.11 15.33
C PRO B 225 -33.13 21.01 16.76
N ARG B 226 -34.38 21.34 17.03
CA ARG B 226 -34.97 21.10 18.33
C ARG B 226 -34.58 19.72 18.85
N SER B 227 -34.47 18.75 17.94
CA SER B 227 -33.89 17.45 18.27
C SER B 227 -32.44 17.39 17.83
N ILE B 228 -31.59 18.18 18.51
CA ILE B 228 -30.19 18.27 18.16
C ILE B 228 -29.39 17.07 18.67
N TYR B 229 -29.90 16.37 19.68
CA TYR B 229 -29.12 15.36 20.40
C TYR B 229 -29.56 13.94 20.12
N LYS B 230 -30.86 13.68 19.97
CA LYS B 230 -31.34 12.32 19.78
C LYS B 230 -30.66 11.68 18.58
N LYS B 231 -30.27 10.42 18.73
CA LYS B 231 -29.60 9.73 17.64
C LYS B 231 -30.53 9.63 16.43
N GLN B 232 -29.97 9.90 15.27
CA GLN B 232 -30.75 9.95 14.04
C GLN B 232 -31.19 8.54 13.64
N PRO B 233 -32.47 8.34 13.31
CA PRO B 233 -32.96 7.00 12.97
C PRO B 233 -32.60 6.60 11.54
N LEU B 234 -31.42 6.03 11.36
CA LEU B 234 -30.95 5.69 10.01
C LEU B 234 -31.94 4.78 9.29
N ASP B 235 -32.70 3.97 10.01
CA ASP B 235 -33.62 3.06 9.35
C ASP B 235 -34.70 3.81 8.59
N LEU B 236 -35.30 4.82 9.23
CA LEU B 236 -36.33 5.60 8.55
C LEU B 236 -35.73 6.39 7.39
N ILE B 237 -34.51 6.89 7.55
CA ILE B 237 -33.85 7.59 6.46
C ILE B 237 -33.69 6.68 5.26
N ARG B 238 -33.23 5.44 5.49
CA ARG B 238 -33.12 4.49 4.40
C ARG B 238 -34.48 4.25 3.77
N LYS B 239 -35.50 4.05 4.59
CA LYS B 239 -36.84 3.78 4.05
C LYS B 239 -37.29 4.90 3.13
N TYR B 240 -37.15 6.14 3.57
CA TYR B 240 -37.70 7.27 2.83
C TYR B 240 -36.84 7.62 1.63
N TYR B 241 -35.56 7.92 1.86
CA TYR B 241 -34.67 8.41 0.81
C TYR B 241 -33.77 7.32 0.23
N GLY B 242 -33.89 6.09 0.70
CA GLY B 242 -33.10 5.01 0.15
C GLY B 242 -31.71 4.92 0.74
N GLU B 243 -30.93 3.97 0.22
CA GLU B 243 -29.61 3.69 0.76
C GLU B 243 -28.59 4.75 0.37
N LYS B 244 -28.75 5.40 -0.79
CA LYS B 244 -27.75 6.36 -1.21
C LYS B 244 -27.61 7.50 -0.21
N ILE B 245 -28.70 7.85 0.47
CA ILE B 245 -28.66 8.90 1.48
C ILE B 245 -28.35 8.33 2.86
N GLY B 246 -28.91 7.17 3.17
CA GLY B 246 -28.65 6.56 4.46
C GLY B 246 -27.18 6.27 4.68
N ILE B 247 -26.49 5.82 3.63
CA ILE B 247 -25.07 5.53 3.76
C ILE B 247 -24.31 6.80 4.13
N TYR B 248 -24.59 7.89 3.43
CA TYR B 248 -23.89 9.14 3.70
C TYR B 248 -24.17 9.60 5.13
N PHE B 249 -25.42 9.52 5.57
CA PHE B 249 -25.75 10.05 6.88
C PHE B 249 -25.18 9.16 7.99
N ALA B 250 -25.16 7.84 7.79
CA ALA B 250 -24.53 6.97 8.77
C ALA B 250 -23.03 7.23 8.84
N TRP B 251 -22.39 7.42 7.67
CA TRP B 251 -20.99 7.79 7.67
C TRP B 251 -20.77 9.06 8.47
N LEU B 252 -21.62 10.06 8.27
CA LEU B 252 -21.47 11.32 8.99
C LEU B 252 -21.63 11.12 10.50
N GLY B 253 -22.60 10.31 10.92
CA GLY B 253 -22.79 10.07 12.34
C GLY B 253 -21.61 9.38 12.98
N TYR B 254 -21.10 8.33 12.33
CA TYR B 254 -19.93 7.64 12.85
C TYR B 254 -18.74 8.60 12.91
N TYR B 255 -18.58 9.42 11.87
CA TYR B 255 -17.59 10.49 11.87
C TYR B 255 -17.73 11.37 13.10
N THR B 256 -18.95 11.78 13.42
CA THR B 256 -19.15 12.71 14.53
C THR B 256 -18.76 12.07 15.85
N GLN B 257 -19.12 10.80 16.05
CA GLN B 257 -18.74 10.14 17.30
C GLN B 257 -17.22 10.05 17.45
N MET B 258 -16.53 9.65 16.37
CA MET B 258 -15.08 9.58 16.44
C MET B 258 -14.46 10.95 16.67
N LEU B 259 -15.07 12.02 16.12
CA LEU B 259 -14.62 13.36 16.44
C LEU B 259 -14.89 13.74 17.88
N LEU B 260 -15.95 13.21 18.52
CA LEU B 260 -16.10 13.43 19.95
C LEU B 260 -14.91 12.88 20.71
N LEU B 261 -14.53 11.64 20.40
CA LEU B 261 -13.35 11.07 21.05
C LEU B 261 -12.13 11.95 20.80
N ALA B 262 -11.90 12.32 19.54
CA ALA B 262 -10.72 13.10 19.19
C ALA B 262 -10.72 14.45 19.90
N ALA B 263 -11.89 15.09 19.98
CA ALA B 263 -11.97 16.40 20.62
C ALA B 263 -11.68 16.30 22.11
N VAL B 264 -12.17 15.26 22.77
CA VAL B 264 -11.86 15.08 24.19
C VAL B 264 -10.35 14.96 24.37
N VAL B 265 -9.70 14.12 23.56
CA VAL B 265 -8.27 13.91 23.74
C VAL B 265 -7.49 15.18 23.41
N GLY B 266 -7.88 15.89 22.35
CA GLY B 266 -7.19 17.11 21.99
C GLY B 266 -7.34 18.20 23.05
N VAL B 267 -8.52 18.31 23.64
CA VAL B 267 -8.72 19.27 24.71
C VAL B 267 -7.87 18.90 25.91
N ALA B 268 -7.75 17.60 26.19
CA ALA B 268 -6.88 17.17 27.28
C ALA B 268 -5.44 17.62 27.02
N CYS B 269 -4.94 17.38 25.81
CA CYS B 269 -3.56 17.75 25.49
C CYS B 269 -3.37 19.26 25.61
N PHE B 270 -4.29 20.04 25.05
CA PHE B 270 -4.16 21.49 25.12
C PHE B 270 -4.24 21.97 26.56
N LEU B 271 -5.10 21.37 27.37
CA LEU B 271 -5.22 21.77 28.76
C LEU B 271 -3.93 21.49 29.52
N TYR B 272 -3.32 20.33 29.28
CA TYR B 272 -2.04 20.06 29.91
C TYR B 272 -1.00 21.08 29.48
N GLY B 273 -0.95 21.41 28.19
CA GLY B 273 -0.01 22.41 27.73
C GLY B 273 -0.24 23.76 28.39
N TYR B 274 -1.51 24.10 28.64
CA TYR B 274 -1.82 25.40 29.22
C TYR B 274 -1.48 25.45 30.69
N LEU B 275 -1.80 24.40 31.45
CA LEU B 275 -1.50 24.42 32.87
C LEU B 275 -0.02 24.27 33.15
N ASP B 276 0.78 23.90 32.15
CA ASP B 276 2.23 23.73 32.30
C ASP B 276 2.92 24.89 31.59
N GLN B 277 3.09 25.99 32.32
CA GLN B 277 3.79 27.16 31.82
C GLN B 277 4.89 27.64 32.74
N ASP B 278 4.81 27.34 34.04
CA ASP B 278 5.87 27.72 34.96
C ASP B 278 7.16 26.98 34.67
N ASN B 279 7.11 25.93 33.84
CA ASN B 279 8.28 25.13 33.51
C ASN B 279 8.71 25.26 32.05
N CYS B 280 8.19 26.23 31.31
CA CYS B 280 8.60 26.45 29.93
C CYS B 280 9.76 27.44 29.95
N THR B 281 10.96 26.89 30.17
CA THR B 281 12.10 27.73 30.52
C THR B 281 12.42 28.74 29.44
N TRP B 282 12.48 28.29 28.18
CA TRP B 282 12.95 29.18 27.13
C TRP B 282 12.05 30.39 26.98
N SER B 283 10.75 30.24 27.20
CA SER B 283 9.87 31.40 27.17
C SER B 283 10.15 32.33 28.34
N LYS B 284 10.46 31.78 29.51
CA LYS B 284 10.85 32.62 30.63
C LYS B 284 12.09 33.44 30.29
N GLU B 285 13.07 32.80 29.65
CA GLU B 285 14.29 33.51 29.26
C GLU B 285 13.99 34.59 28.23
N VAL B 286 13.12 34.29 27.27
CA VAL B 286 12.77 35.28 26.26
C VAL B 286 12.08 36.49 26.91
N CYS B 287 11.15 36.22 27.82
CA CYS B 287 10.42 37.31 28.47
C CYS B 287 11.27 38.05 29.48
N ASP B 288 12.28 37.41 30.05
CA ASP B 288 13.07 38.02 31.10
C ASP B 288 13.79 39.25 30.56
N PRO B 289 13.66 40.43 31.18
CA PRO B 289 14.36 41.61 30.67
C PRO B 289 15.87 41.50 30.76
N ASP B 290 16.40 40.65 31.63
CA ASP B 290 17.83 40.52 31.82
C ASP B 290 18.49 39.55 30.84
N ILE B 291 17.70 38.75 30.11
CA ILE B 291 18.26 37.79 29.16
C ILE B 291 17.72 38.11 27.77
N GLY B 292 16.40 38.00 27.60
CA GLY B 292 15.81 38.29 26.31
C GLY B 292 15.96 39.74 25.92
N GLY B 293 15.81 40.65 26.88
CA GLY B 293 15.88 42.06 26.57
C GLY B 293 17.23 42.48 26.00
N GLN B 294 18.30 41.86 26.48
CA GLN B 294 19.64 42.25 26.05
C GLN B 294 20.01 41.69 24.69
N ILE B 295 19.27 40.71 24.18
CA ILE B 295 19.56 40.14 22.86
C ILE B 295 19.08 41.14 21.81
N LEU B 296 20.03 41.84 21.18
CA LEU B 296 19.71 42.83 20.15
C LEU B 296 19.66 42.12 18.81
N MET B 297 18.46 41.73 18.39
CA MET B 297 18.32 40.95 17.16
C MET B 297 18.66 41.81 15.95
N CYS B 298 18.52 41.25 14.76
CA CYS B 298 19.01 41.89 13.57
C CYS B 298 17.87 42.09 12.58
N PRO B 299 17.80 43.22 11.88
CA PRO B 299 16.61 43.50 11.06
C PRO B 299 16.39 42.42 10.00
N GLN B 300 15.12 42.15 9.73
CA GLN B 300 14.73 41.10 8.80
C GLN B 300 14.68 41.65 7.36
N CYS B 301 13.94 42.74 7.17
CA CYS B 301 13.74 43.34 5.86
C CYS B 301 15.04 43.99 5.37
N ASP B 302 14.95 44.71 4.25
CA ASP B 302 16.09 45.48 3.78
C ASP B 302 16.28 46.72 4.64
N ARG B 303 15.36 47.67 4.56
CA ARG B 303 15.46 48.91 5.32
C ARG B 303 14.13 49.43 5.86
N LEU B 304 13.03 48.68 5.73
CA LEU B 304 11.74 49.13 6.23
C LEU B 304 11.47 48.73 7.66
N CYS B 305 12.36 47.96 8.29
CA CYS B 305 12.21 47.49 9.66
C CYS B 305 13.54 47.59 10.41
N PRO B 306 13.55 48.12 11.65
CA PRO B 306 14.81 48.37 12.34
C PRO B 306 15.29 47.20 13.19
N PHE B 307 16.38 47.43 13.93
CA PHE B 307 16.79 46.51 14.98
C PHE B 307 15.70 46.37 16.03
N TRP B 308 15.70 45.23 16.71
CA TRP B 308 14.70 44.97 17.73
C TRP B 308 15.27 44.03 18.78
N ARG B 309 14.70 44.08 19.97
CA ARG B 309 15.16 43.28 21.09
C ARG B 309 14.22 42.11 21.32
N LEU B 310 14.79 40.95 21.63
CA LEU B 310 14.04 39.70 21.57
C LEU B 310 12.89 39.67 22.56
N ASN B 311 12.92 40.51 23.59
CA ASN B 311 11.90 40.43 24.63
C ASN B 311 10.53 40.93 24.16
N ILE B 312 10.42 41.53 22.98
CA ILE B 312 9.15 42.04 22.50
C ILE B 312 8.27 40.90 22.02
N THR B 313 8.79 39.67 22.03
CA THR B 313 8.07 38.50 21.59
C THR B 313 7.69 37.59 22.76
N CYS B 314 7.46 38.17 23.95
CA CYS B 314 7.05 37.36 25.09
C CYS B 314 5.70 36.72 24.85
N GLU B 315 4.76 37.46 24.25
CA GLU B 315 3.44 36.91 23.98
C GLU B 315 3.54 35.72 23.03
N SER B 316 4.31 35.88 21.95
CA SER B 316 4.50 34.79 21.00
C SER B 316 5.18 33.60 21.67
N SER B 317 6.14 33.86 22.55
CA SER B 317 6.83 32.78 23.25
C SER B 317 5.85 31.99 24.12
N LYS B 318 5.00 32.68 24.85
CA LYS B 318 4.01 31.98 25.67
C LYS B 318 3.05 31.17 24.80
N LYS B 319 2.59 31.76 23.68
CA LYS B 319 1.72 31.01 22.78
C LYS B 319 2.41 29.75 22.29
N LEU B 320 3.67 29.87 21.88
CA LEU B 320 4.40 28.70 21.38
C LEU B 320 4.59 27.67 22.48
N CYS B 321 4.79 28.12 23.71
CA CYS B 321 4.81 27.19 24.83
C CYS B 321 3.50 26.41 24.91
N ILE B 322 2.38 27.10 24.66
CA ILE B 322 1.09 26.42 24.68
C ILE B 322 1.00 25.39 23.54
N PHE B 323 1.39 25.78 22.33
CA PHE B 323 1.14 24.97 21.15
C PHE B 323 2.27 24.01 20.80
N ASP B 324 3.44 24.16 21.40
CA ASP B 324 4.65 23.47 20.94
C ASP B 324 5.28 22.66 22.06
N SER B 325 4.47 21.91 22.80
CA SER B 325 4.95 21.08 23.89
C SER B 325 4.93 19.60 23.47
N PHE B 326 5.36 18.74 24.39
CA PHE B 326 5.29 17.30 24.13
C PHE B 326 3.85 16.85 23.93
N GLY B 327 2.88 17.57 24.49
CA GLY B 327 1.50 17.26 24.20
C GLY B 327 1.21 17.24 22.72
N THR B 328 1.88 18.11 21.95
CA THR B 328 1.72 18.09 20.51
C THR B 328 2.18 16.77 19.92
N LEU B 329 3.33 16.25 20.37
CA LEU B 329 3.78 14.95 19.89
C LEU B 329 2.80 13.85 20.29
N ILE B 330 2.31 13.90 21.53
CA ILE B 330 1.36 12.88 21.97
C ILE B 330 0.13 12.90 21.07
N PHE B 331 -0.37 14.10 20.78
CA PHE B 331 -1.56 14.21 19.95
C PHE B 331 -1.28 13.77 18.52
N ALA B 332 -0.08 14.06 18.01
CA ALA B 332 0.26 13.62 16.66
C ALA B 332 0.23 12.11 16.56
N VAL B 333 0.86 11.43 17.51
CA VAL B 333 0.89 9.96 17.46
C VAL B 333 -0.51 9.40 17.69
N PHE B 334 -1.26 10.01 18.62
CA PHE B 334 -2.61 9.54 18.88
C PHE B 334 -3.48 9.67 17.65
N MET B 335 -3.34 10.77 16.90
CA MET B 335 -4.11 10.94 15.67
C MET B 335 -3.63 9.96 14.60
N GLY B 336 -2.33 9.68 14.56
CA GLY B 336 -1.83 8.70 13.63
C GLY B 336 -2.47 7.34 13.84
N VAL B 337 -2.67 6.96 15.09
CA VAL B 337 -3.39 5.72 15.37
C VAL B 337 -4.89 5.90 15.10
N TRP B 338 -5.42 7.08 15.40
CA TRP B 338 -6.86 7.30 15.37
C TRP B 338 -7.40 7.22 13.95
N VAL B 339 -6.64 7.72 12.97
CA VAL B 339 -7.10 7.66 11.59
C VAL B 339 -7.28 6.22 11.14
N THR B 340 -6.29 5.36 11.45
CA THR B 340 -6.39 3.96 11.06
C THR B 340 -7.52 3.27 11.80
N LEU B 341 -7.66 3.54 13.10
CA LEU B 341 -8.76 2.94 13.84
C LEU B 341 -10.10 3.36 13.25
N PHE B 342 -10.21 4.63 12.87
CA PHE B 342 -11.43 5.13 12.25
C PHE B 342 -11.73 4.41 10.95
N LEU B 343 -10.70 4.23 10.11
CA LEU B 343 -10.91 3.53 8.85
C LEU B 343 -11.38 2.10 9.08
N GLU B 344 -10.74 1.39 10.00
CA GLU B 344 -11.08 -0.02 10.20
C GLU B 344 -12.48 -0.17 10.78
N PHE B 345 -12.81 0.63 11.79
CA PHE B 345 -14.16 0.55 12.33
C PHE B 345 -15.19 0.98 11.30
N TRP B 346 -14.84 1.91 10.41
CA TRP B 346 -15.76 2.26 9.34
C TRP B 346 -15.98 1.09 8.41
N LYS B 347 -14.93 0.33 8.12
CA LYS B 347 -15.11 -0.86 7.28
C LYS B 347 -16.03 -1.86 7.95
N ARG B 348 -15.85 -2.07 9.26
CA ARG B 348 -16.74 -2.98 9.99
C ARG B 348 -18.19 -2.49 9.92
N ARG B 349 -18.39 -1.19 10.13
CA ARG B 349 -19.74 -0.64 10.10
C ARG B 349 -20.34 -0.74 8.71
N GLN B 350 -19.51 -0.54 7.68
CA GLN B 350 -19.97 -0.68 6.31
C GLN B 350 -20.45 -2.09 6.04
N ALA B 351 -19.69 -3.09 6.48
CA ALA B 351 -20.12 -4.47 6.31
C ALA B 351 -21.42 -4.73 7.06
N GLU B 352 -21.53 -4.22 8.29
CA GLU B 352 -22.74 -4.43 9.07
C GLU B 352 -23.95 -3.85 8.35
N LEU B 353 -23.84 -2.60 7.89
CA LEU B 353 -24.97 -1.96 7.21
C LEU B 353 -25.27 -2.66 5.90
N GLU B 354 -24.23 -3.09 5.17
CA GLU B 354 -24.43 -3.78 3.90
C GLU B 354 -25.24 -5.05 4.10
N TYR B 355 -24.93 -5.80 5.16
CA TYR B 355 -25.75 -6.97 5.47
C TYR B 355 -27.15 -6.56 5.89
N GLU B 356 -27.26 -5.59 6.80
CA GLU B 356 -28.55 -5.27 7.40
C GLU B 356 -29.54 -4.79 6.36
N TRP B 357 -29.09 -3.96 5.42
CA TRP B 357 -29.95 -3.45 4.36
C TRP B 357 -30.03 -4.40 3.16
N ASP B 358 -29.64 -5.66 3.34
CA ASP B 358 -29.82 -6.72 2.35
C ASP B 358 -29.62 -6.20 0.93
N THR B 359 -28.44 -5.64 0.70
CA THR B 359 -28.10 -5.08 -0.60
C THR B 359 -27.20 -5.99 -1.43
N VAL B 360 -26.98 -7.24 -1.02
CA VAL B 360 -26.01 -8.09 -1.71
C VAL B 360 -26.43 -8.35 -3.15
N GLU B 361 -27.67 -8.78 -3.36
CA GLU B 361 -28.08 -9.23 -4.70
C GLU B 361 -28.23 -8.06 -5.66
N LEU B 362 -28.76 -6.93 -5.18
CA LEU B 362 -28.82 -5.73 -6.01
C LEU B 362 -27.42 -5.19 -6.29
N GLN B 363 -26.51 -5.28 -5.32
CA GLN B 363 -25.14 -4.86 -5.56
C GLN B 363 -24.50 -5.72 -6.64
N GLN B 364 -24.72 -7.03 -6.59
CA GLN B 364 -24.23 -7.90 -7.66
C GLN B 364 -24.87 -7.54 -8.99
N GLU B 365 -26.17 -7.28 -9.00
CA GLU B 365 -26.88 -6.89 -10.20
C GLU B 365 -26.53 -5.44 -10.52
N GLU B 366 -25.53 -5.25 -11.37
CA GLU B 366 -25.05 -3.91 -11.71
C GLU B 366 -25.01 -3.77 -13.23
N GLN B 367 -25.56 -2.66 -13.71
CA GLN B 367 -25.54 -2.36 -15.13
C GLN B 367 -25.43 -0.85 -15.30
N ALA B 368 -24.51 -0.43 -16.17
CA ALA B 368 -24.25 0.98 -16.41
C ALA B 368 -24.65 1.34 -17.83
N ARG B 369 -25.27 2.51 -17.97
CA ARG B 369 -25.79 3.00 -19.24
C ARG B 369 -24.94 4.16 -19.74
N PRO B 370 -24.57 4.17 -21.03
CA PRO B 370 -23.74 5.27 -21.54
C PRO B 370 -24.45 6.62 -21.39
N GLU B 371 -23.65 7.67 -21.21
CA GLU B 371 -24.19 8.99 -20.95
C GLU B 371 -25.08 9.47 -22.09
N TYR B 372 -26.11 10.23 -21.73
CA TYR B 372 -27.00 10.83 -22.70
C TYR B 372 -26.38 12.03 -23.40
N GLU B 373 -25.34 12.63 -22.82
CA GLU B 373 -24.74 13.83 -23.39
C GLU B 373 -23.69 13.50 -24.46
N ALA B 374 -23.11 12.30 -24.40
CA ALA B 374 -21.93 12.02 -25.24
C ALA B 374 -22.24 12.21 -26.72
N GLN B 375 -23.37 11.67 -27.19
CA GLN B 375 -23.71 11.75 -28.61
C GLN B 375 -25.21 11.98 -28.78
N LEU B 404 -6.47 11.07 -25.47
CA LEU B 404 -5.06 11.42 -25.49
C LEU B 404 -4.59 11.95 -24.14
N CYS B 405 -3.27 12.03 -23.98
CA CYS B 405 -2.69 12.58 -22.76
C CYS B 405 -2.77 14.10 -22.73
N ALA B 406 -3.23 14.73 -23.80
CA ALA B 406 -3.30 16.19 -23.83
C ALA B 406 -4.14 16.73 -22.69
N SER B 407 -5.32 16.14 -22.46
CA SER B 407 -6.18 16.60 -21.39
C SER B 407 -5.48 16.48 -20.03
N ALA B 408 -4.86 15.32 -19.77
CA ALA B 408 -4.22 15.11 -18.48
C ALA B 408 -3.06 16.07 -18.27
N VAL B 409 -2.23 16.28 -19.29
CA VAL B 409 -1.09 17.16 -19.14
C VAL B 409 -1.58 18.60 -18.92
N PHE B 410 -2.59 19.03 -19.68
CA PHE B 410 -3.12 20.37 -19.49
C PHE B 410 -3.67 20.54 -18.08
N PHE B 411 -4.36 19.51 -17.58
CA PHE B 411 -4.87 19.54 -16.22
C PHE B 411 -3.73 19.69 -15.22
N TRP B 412 -2.63 18.97 -15.44
CA TRP B 412 -1.50 19.08 -14.52
C TRP B 412 -0.87 20.46 -14.56
N ILE B 413 -0.75 21.06 -15.74
CA ILE B 413 -0.24 22.43 -15.81
C ILE B 413 -1.15 23.37 -15.05
N LEU B 414 -2.47 23.23 -15.23
CA LEU B 414 -3.40 24.08 -14.50
C LEU B 414 -3.23 23.88 -13.01
N LEU B 415 -2.99 22.64 -12.58
CA LEU B 415 -2.75 22.38 -11.16
C LEU B 415 -1.53 23.14 -10.66
N ILE B 416 -0.45 23.11 -11.44
CA ILE B 416 0.77 23.81 -11.02
C ILE B 416 0.50 25.31 -10.90
N ILE B 417 -0.17 25.89 -11.90
CA ILE B 417 -0.46 27.32 -11.80
C ILE B 417 -1.37 27.59 -10.62
N ALA B 418 -2.30 26.69 -10.30
CA ALA B 418 -3.14 26.88 -9.13
C ALA B 418 -2.30 26.98 -7.87
N SER B 419 -1.32 26.08 -7.73
CA SER B 419 -0.45 26.12 -6.57
C SER B 419 0.32 27.43 -6.49
N VAL B 420 0.90 27.86 -7.61
CA VAL B 420 1.67 29.10 -7.61
C VAL B 420 0.77 30.28 -7.24
N ILE B 421 -0.44 30.30 -7.80
CA ILE B 421 -1.37 31.39 -7.51
C ILE B 421 -1.69 31.43 -6.02
N GLY B 422 -1.91 30.26 -5.41
CA GLY B 422 -2.20 30.23 -3.99
C GLY B 422 -1.06 30.81 -3.16
N ILE B 423 0.16 30.37 -3.45
CA ILE B 423 1.31 30.87 -2.71
C ILE B 423 1.43 32.38 -2.87
N ILE B 424 1.30 32.86 -4.11
CA ILE B 424 1.46 34.28 -4.37
C ILE B 424 0.38 35.08 -3.67
N VAL B 425 -0.85 34.60 -3.66
CA VAL B 425 -1.92 35.38 -3.03
C VAL B 425 -1.71 35.46 -1.53
N TYR B 426 -1.26 34.37 -0.90
CA TYR B 426 -0.97 34.46 0.53
C TYR B 426 0.15 35.47 0.78
N ARG B 427 1.22 35.40 -0.01
CA ARG B 427 2.34 36.31 0.20
C ARG B 427 1.91 37.76 0.02
N LEU B 428 1.12 38.04 -1.02
CA LEU B 428 0.67 39.41 -1.26
C LEU B 428 -0.26 39.88 -0.15
N SER B 429 -1.13 39.02 0.35
CA SER B 429 -2.00 39.41 1.46
C SER B 429 -1.16 39.85 2.65
N VAL B 430 -0.18 39.03 3.03
CA VAL B 430 0.68 39.39 4.14
C VAL B 430 1.40 40.70 3.85
N PHE B 431 1.92 40.84 2.62
CA PHE B 431 2.70 42.03 2.30
C PHE B 431 1.86 43.29 2.40
N ILE B 432 0.63 43.27 1.89
CA ILE B 432 -0.18 44.47 1.92
C ILE B 432 -0.62 44.78 3.34
N VAL B 433 -0.96 43.75 4.12
CA VAL B 433 -1.38 44.01 5.50
C VAL B 433 -0.22 44.60 6.30
N PHE B 434 1.01 44.22 5.95
CA PHE B 434 2.16 44.81 6.63
C PHE B 434 2.43 46.23 6.11
N SER B 435 2.25 46.45 4.81
CA SER B 435 2.54 47.76 4.24
C SER B 435 1.59 48.82 4.77
N THR B 436 0.30 48.49 4.88
CA THR B 436 -0.67 49.48 5.35
C THR B 436 -0.34 49.97 6.75
N THR B 437 0.41 49.20 7.53
CA THR B 437 0.85 49.65 8.84
C THR B 437 1.86 50.78 8.70
N LEU B 438 1.68 51.82 9.50
CA LEU B 438 2.55 53.00 9.43
C LEU B 438 2.56 53.58 8.02
N LEU B 452 -5.26 41.38 21.31
CA LEU B 452 -5.20 42.70 20.72
C LEU B 452 -3.78 43.05 20.28
N THR B 453 -2.89 42.07 20.33
CA THR B 453 -1.50 42.32 19.99
C THR B 453 -1.40 42.74 18.53
N PRO B 454 -0.64 43.80 18.21
CA PRO B 454 -0.56 44.22 16.80
C PRO B 454 -0.05 43.13 15.88
N GLN B 455 0.92 42.34 16.31
CA GLN B 455 1.44 41.27 15.46
C GLN B 455 0.37 40.22 15.18
N MET B 456 -0.33 39.78 16.23
CA MET B 456 -1.39 38.79 16.04
C MET B 456 -2.56 39.37 15.26
N ALA B 457 -2.85 40.66 15.47
CA ALA B 457 -3.89 41.30 14.67
C ALA B 457 -3.52 41.30 13.19
N THR B 458 -2.25 41.59 12.89
CA THR B 458 -1.79 41.53 11.51
C THR B 458 -1.91 40.12 10.94
N SER B 459 -1.53 39.12 11.73
CA SER B 459 -1.63 37.75 11.26
C SER B 459 -3.08 37.38 10.97
N ILE B 460 -3.99 37.78 11.86
CA ILE B 460 -5.40 37.46 11.67
C ILE B 460 -5.94 38.14 10.42
N THR B 461 -5.58 39.41 10.22
CA THR B 461 -6.03 40.11 9.03
C THR B 461 -5.54 39.39 7.77
N ALA B 462 -4.25 39.04 7.75
CA ALA B 462 -3.71 38.36 6.59
C ALA B 462 -4.46 37.06 6.31
N SER B 463 -4.73 36.29 7.36
CA SER B 463 -5.48 35.06 7.18
C SER B 463 -6.88 35.35 6.65
N ILE B 464 -7.48 36.45 7.10
CA ILE B 464 -8.83 36.78 6.65
C ILE B 464 -8.86 37.05 5.15
N ILE B 465 -7.96 37.90 4.68
CA ILE B 465 -7.93 38.17 3.24
C ILE B 465 -7.58 36.90 2.47
N SER B 466 -6.66 36.10 2.98
CA SER B 466 -6.30 34.86 2.30
C SER B 466 -7.52 33.97 2.13
N PHE B 467 -8.30 33.82 3.20
CA PHE B 467 -9.50 32.98 3.13
C PHE B 467 -10.51 33.57 2.16
N ILE B 468 -10.65 34.89 2.14
CA ILE B 468 -11.59 35.51 1.20
C ILE B 468 -11.21 35.15 -0.23
N ILE B 469 -9.93 35.33 -0.57
CA ILE B 469 -9.51 35.02 -1.93
C ILE B 469 -9.68 33.53 -2.23
N ILE B 470 -9.43 32.67 -1.23
CA ILE B 470 -9.59 31.24 -1.46
C ILE B 470 -11.04 30.92 -1.78
N MET B 471 -11.98 31.49 -1.03
CA MET B 471 -13.39 31.23 -1.30
C MET B 471 -13.78 31.74 -2.68
N ILE B 472 -13.29 32.92 -3.06
CA ILE B 472 -13.60 33.45 -4.39
C ILE B 472 -13.08 32.49 -5.46
N LEU B 473 -11.86 32.00 -5.28
CA LEU B 473 -11.23 31.17 -6.30
C LEU B 473 -11.80 29.75 -6.35
N ASN B 474 -12.46 29.31 -5.28
CA ASN B 474 -13.03 27.97 -5.26
C ASN B 474 -14.05 27.77 -6.38
N THR B 475 -14.93 28.75 -6.59
CA THR B 475 -15.95 28.60 -7.62
C THR B 475 -15.32 28.55 -9.01
N ILE B 476 -14.33 29.40 -9.26
CA ILE B 476 -13.65 29.34 -10.55
C ILE B 476 -13.01 27.99 -10.75
N TYR B 477 -12.40 27.42 -9.71
CA TYR B 477 -11.77 26.11 -9.88
C TYR B 477 -12.82 25.03 -10.14
N GLU B 478 -13.97 25.11 -9.48
CA GLU B 478 -15.03 24.14 -9.76
C GLU B 478 -15.47 24.25 -11.22
N LYS B 479 -15.67 25.48 -11.71
CA LYS B 479 -16.11 25.65 -13.09
C LYS B 479 -15.06 25.12 -14.05
N VAL B 480 -13.79 25.40 -13.78
CA VAL B 480 -12.72 24.94 -14.67
C VAL B 480 -12.66 23.42 -14.66
N ALA B 481 -12.86 22.79 -13.51
CA ALA B 481 -12.87 21.34 -13.46
C ALA B 481 -14.01 20.79 -14.31
N ILE B 482 -15.19 21.41 -14.20
CA ILE B 482 -16.33 20.95 -14.99
C ILE B 482 -16.02 21.05 -16.48
N MET B 483 -15.49 22.20 -16.91
CA MET B 483 -15.17 22.36 -18.33
C MET B 483 -14.13 21.34 -18.78
N ILE B 484 -13.08 21.15 -17.99
CA ILE B 484 -12.02 20.23 -18.39
C ILE B 484 -12.57 18.82 -18.53
N THR B 485 -13.38 18.38 -17.56
CA THR B 485 -13.91 17.02 -17.64
C THR B 485 -14.97 16.91 -18.74
N ASN B 486 -15.54 18.03 -19.18
CA ASN B 486 -16.53 17.98 -20.25
C ASN B 486 -15.86 17.76 -21.60
N PHE B 487 -14.68 18.33 -21.80
CA PHE B 487 -13.97 18.12 -23.06
C PHE B 487 -13.76 16.64 -23.33
N GLU B 488 -13.20 15.92 -22.35
CA GLU B 488 -13.17 14.48 -22.44
C GLU B 488 -14.60 13.93 -22.35
N LEU B 489 -14.83 12.80 -23.03
CA LEU B 489 -16.16 12.20 -23.10
C LEU B 489 -16.17 10.90 -22.29
N PRO B 490 -16.43 10.97 -20.99
CA PRO B 490 -16.59 9.73 -20.22
C PRO B 490 -17.75 8.92 -20.77
N ARG B 491 -17.58 7.59 -20.80
CA ARG B 491 -18.54 6.76 -21.51
C ARG B 491 -19.88 6.70 -20.79
N THR B 492 -19.86 6.62 -19.47
CA THR B 492 -21.09 6.48 -18.68
C THR B 492 -21.04 7.46 -17.53
N GLN B 493 -22.15 7.54 -16.79
CA GLN B 493 -22.25 8.50 -15.70
C GLN B 493 -21.20 8.22 -14.62
N THR B 494 -20.91 6.94 -14.35
CA THR B 494 -19.93 6.61 -13.34
C THR B 494 -18.54 7.13 -13.71
N ASP B 495 -18.16 6.99 -14.98
CA ASP B 495 -16.86 7.52 -15.41
C ASP B 495 -16.80 9.02 -15.23
N TYR B 496 -17.87 9.71 -15.62
CA TYR B 496 -17.91 11.16 -15.46
C TYR B 496 -17.79 11.55 -14.00
N GLU B 497 -18.52 10.86 -13.13
CA GLU B 497 -18.50 11.17 -11.71
C GLU B 497 -17.11 10.94 -11.12
N ASN B 498 -16.45 9.84 -11.49
CA ASN B 498 -15.13 9.58 -10.94
C ASN B 498 -14.11 10.59 -11.44
N SER B 499 -14.16 10.94 -12.73
CA SER B 499 -13.24 11.95 -13.24
C SER B 499 -13.45 13.28 -12.52
N LEU B 500 -14.71 13.68 -12.34
CA LEU B 500 -14.99 14.91 -11.62
C LEU B 500 -14.48 14.82 -10.19
N THR B 501 -14.70 13.68 -9.53
CA THR B 501 -14.19 13.51 -8.18
C THR B 501 -12.70 13.78 -8.12
N MET B 502 -11.93 13.12 -8.98
CA MET B 502 -10.49 13.28 -8.93
C MET B 502 -10.09 14.73 -9.20
N LYS B 503 -10.61 15.31 -10.29
CA LYS B 503 -10.17 16.66 -10.67
C LYS B 503 -10.55 17.69 -9.61
N MET B 504 -11.80 17.64 -9.13
CA MET B 504 -12.23 18.59 -8.11
C MET B 504 -11.44 18.43 -6.84
N PHE B 505 -11.19 17.18 -6.42
CA PHE B 505 -10.40 17.00 -5.20
C PHE B 505 -9.01 17.58 -5.36
N LEU B 506 -8.36 17.34 -6.50
CA LEU B 506 -7.02 17.89 -6.68
C LEU B 506 -7.05 19.42 -6.63
N PHE B 507 -8.01 20.04 -7.33
CA PHE B 507 -8.09 21.50 -7.32
C PHE B 507 -8.32 22.02 -5.91
N GLN B 508 -9.30 21.45 -5.20
CA GLN B 508 -9.59 21.94 -3.86
C GLN B 508 -8.40 21.74 -2.93
N PHE B 509 -7.75 20.57 -3.01
CA PHE B 509 -6.58 20.32 -2.17
C PHE B 509 -5.53 21.39 -2.39
N VAL B 510 -5.15 21.61 -3.66
CA VAL B 510 -4.11 22.59 -3.93
C VAL B 510 -4.54 23.96 -3.43
N ASN B 511 -5.75 24.39 -3.80
CA ASN B 511 -6.18 25.73 -3.46
C ASN B 511 -6.20 25.95 -1.96
N TYR B 512 -6.71 24.98 -1.20
CA TYR B 512 -6.89 25.17 0.23
C TYR B 512 -5.59 25.03 1.00
N TYR B 513 -4.69 24.15 0.57
CA TYR B 513 -3.52 23.82 1.38
C TYR B 513 -2.22 24.41 0.85
N SER B 514 -2.23 25.13 -0.27
CA SER B 514 -0.98 25.69 -0.77
C SER B 514 -0.38 26.66 0.24
N SER B 515 -1.21 27.55 0.79
CA SER B 515 -0.71 28.52 1.76
C SER B 515 -0.19 27.84 3.01
N CYS B 516 -0.92 26.85 3.51
CA CYS B 516 -0.48 26.15 4.71
C CYS B 516 0.84 25.44 4.48
N PHE B 517 0.99 24.77 3.33
CA PHE B 517 2.26 24.12 3.03
C PHE B 517 3.38 25.13 2.91
N TYR B 518 3.11 26.28 2.29
CA TYR B 518 4.14 27.31 2.19
C TYR B 518 4.59 27.75 3.58
N ILE B 519 3.64 28.09 4.44
CA ILE B 519 4.00 28.51 5.79
C ILE B 519 4.81 27.43 6.48
N ALA B 520 4.37 26.17 6.36
CA ALA B 520 5.00 25.08 7.11
C ALA B 520 6.43 24.84 6.64
N PHE B 521 6.67 24.85 5.33
CA PHE B 521 7.89 24.27 4.79
C PHE B 521 8.76 25.21 4.00
N PHE B 522 8.22 26.27 3.39
CA PHE B 522 8.99 27.12 2.50
C PHE B 522 9.22 28.52 3.06
N LYS B 523 8.84 28.77 4.31
CA LYS B 523 8.92 30.10 4.88
C LYS B 523 10.12 30.19 5.81
N GLY B 524 11.06 31.07 5.47
CA GLY B 524 12.22 31.26 6.30
C GLY B 524 13.05 30.01 6.47
N LYS B 525 13.24 29.25 5.39
CA LYS B 525 14.01 28.02 5.45
C LYS B 525 15.30 28.06 4.65
N PHE B 526 15.40 28.90 3.63
CA PHE B 526 16.60 28.99 2.82
C PHE B 526 16.99 30.44 2.61
N VAL B 527 17.01 31.19 3.70
CA VAL B 527 17.46 32.59 3.69
C VAL B 527 18.85 32.63 4.33
N GLY B 528 19.80 33.21 3.62
CA GLY B 528 21.17 33.23 4.08
C GLY B 528 21.38 34.20 5.22
N TYR B 529 22.63 34.28 5.67
CA TYR B 529 22.96 35.21 6.73
C TYR B 529 22.88 36.64 6.23
N PRO B 530 22.75 37.61 7.13
CA PRO B 530 22.52 39.00 6.68
C PRO B 530 23.57 39.52 5.73
N GLY B 531 24.81 39.04 5.83
CA GLY B 531 25.84 39.51 4.93
C GLY B 531 25.51 39.21 3.47
N ASP B 532 24.94 38.05 3.20
CA ASP B 532 24.63 37.61 1.84
C ASP B 532 23.19 37.13 1.78
N PRO B 533 22.23 38.06 1.80
CA PRO B 533 20.82 37.64 1.78
C PRO B 533 20.50 36.87 0.50
N VAL B 534 19.57 35.93 0.63
CA VAL B 534 19.15 35.07 -0.47
C VAL B 534 17.91 35.67 -1.11
N TYR B 535 17.98 35.90 -2.41
CA TYR B 535 16.84 36.35 -3.20
C TYR B 535 16.39 35.23 -4.12
N LEU B 536 15.08 35.01 -4.19
CA LEU B 536 14.56 33.91 -4.98
C LEU B 536 14.98 34.03 -6.44
N LEU B 537 14.57 35.11 -7.10
CA LEU B 537 14.98 35.35 -8.49
C LEU B 537 15.37 36.80 -8.73
N GLY B 538 15.58 37.58 -7.68
CA GLY B 538 15.92 38.98 -7.85
C GLY B 538 14.88 39.90 -7.27
N LYS B 539 15.30 40.75 -6.33
CA LYS B 539 14.45 41.78 -5.75
C LYS B 539 13.36 41.19 -4.87
N TYR B 540 13.32 39.86 -4.74
CA TYR B 540 12.35 39.18 -3.88
C TYR B 540 13.10 38.50 -2.74
N ARG B 541 13.24 39.21 -1.63
CA ARG B 541 13.90 38.66 -0.46
C ARG B 541 13.00 37.63 0.22
N SER B 542 13.62 36.54 0.68
CA SER B 542 12.87 35.51 1.38
C SER B 542 12.45 36.00 2.76
N GLU B 543 11.19 35.74 3.11
CA GLU B 543 10.70 36.07 4.44
C GLU B 543 11.16 35.03 5.44
N GLU B 544 11.38 35.47 6.68
CA GLU B 544 11.85 34.57 7.74
C GLU B 544 11.04 34.81 9.01
N CYS B 545 11.04 33.78 9.85
CA CYS B 545 10.26 33.79 11.08
C CYS B 545 11.04 34.41 12.22
N ASP B 546 10.35 34.63 13.33
CA ASP B 546 10.98 35.04 14.58
C ASP B 546 11.74 33.86 15.16
N PRO B 547 12.50 34.07 16.23
CA PRO B 547 13.28 32.97 16.80
C PRO B 547 12.47 31.74 17.14
N GLY B 548 11.23 31.91 17.61
CA GLY B 548 10.42 30.75 17.93
C GLY B 548 10.05 29.94 16.71
N GLY B 549 9.72 30.60 15.60
CA GLY B 549 9.31 29.95 14.38
C GLY B 549 8.00 30.51 13.87
N CYS B 550 7.51 29.89 12.79
CA CYS B 550 6.25 30.26 12.18
C CYS B 550 5.12 29.30 12.54
N LEU B 551 5.28 28.50 13.59
CA LEU B 551 4.23 27.57 13.96
C LEU B 551 2.97 28.29 14.36
N LEU B 552 3.10 29.41 15.08
CA LEU B 552 1.92 30.17 15.49
C LEU B 552 1.23 30.79 14.28
N GLU B 553 2.00 31.29 13.32
CA GLU B 553 1.41 31.77 12.07
C GLU B 553 0.64 30.67 11.38
N LEU B 554 1.22 29.48 11.30
CA LEU B 554 0.53 28.37 10.65
C LEU B 554 -0.77 28.03 11.38
N THR B 555 -0.74 28.01 12.71
CA THR B 555 -1.95 27.71 13.47
C THR B 555 -3.02 28.76 13.22
N THR B 556 -2.64 30.03 13.19
CA THR B 556 -3.62 31.08 12.92
C THR B 556 -4.23 30.91 11.54
N GLN B 557 -3.38 30.68 10.53
CA GLN B 557 -3.88 30.47 9.17
C GLN B 557 -4.87 29.30 9.14
N LEU B 558 -4.48 28.18 9.75
CA LEU B 558 -5.31 26.99 9.72
C LEU B 558 -6.65 27.23 10.39
N THR B 559 -6.65 27.78 11.61
CA THR B 559 -7.90 27.97 12.31
C THR B 559 -8.80 28.96 11.57
N ILE B 560 -8.23 30.05 11.05
CA ILE B 560 -9.04 31.03 10.35
C ILE B 560 -9.66 30.41 9.11
N ILE B 561 -8.85 29.73 8.29
CA ILE B 561 -9.38 29.19 7.04
C ILE B 561 -10.44 28.13 7.32
N MET B 562 -10.18 27.23 8.29
CA MET B 562 -11.13 26.17 8.57
C MET B 562 -12.44 26.73 9.09
N GLY B 563 -12.38 27.64 10.07
CA GLY B 563 -13.59 28.21 10.61
C GLY B 563 -14.38 29.00 9.58
N GLY B 564 -13.69 29.81 8.77
CA GLY B 564 -14.38 30.56 7.73
C GLY B 564 -15.04 29.66 6.71
N LYS B 565 -14.33 28.61 6.27
CA LYS B 565 -14.94 27.66 5.36
C LYS B 565 -16.20 27.08 5.95
N ALA B 566 -16.11 26.61 7.19
CA ALA B 566 -17.29 26.01 7.82
C ALA B 566 -18.45 26.99 7.87
N ILE B 567 -18.20 28.21 8.37
CA ILE B 567 -19.28 29.17 8.59
C ILE B 567 -19.91 29.57 7.26
N TRP B 568 -19.08 29.96 6.29
CA TRP B 568 -19.60 30.39 5.00
C TRP B 568 -20.35 29.27 4.31
N ASN B 569 -19.80 28.06 4.32
CA ASN B 569 -20.45 26.95 3.64
C ASN B 569 -21.80 26.63 4.28
N ASN B 570 -21.86 26.62 5.61
CA ASN B 570 -23.14 26.32 6.27
C ASN B 570 -24.16 27.40 5.99
N ILE B 571 -23.74 28.68 6.04
CA ILE B 571 -24.69 29.76 5.78
C ILE B 571 -25.19 29.68 4.35
N GLN B 572 -24.30 29.43 3.39
CA GLN B 572 -24.70 29.30 2.00
C GLN B 572 -25.68 28.15 1.82
N GLU B 573 -25.36 26.99 2.40
CA GLU B 573 -26.25 25.83 2.27
C GLU B 573 -27.63 26.14 2.84
N VAL B 574 -27.69 26.76 4.00
CA VAL B 574 -28.98 27.02 4.62
C VAL B 574 -29.76 28.06 3.81
N LEU B 575 -29.07 29.08 3.29
CA LEU B 575 -29.77 30.21 2.71
C LEU B 575 -30.17 29.98 1.26
N LEU B 576 -29.22 29.61 0.41
CA LEU B 576 -29.43 29.74 -1.03
C LEU B 576 -30.70 29.04 -1.52
N PRO B 577 -30.95 27.77 -1.21
CA PRO B 577 -32.25 27.18 -1.58
C PRO B 577 -33.42 27.97 -1.02
N TRP B 578 -33.31 28.46 0.22
CA TRP B 578 -34.43 29.14 0.85
C TRP B 578 -34.75 30.44 0.11
N VAL B 579 -33.72 31.19 -0.27
CA VAL B 579 -33.95 32.44 -0.99
C VAL B 579 -34.49 32.16 -2.38
N MET B 580 -34.00 31.10 -3.04
CA MET B 580 -34.55 30.77 -4.35
C MET B 580 -36.04 30.41 -4.25
N ASN B 581 -36.40 29.63 -3.24
CA ASN B 581 -37.81 29.29 -3.06
C ASN B 581 -38.63 30.55 -2.78
N LEU B 582 -38.10 31.45 -1.95
CA LEU B 582 -38.83 32.68 -1.66
C LEU B 582 -39.04 33.52 -2.91
N ILE B 583 -38.02 33.60 -3.77
CA ILE B 583 -38.16 34.35 -5.02
C ILE B 583 -39.25 33.71 -5.89
N GLY B 584 -39.19 32.38 -6.04
CA GLY B 584 -40.22 31.71 -6.81
C GLY B 584 -41.62 31.97 -6.28
N ARG B 585 -41.77 31.94 -4.95
CA ARG B 585 -43.08 32.19 -4.36
C ARG B 585 -43.53 33.62 -4.58
N TYR B 586 -42.64 34.58 -4.35
CA TYR B 586 -42.98 35.98 -4.56
C TYR B 586 -43.28 36.28 -6.02
N LYS B 587 -42.87 35.40 -6.94
CA LYS B 587 -43.32 35.50 -8.32
C LYS B 587 -44.69 34.88 -8.53
N ARG B 588 -45.29 34.29 -7.50
CA ARG B 588 -46.63 33.71 -7.56
C ARG B 588 -47.49 34.23 -6.41
N VAL B 589 -47.44 35.54 -6.18
CA VAL B 589 -48.23 36.14 -5.11
C VAL B 589 -49.70 36.17 -5.50
N SER B 590 -50.04 35.65 -6.68
CA SER B 590 -51.43 35.50 -7.09
C SER B 590 -52.27 35.02 -5.91
N GLY B 591 -53.38 35.70 -5.68
CA GLY B 591 -54.22 35.41 -4.53
C GLY B 591 -54.98 34.11 -4.66
N SER B 592 -54.26 32.99 -4.66
CA SER B 592 -54.92 31.69 -4.64
C SER B 592 -55.83 31.58 -3.43
N GLU B 593 -55.30 31.88 -2.25
CA GLU B 593 -56.06 31.85 -1.00
C GLU B 593 -56.93 30.61 -0.92
N LYS B 594 -56.39 29.49 -1.40
CA LYS B 594 -57.11 28.23 -1.44
C LYS B 594 -56.15 27.13 -1.00
N ILE B 595 -56.56 25.89 -1.24
CA ILE B 595 -55.73 24.71 -1.00
C ILE B 595 -55.36 24.12 -2.35
N THR B 596 -54.06 23.87 -2.55
CA THR B 596 -53.51 23.50 -3.84
C THR B 596 -52.97 22.08 -3.83
N PRO B 597 -52.88 21.43 -4.99
CA PRO B 597 -52.54 20.00 -5.01
C PRO B 597 -51.08 19.74 -4.68
N ARG B 598 -50.81 18.49 -4.28
CA ARG B 598 -49.46 18.11 -3.87
C ARG B 598 -48.45 18.26 -5.00
N TRP B 599 -48.78 17.75 -6.18
CA TRP B 599 -47.82 17.81 -7.29
C TRP B 599 -47.47 19.25 -7.65
N GLU B 600 -48.48 20.12 -7.72
CA GLU B 600 -48.22 21.50 -8.09
C GLU B 600 -47.34 22.19 -7.06
N GLN B 601 -47.56 21.90 -5.78
CA GLN B 601 -46.77 22.55 -4.75
C GLN B 601 -45.35 22.01 -4.70
N ASP B 602 -45.19 20.71 -4.91
CA ASP B 602 -43.85 20.12 -4.94
C ASP B 602 -43.09 20.50 -6.19
N TYR B 603 -43.77 20.97 -7.24
CA TYR B 603 -43.03 21.38 -8.43
C TYR B 603 -42.17 22.61 -8.17
N HIS B 604 -42.54 23.43 -7.19
CA HIS B 604 -41.84 24.68 -6.94
C HIS B 604 -40.53 24.52 -6.17
N LEU B 605 -40.29 23.34 -5.58
CA LEU B 605 -39.05 23.12 -4.86
C LEU B 605 -37.87 23.03 -5.82
N GLN B 606 -36.67 23.12 -5.27
CA GLN B 606 -35.47 23.10 -6.10
C GLN B 606 -35.19 21.68 -6.59
N PRO B 607 -34.40 21.56 -7.66
CA PRO B 607 -34.26 20.24 -8.31
C PRO B 607 -33.18 19.34 -7.76
N MET B 608 -32.17 19.85 -7.04
CA MET B 608 -31.07 19.02 -6.58
C MET B 608 -30.35 18.36 -7.75
N GLY B 609 -29.64 19.20 -8.51
CA GLY B 609 -29.02 18.78 -9.76
C GLY B 609 -28.31 17.45 -9.66
N LYS B 610 -28.13 16.79 -10.83
CA LYS B 610 -27.91 15.35 -10.86
C LYS B 610 -26.70 14.90 -10.07
N LEU B 611 -25.73 15.79 -9.80
CA LEU B 611 -24.57 15.37 -9.04
C LEU B 611 -24.97 14.79 -7.69
N GLY B 612 -25.82 15.50 -6.96
CA GLY B 612 -26.37 14.95 -5.73
C GLY B 612 -25.52 15.30 -4.53
N LEU B 613 -25.18 14.27 -3.75
CA LEU B 613 -24.40 14.44 -2.54
C LEU B 613 -22.92 14.64 -2.81
N PHE B 614 -22.54 14.90 -4.06
CA PHE B 614 -21.13 15.06 -4.40
C PHE B 614 -20.50 16.20 -3.61
N TYR B 615 -21.16 17.35 -3.57
CA TYR B 615 -20.60 18.49 -2.88
C TYR B 615 -20.58 18.28 -1.36
N GLU B 616 -21.61 17.62 -0.82
CA GLU B 616 -21.59 17.30 0.60
C GLU B 616 -20.37 16.45 0.95
N TYR B 617 -20.14 15.40 0.16
CA TYR B 617 -18.98 14.55 0.40
C TYR B 617 -17.69 15.35 0.24
N LEU B 618 -17.65 16.25 -0.74
CA LEU B 618 -16.44 17.03 -0.97
C LEU B 618 -16.11 17.90 0.24
N GLU B 619 -17.12 18.60 0.78
CA GLU B 619 -16.88 19.45 1.93
C GLU B 619 -16.45 18.61 3.13
N MET B 620 -17.08 17.45 3.34
CA MET B 620 -16.69 16.62 4.47
C MET B 620 -15.27 16.08 4.30
N ILE B 621 -14.88 15.75 3.07
CA ILE B 621 -13.52 15.26 2.83
C ILE B 621 -12.50 16.35 3.09
N ILE B 622 -12.80 17.57 2.66
CA ILE B 622 -11.88 18.67 2.93
C ILE B 622 -11.76 18.91 4.44
N GLN B 623 -12.90 18.82 5.15
CA GLN B 623 -12.85 18.96 6.61
C GLN B 623 -11.98 17.89 7.24
N PHE B 624 -12.13 16.64 6.81
CA PHE B 624 -11.31 15.56 7.35
C PHE B 624 -9.84 15.81 7.07
N GLY B 625 -9.53 16.30 5.87
CA GLY B 625 -8.16 16.63 5.55
C GLY B 625 -7.59 17.70 6.47
N PHE B 626 -8.37 18.74 6.75
CA PHE B 626 -7.91 19.76 7.69
C PHE B 626 -7.72 19.18 9.09
N VAL B 627 -8.64 18.31 9.52
CA VAL B 627 -8.55 17.74 10.85
C VAL B 627 -7.29 16.89 10.99
N THR B 628 -6.96 16.12 9.96
CA THR B 628 -5.89 15.12 10.09
C THR B 628 -4.52 15.64 9.68
N LEU B 629 -4.43 16.35 8.55
CA LEU B 629 -3.12 16.68 7.98
C LEU B 629 -2.30 17.56 8.90
N PHE B 630 -2.91 18.61 9.46
CA PHE B 630 -2.19 19.66 10.15
C PHE B 630 -2.47 19.71 11.65
N VAL B 631 -2.96 18.61 12.23
CA VAL B 631 -3.30 18.63 13.64
C VAL B 631 -2.07 18.87 14.51
N ALA B 632 -0.87 18.65 13.97
CA ALA B 632 0.34 18.84 14.76
C ALA B 632 0.57 20.29 15.15
N SER B 633 -0.15 21.23 14.54
CA SER B 633 -0.01 22.64 14.85
C SER B 633 -1.23 23.24 15.52
N PHE B 634 -2.33 22.50 15.58
CA PHE B 634 -3.58 23.01 16.15
C PHE B 634 -4.31 21.86 16.81
N PRO B 635 -4.02 21.57 18.08
CA PRO B 635 -4.67 20.44 18.75
C PRO B 635 -6.16 20.61 18.93
N LEU B 636 -6.71 21.81 18.76
CA LEU B 636 -8.13 22.06 18.96
C LEU B 636 -8.95 21.88 17.70
N ALA B 637 -8.35 21.45 16.59
CA ALA B 637 -9.12 21.26 15.36
C ALA B 637 -10.26 20.27 15.53
N PRO B 638 -10.10 19.13 16.19
CA PRO B 638 -11.24 18.21 16.35
C PRO B 638 -12.43 18.83 17.04
N LEU B 639 -12.24 19.78 17.96
CA LEU B 639 -13.38 20.43 18.60
C LEU B 639 -14.17 21.24 17.58
N LEU B 640 -13.48 22.00 16.74
CA LEU B 640 -14.15 22.75 15.69
C LEU B 640 -14.87 21.82 14.73
N ALA B 641 -14.21 20.71 14.36
CA ALA B 641 -14.85 19.73 13.50
C ALA B 641 -16.10 19.15 14.15
N LEU B 642 -16.04 18.91 15.46
CA LEU B 642 -17.21 18.39 16.17
C LEU B 642 -18.37 19.37 16.11
N VAL B 643 -18.11 20.64 16.39
CA VAL B 643 -19.18 21.62 16.32
C VAL B 643 -19.76 21.67 14.92
N ASN B 644 -18.87 21.70 13.91
CA ASN B 644 -19.30 21.76 12.53
C ASN B 644 -20.19 20.58 12.19
N ASN B 645 -19.80 19.37 12.58
CA ASN B 645 -20.54 18.18 12.19
C ASN B 645 -21.85 18.05 12.96
N ILE B 646 -21.86 18.38 14.25
CA ILE B 646 -23.10 18.28 14.99
C ILE B 646 -24.11 19.32 14.50
N LEU B 647 -23.63 20.44 13.92
CA LEU B 647 -24.55 21.32 13.21
C LEU B 647 -24.93 20.76 11.84
N GLU B 648 -23.96 20.17 11.14
CA GLU B 648 -24.15 19.78 9.75
C GLU B 648 -25.17 18.66 9.63
N ILE B 649 -25.20 17.73 10.59
CA ILE B 649 -26.21 16.68 10.54
C ILE B 649 -27.58 17.31 10.31
N ARG B 650 -27.97 18.20 11.20
CA ARG B 650 -29.31 18.79 11.12
C ARG B 650 -29.42 19.78 9.96
N VAL B 651 -28.33 20.47 9.61
CA VAL B 651 -28.39 21.39 8.47
C VAL B 651 -28.71 20.62 7.20
N ASP B 652 -27.97 19.56 6.94
CA ASP B 652 -28.19 18.75 5.75
C ASP B 652 -29.56 18.09 5.79
N ALA B 653 -29.96 17.58 6.95
CA ALA B 653 -31.28 16.97 7.05
C ALA B 653 -32.36 17.97 6.71
N TRP B 654 -32.28 19.18 7.26
CA TRP B 654 -33.31 20.19 7.03
C TRP B 654 -33.35 20.60 5.56
N LYS B 655 -32.19 20.84 4.97
CA LYS B 655 -32.18 21.27 3.58
C LYS B 655 -32.72 20.17 2.68
N LEU B 656 -32.39 18.91 2.98
CA LEU B 656 -32.85 17.81 2.15
C LEU B 656 -34.32 17.50 2.34
N THR B 657 -34.88 17.77 3.51
CA THR B 657 -36.27 17.42 3.77
C THR B 657 -37.25 18.55 3.51
N THR B 658 -36.79 19.80 3.50
CA THR B 658 -37.69 20.94 3.47
C THR B 658 -37.44 21.90 2.31
N GLN B 659 -36.42 21.68 1.49
CA GLN B 659 -36.12 22.63 0.42
C GLN B 659 -35.72 21.94 -0.88
N PHE B 660 -36.15 20.69 -1.09
CA PHE B 660 -35.71 19.98 -2.29
C PHE B 660 -36.76 18.95 -2.69
N ARG B 661 -36.88 18.72 -3.99
CA ARG B 661 -37.75 17.66 -4.49
C ARG B 661 -37.15 16.31 -4.17
N ARG B 662 -38.01 15.31 -4.07
CA ARG B 662 -37.58 13.96 -3.71
C ARG B 662 -36.58 13.43 -4.74
N MET B 663 -35.36 13.17 -4.30
CA MET B 663 -34.40 12.49 -5.16
C MET B 663 -34.87 11.07 -5.44
N VAL B 664 -34.61 10.59 -6.65
CA VAL B 664 -34.94 9.20 -6.97
C VAL B 664 -34.04 8.27 -6.17
N PRO B 665 -34.57 7.29 -5.44
CA PRO B 665 -33.70 6.41 -4.66
C PRO B 665 -32.81 5.57 -5.55
N GLU B 666 -31.68 5.15 -4.98
CA GLU B 666 -30.85 4.11 -5.57
C GLU B 666 -30.08 3.43 -4.43
N LYS B 667 -29.10 2.62 -4.79
CA LYS B 667 -28.27 1.91 -3.84
C LYS B 667 -26.80 2.04 -4.23
N ALA B 668 -25.94 1.92 -3.22
CA ALA B 668 -24.51 2.01 -3.45
C ALA B 668 -23.79 1.08 -2.49
N GLN B 669 -22.66 0.53 -2.96
CA GLN B 669 -21.83 -0.30 -2.11
C GLN B 669 -21.27 0.49 -0.94
N ASP B 670 -20.63 1.62 -1.23
CA ASP B 670 -19.91 2.39 -0.22
C ASP B 670 -20.10 3.87 -0.54
N ILE B 671 -19.29 4.72 0.09
CA ILE B 671 -19.41 6.15 -0.15
C ILE B 671 -19.14 6.46 -1.61
N GLY B 672 -18.16 5.78 -2.20
CA GLY B 672 -17.88 5.97 -3.61
C GLY B 672 -16.40 6.10 -3.91
N ALA B 673 -16.06 6.99 -4.85
CA ALA B 673 -14.67 7.20 -5.22
C ALA B 673 -13.87 7.90 -4.13
N TRP B 674 -14.53 8.41 -3.09
CA TRP B 674 -13.81 9.14 -2.05
C TRP B 674 -12.92 8.23 -1.24
N GLN B 675 -13.23 6.94 -1.16
CA GLN B 675 -12.47 6.04 -0.30
C GLN B 675 -10.98 6.03 -0.62
N PRO B 676 -10.56 5.82 -1.87
CA PRO B 676 -9.13 5.96 -2.17
C PRO B 676 -8.58 7.31 -1.76
N ILE B 677 -9.37 8.37 -1.89
CA ILE B 677 -8.91 9.69 -1.46
C ILE B 677 -8.63 9.68 0.03
N MET B 678 -9.52 9.09 0.83
CA MET B 678 -9.30 9.05 2.27
C MET B 678 -8.08 8.22 2.62
N GLN B 679 -7.89 7.08 1.95
CA GLN B 679 -6.69 6.28 2.23
C GLN B 679 -5.43 7.05 1.89
N GLY B 680 -5.44 7.76 0.76
CA GLY B 680 -4.27 8.57 0.42
C GLY B 680 -4.01 9.65 1.43
N ILE B 681 -5.07 10.31 1.90
CA ILE B 681 -4.92 11.35 2.92
C ILE B 681 -4.32 10.74 4.19
N ALA B 682 -4.80 9.57 4.60
CA ALA B 682 -4.27 8.94 5.80
C ALA B 682 -2.80 8.59 5.63
N ILE B 683 -2.42 8.09 4.45
CA ILE B 683 -1.02 7.75 4.23
C ILE B 683 -0.15 9.00 4.27
N LEU B 684 -0.59 10.08 3.62
CA LEU B 684 0.22 11.29 3.55
C LEU B 684 0.22 12.07 4.87
N ALA B 685 -0.75 11.80 5.75
CA ALA B 685 -0.79 12.53 7.01
C ALA B 685 0.44 12.26 7.85
N VAL B 686 0.93 11.02 7.85
CA VAL B 686 2.11 10.70 8.64
C VAL B 686 3.31 11.49 8.16
N VAL B 687 3.50 11.56 6.85
CA VAL B 687 4.61 12.32 6.31
C VAL B 687 4.46 13.80 6.66
N THR B 688 3.25 14.33 6.51
CA THR B 688 3.05 15.75 6.79
C THR B 688 3.35 16.05 8.25
N ASN B 689 2.86 15.22 9.17
CA ASN B 689 3.08 15.46 10.59
C ASN B 689 4.55 15.35 10.95
N ALA B 690 5.22 14.32 10.43
CA ALA B 690 6.64 14.17 10.71
C ALA B 690 7.42 15.38 10.23
N MET B 691 7.16 15.83 9.00
CA MET B 691 7.88 16.96 8.46
C MET B 691 7.57 18.24 9.25
N ILE B 692 6.31 18.41 9.66
CA ILE B 692 5.95 19.58 10.44
C ILE B 692 6.75 19.62 11.73
N ILE B 693 6.72 18.50 12.47
CA ILE B 693 7.41 18.47 13.76
C ILE B 693 8.91 18.65 13.57
N ALA B 694 9.46 18.11 12.48
CA ALA B 694 10.90 18.18 12.28
C ALA B 694 11.35 19.58 11.92
N PHE B 695 10.65 20.23 10.99
CA PHE B 695 11.14 21.48 10.41
C PHE B 695 10.37 22.70 10.87
N THR B 696 9.04 22.68 10.83
CA THR B 696 8.29 23.87 11.21
C THR B 696 8.48 24.20 12.68
N SER B 697 8.41 23.19 13.54
CA SER B 697 8.54 23.39 14.97
C SER B 697 10.00 23.56 15.36
N ASP B 698 10.25 23.77 16.65
CA ASP B 698 11.60 23.89 17.17
C ASP B 698 11.85 22.96 18.35
N MET B 699 11.07 21.88 18.46
CA MET B 699 11.31 20.91 19.52
C MET B 699 12.66 20.21 19.33
N ILE B 700 13.00 19.90 18.09
CA ILE B 700 14.23 19.12 17.84
C ILE B 700 15.47 19.90 18.24
N PRO B 701 15.67 21.15 17.82
CA PRO B 701 16.84 21.90 18.32
C PRO B 701 16.86 22.00 19.83
N ARG B 702 15.70 22.16 20.46
CA ARG B 702 15.66 22.25 21.91
C ARG B 702 16.16 20.95 22.54
N LEU B 703 15.67 19.82 22.07
CA LEU B 703 16.10 18.54 22.63
C LEU B 703 17.58 18.33 22.39
N VAL B 704 18.07 18.68 21.21
CA VAL B 704 19.49 18.51 20.92
C VAL B 704 20.32 19.34 21.89
N TYR B 705 19.93 20.60 22.09
CA TYR B 705 20.67 21.44 23.03
C TYR B 705 20.64 20.84 24.43
N TYR B 706 19.47 20.40 24.87
CA TYR B 706 19.33 19.91 26.23
C TYR B 706 20.20 18.68 26.45
N TRP B 707 20.21 17.76 25.50
CA TRP B 707 20.90 16.49 25.70
C TRP B 707 22.38 16.54 25.35
N SER B 708 22.82 17.49 24.52
CA SER B 708 24.16 17.43 24.00
C SER B 708 24.89 18.76 23.91
N PHE B 709 24.36 19.84 24.49
CA PHE B 709 25.06 21.12 24.45
C PHE B 709 25.01 21.89 25.76
N SER B 710 24.44 21.34 26.82
CA SER B 710 24.53 21.91 28.15
C SER B 710 25.56 21.20 29.02
N ILE B 711 26.64 20.75 28.39
CA ILE B 711 27.60 19.85 29.04
C ILE B 711 29.01 20.32 28.72
N PRO B 712 29.99 19.89 29.50
CA PRO B 712 31.30 20.56 29.50
C PRO B 712 31.94 20.60 28.13
N PRO B 713 31.83 19.53 27.32
CA PRO B 713 32.52 19.57 26.01
C PRO B 713 32.17 20.81 25.19
N TYR B 714 30.90 21.22 25.20
CA TYR B 714 30.47 22.43 24.51
C TYR B 714 29.85 23.43 25.47
N GLY B 715 28.96 22.98 26.35
CA GLY B 715 28.30 23.86 27.30
C GLY B 715 29.11 24.03 28.57
N ASP B 716 28.42 24.54 29.59
CA ASP B 716 29.04 24.80 30.88
C ASP B 716 28.30 24.19 32.05
N HIS B 717 27.02 23.86 31.90
CA HIS B 717 26.24 23.36 33.03
C HIS B 717 26.68 21.95 33.41
N THR B 718 26.71 21.69 34.72
CA THR B 718 27.16 20.40 35.21
C THR B 718 26.26 19.27 34.73
N TYR B 719 24.95 19.47 34.76
CA TYR B 719 23.99 18.47 34.35
C TYR B 719 23.04 19.06 33.31
N TYR B 720 22.36 18.18 32.57
CA TYR B 720 21.51 18.63 31.47
C TYR B 720 20.52 19.66 31.95
N THR B 721 20.31 20.69 31.14
CA THR B 721 19.38 21.75 31.50
C THR B 721 19.05 22.54 30.25
N MET B 722 17.97 23.31 30.33
CA MET B 722 17.55 24.19 29.25
C MET B 722 18.04 25.62 29.43
N ASP B 723 18.82 25.90 30.47
CA ASP B 723 19.24 27.27 30.74
C ASP B 723 20.26 27.72 29.71
N GLY B 724 20.23 29.01 29.40
CA GLY B 724 21.15 29.55 28.43
C GLY B 724 20.93 29.06 27.02
N TYR B 725 19.76 28.50 26.74
CA TYR B 725 19.49 28.00 25.40
C TYR B 725 19.35 29.16 24.41
N ILE B 726 18.62 30.20 24.79
CA ILE B 726 18.38 31.32 23.88
C ILE B 726 19.69 31.96 23.49
N ASN B 727 20.53 32.29 24.47
CA ASN B 727 21.78 32.98 24.17
C ASN B 727 22.75 32.07 23.42
N ASN B 728 22.91 30.82 23.89
CA ASN B 728 23.89 29.94 23.28
C ASN B 728 23.48 29.47 21.90
N THR B 729 22.21 29.62 21.52
CA THR B 729 21.77 29.19 20.20
C THR B 729 21.79 30.34 19.19
N LEU B 730 21.28 31.51 19.57
CA LEU B 730 21.24 32.64 18.65
C LEU B 730 22.65 32.95 18.16
N SER B 731 22.80 33.11 16.85
CA SER B 731 24.11 33.32 16.26
C SER B 731 24.49 34.80 16.36
N VAL B 732 25.62 35.16 15.75
CA VAL B 732 26.12 36.53 15.79
C VAL B 732 26.52 36.95 14.38
N PHE B 733 26.50 38.26 14.15
CA PHE B 733 26.88 38.83 12.87
C PHE B 733 27.48 40.21 13.10
N ASN B 734 28.59 40.50 12.42
CA ASN B 734 29.30 41.75 12.60
C ASN B 734 28.82 42.73 11.54
N ILE B 735 28.39 43.92 11.96
CA ILE B 735 27.64 44.80 11.08
C ILE B 735 28.50 45.25 9.90
N THR B 736 29.76 45.56 10.16
CA THR B 736 30.63 46.05 9.10
C THR B 736 30.97 45.00 8.07
N ASP B 737 30.63 43.74 8.31
CA ASP B 737 31.01 42.65 7.43
C ASP B 737 30.03 42.46 6.28
N PHE B 738 29.24 43.46 5.95
CA PHE B 738 28.30 43.37 4.83
C PHE B 738 29.05 43.54 3.52
N LYS B 739 29.02 42.50 2.68
CA LYS B 739 29.62 42.57 1.36
C LYS B 739 28.54 42.92 0.33
N ASN B 740 28.87 42.75 -0.95
CA ASN B 740 27.97 43.08 -2.06
C ASN B 740 27.88 44.58 -2.27
N THR B 741 27.82 45.00 -3.54
CA THR B 741 27.88 46.42 -3.90
C THR B 741 26.51 47.08 -3.93
N ASP B 742 25.42 46.33 -4.09
CA ASP B 742 24.09 46.92 -4.16
C ASP B 742 23.56 47.19 -2.76
N LYS B 743 23.01 48.38 -2.56
CA LYS B 743 22.45 48.80 -1.28
C LYS B 743 23.48 48.59 -0.16
N GLU B 744 24.57 49.34 -0.26
CA GLU B 744 25.68 49.22 0.67
C GLU B 744 25.33 49.65 2.08
N ASN B 745 24.19 50.32 2.28
CA ASN B 745 23.85 50.95 3.56
C ASN B 745 22.48 50.50 4.02
N PRO B 746 22.33 49.21 4.38
CA PRO B 746 21.09 48.78 5.04
C PRO B 746 21.14 48.95 6.55
N TYR B 747 22.34 48.91 7.13
CA TYR B 747 22.50 48.96 8.59
C TYR B 747 23.23 50.21 9.08
N ILE B 748 24.26 50.67 8.38
CA ILE B 748 25.20 51.64 8.93
C ILE B 748 24.53 52.97 9.26
N GLY B 749 23.27 53.17 8.88
CA GLY B 749 22.63 54.45 9.12
C GLY B 749 22.57 54.81 10.60
N LEU B 750 22.15 53.85 11.43
CA LEU B 750 21.98 54.13 12.85
C LEU B 750 23.33 54.34 13.53
N GLY B 751 24.27 53.42 13.32
CA GLY B 751 25.57 53.49 13.96
C GLY B 751 25.50 53.42 15.47
N ASN B 752 24.65 52.53 15.99
CA ASN B 752 24.49 52.40 17.44
C ASN B 752 25.41 51.33 18.02
N TYR B 753 25.48 50.17 17.37
CA TYR B 753 26.34 49.08 17.80
C TYR B 753 27.09 48.56 16.58
N THR B 754 27.76 47.42 16.72
CA THR B 754 28.54 46.84 15.64
C THR B 754 28.33 45.34 15.48
N LEU B 755 27.24 44.79 15.99
CA LEU B 755 26.95 43.38 15.78
C LEU B 755 25.53 43.07 16.22
N CYS B 756 24.90 42.15 15.49
CA CYS B 756 23.51 41.80 15.70
C CYS B 756 23.38 40.29 15.73
N ARG B 757 22.30 39.80 16.34
CA ARG B 757 22.03 38.37 16.47
C ARG B 757 20.87 37.98 15.58
N TYR B 758 20.95 36.78 14.99
CA TYR B 758 19.89 36.30 14.11
C TYR B 758 19.66 34.82 14.36
N ARG B 759 18.47 34.35 13.97
CA ARG B 759 18.10 32.95 14.15
C ARG B 759 18.74 32.12 13.05
N ASP B 760 19.90 31.55 13.37
CA ASP B 760 20.56 30.62 12.48
C ASP B 760 21.78 30.08 13.20
N PHE B 761 22.23 28.91 12.79
CA PHE B 761 23.40 28.26 13.37
C PHE B 761 24.56 28.44 12.40
N ARG B 762 25.42 29.42 12.67
CA ARG B 762 26.60 29.67 11.86
C ARG B 762 27.73 30.11 12.77
N ASN B 763 28.95 29.95 12.27
CA ASN B 763 30.12 30.32 13.05
C ASN B 763 30.15 31.84 13.26
N PRO B 764 30.72 32.30 14.37
CA PRO B 764 30.72 33.73 14.66
C PRO B 764 31.78 34.45 13.85
N PRO B 765 31.84 35.78 13.95
CA PRO B 765 32.91 36.51 13.25
C PRO B 765 34.28 35.99 13.64
N GLY B 766 35.31 36.41 12.92
CA GLY B 766 36.58 35.72 13.08
C GLY B 766 36.41 34.29 12.63
N HIS B 767 37.13 33.38 13.27
CA HIS B 767 36.97 31.96 12.98
C HIS B 767 37.48 31.65 11.57
N PRO B 768 38.06 30.47 11.34
CA PRO B 768 38.49 30.14 9.97
C PRO B 768 37.34 30.17 8.97
N GLN B 769 36.15 29.72 9.36
CA GLN B 769 34.97 29.76 8.51
C GLN B 769 34.02 30.81 9.12
N GLU B 770 34.08 32.02 8.59
CA GLU B 770 33.40 33.14 9.22
C GLU B 770 31.92 32.86 9.46
N TYR B 771 31.15 32.65 8.40
CA TYR B 771 29.70 32.55 8.51
C TYR B 771 29.18 31.29 7.83
N LYS B 772 29.94 30.21 7.86
CA LYS B 772 29.46 28.93 7.36
C LYS B 772 28.76 28.17 8.47
N HIS B 773 27.92 27.22 8.08
CA HIS B 773 27.20 26.43 9.06
C HIS B 773 28.18 25.73 10.00
N ASN B 774 27.82 25.69 11.28
CA ASN B 774 28.71 25.15 12.30
C ASN B 774 28.31 23.73 12.68
N ILE B 775 29.06 23.15 13.60
CA ILE B 775 28.81 21.77 14.02
C ILE B 775 27.40 21.63 14.56
N TYR B 776 26.91 22.66 15.27
CA TYR B 776 25.57 22.59 15.82
C TYR B 776 24.52 22.44 14.73
N TYR B 777 24.70 23.14 13.61
CA TYR B 777 23.74 23.03 12.52
C TYR B 777 23.62 21.60 12.04
N TRP B 778 24.74 20.93 11.82
CA TRP B 778 24.70 19.59 11.28
C TRP B 778 24.22 18.58 12.32
N HIS B 779 24.60 18.77 13.58
CA HIS B 779 24.02 17.96 14.64
C HIS B 779 22.50 18.05 14.61
N VAL B 780 21.98 19.28 14.47
CA VAL B 780 20.53 19.48 14.48
C VAL B 780 19.88 18.85 13.26
N ILE B 781 20.48 19.04 12.09
CA ILE B 781 19.90 18.47 10.87
C ILE B 781 19.86 16.96 10.96
N ALA B 782 20.95 16.35 11.44
CA ALA B 782 20.97 14.90 11.59
C ALA B 782 19.91 14.45 12.57
N ALA B 783 19.74 15.17 13.68
CA ALA B 783 18.69 14.82 14.62
C ALA B 783 17.32 14.88 13.97
N LYS B 784 17.09 15.93 13.17
CA LYS B 784 15.79 16.09 12.51
C LYS B 784 15.52 14.93 11.56
N LEU B 785 16.51 14.59 10.72
CA LEU B 785 16.31 13.52 9.76
C LEU B 785 16.12 12.17 10.46
N ALA B 786 16.88 11.94 11.52
CA ALA B 786 16.70 10.71 12.28
C ALA B 786 15.30 10.65 12.89
N PHE B 787 14.80 11.77 13.40
CA PHE B 787 13.46 11.78 13.93
C PHE B 787 12.45 11.47 12.84
N ILE B 788 12.61 12.07 11.67
CA ILE B 788 11.69 11.79 10.57
C ILE B 788 11.68 10.30 10.25
N ILE B 789 12.87 9.72 10.09
CA ILE B 789 12.96 8.30 9.73
C ILE B 789 12.31 7.44 10.80
N VAL B 790 12.67 7.67 12.06
CA VAL B 790 12.17 6.82 13.14
C VAL B 790 10.67 6.94 13.24
N MET B 791 10.15 8.16 13.23
CA MET B 791 8.70 8.35 13.39
C MET B 791 7.94 7.75 12.22
N GLU B 792 8.38 8.00 10.99
CA GLU B 792 7.68 7.45 9.83
C GLU B 792 7.67 5.92 9.90
N HIS B 793 8.83 5.32 10.19
CA HIS B 793 8.89 3.85 10.20
C HIS B 793 8.02 3.26 11.31
N ILE B 794 8.12 3.80 12.52
CA ILE B 794 7.31 3.24 13.61
C ILE B 794 5.83 3.42 13.32
N ILE B 795 5.43 4.60 12.84
CA ILE B 795 4.02 4.86 12.60
C ILE B 795 3.48 3.90 11.54
N TYR B 796 4.22 3.75 10.43
CA TYR B 796 3.73 2.88 9.38
C TYR B 796 3.72 1.42 9.82
N SER B 797 4.73 0.99 10.59
CA SER B 797 4.74 -0.38 11.08
C SER B 797 3.54 -0.63 12.00
N VAL B 798 3.27 0.29 12.91
CA VAL B 798 2.13 0.12 13.82
C VAL B 798 0.84 0.09 13.04
N LYS B 799 0.71 0.96 12.03
CA LYS B 799 -0.51 0.97 11.23
C LYS B 799 -0.69 -0.33 10.47
N PHE B 800 0.39 -0.86 9.89
CA PHE B 800 0.30 -2.12 9.16
C PHE B 800 -0.10 -3.26 10.09
N PHE B 801 0.51 -3.30 11.29
CA PHE B 801 0.17 -4.36 12.24
C PHE B 801 -1.27 -4.23 12.70
N ILE B 802 -1.74 -3.01 12.93
CA ILE B 802 -3.13 -2.82 13.33
C ILE B 802 -4.07 -3.28 12.23
N SER B 803 -3.76 -2.93 10.97
CA SER B 803 -4.60 -3.37 9.86
C SER B 803 -4.64 -4.90 9.78
N TYR B 804 -3.48 -5.54 9.94
CA TYR B 804 -3.44 -7.00 9.89
C TYR B 804 -4.24 -7.62 11.02
N ALA B 805 -4.15 -7.05 12.23
CA ALA B 805 -4.80 -7.64 13.39
C ALA B 805 -6.32 -7.51 13.31
N ILE B 806 -6.82 -6.36 12.91
CA ILE B 806 -8.27 -6.14 12.90
C ILE B 806 -8.92 -7.08 11.89
N PRO B 807 -9.93 -7.87 12.29
CA PRO B 807 -10.51 -8.81 11.32
C PRO B 807 -11.18 -8.14 10.14
N ASP B 808 -11.59 -6.89 10.27
CA ASP B 808 -12.20 -6.06 9.23
C ASP B 808 -13.66 -6.45 9.00
N VAL B 809 -14.22 -7.35 9.81
CA VAL B 809 -15.65 -7.66 9.76
C VAL B 809 -16.10 -8.02 11.17
N SER B 810 -17.33 -7.67 11.50
CA SER B 810 -17.85 -7.97 12.83
C SER B 810 -18.05 -9.46 13.01
N LYS B 811 -17.68 -9.94 14.21
CA LYS B 811 -17.85 -11.36 14.51
C LYS B 811 -19.33 -11.74 14.47
N ILE B 812 -20.19 -10.85 14.96
CA ILE B 812 -21.63 -11.10 14.89
C ILE B 812 -22.05 -11.23 13.44
N THR B 813 -21.56 -10.33 12.57
CA THR B 813 -21.87 -10.43 11.16
C THR B 813 -21.31 -11.72 10.56
N LYS B 814 -20.11 -12.12 10.99
CA LYS B 814 -19.59 -13.41 10.58
C LYS B 814 -20.55 -14.54 10.94
N SER B 815 -21.19 -14.43 12.10
CA SER B 815 -22.20 -15.42 12.50
C SER B 815 -23.40 -15.36 11.57
N LYS B 816 -23.90 -14.15 11.28
CA LYS B 816 -25.10 -14.02 10.47
C LYS B 816 -24.88 -14.49 9.05
N ILE B 817 -23.77 -14.08 8.42
CA ILE B 817 -23.48 -14.47 7.06
C ILE B 817 -23.33 -15.98 6.97
C1 NAG C . 54.04 0.09 0.06
C2 NAG C . 54.66 -0.78 -1.04
C3 NAG C . 56.02 -1.29 -0.60
C4 NAG C . 56.88 -0.14 -0.10
C5 NAG C . 56.18 0.81 0.87
C6 NAG C . 56.95 2.10 1.08
C7 NAG C . 53.45 -2.86 -0.55
C8 NAG C . 52.54 -3.92 -1.09
N2 NAG C . 53.78 -1.88 -1.39
O3 NAG C . 56.66 -1.92 -1.70
O4 NAG C . 58.30 -0.26 -0.12
O5 NAG C . 54.90 1.18 0.35
O6 NAG C . 56.30 3.20 0.44
O7 NAG C . 53.87 -2.89 0.60
H1 NAG C . 53.93 -0.46 0.86
H2 NAG C . 54.78 -0.22 -1.83
H3 NAG C . 55.91 -1.95 0.11
H4 NAG C . 56.98 -0.70 0.69
H5 NAG C . 56.06 0.38 1.73
H61 NAG C . 57.85 2.01 0.71
H62 NAG C . 57.02 2.29 2.03
H81 NAG C . 52.40 -4.61 -0.41
H82 NAG C . 52.94 -4.32 -1.88
H83 NAG C . 51.67 -3.52 -1.32
HN2 NAG C . 53.44 -1.91 -2.24
HO3 NAG C . 56.07 -2.45 -2.12
HO6 NAG C . 55.72 2.89 -0.15
C1 NAG D . 51.02 14.02 21.17
C2 NAG D . 52.30 14.55 20.52
C3 NAG D . 53.46 14.45 21.51
C4 NAG D . 53.10 15.15 22.82
C5 NAG D . 51.78 14.60 23.35
C6 NAG D . 51.30 15.34 24.59
C7 NAG D . 53.64 14.11 18.50
C8 NAG D . 53.81 13.24 17.30
N2 NAG D . 52.61 13.81 19.31
O3 NAG D . 54.62 15.08 20.94
O4 NAG D . 54.12 14.93 23.78
O5 NAG D . 50.75 14.74 22.36
O6 NAG D . 51.33 16.75 24.39
O7 NAG D . 54.40 15.03 18.75
H1 NAG D . 50.28 14.14 20.55
H2 NAG D . 52.17 15.48 20.29
H3 NAG D . 53.66 13.52 21.69
H4 NAG D . 53.01 16.11 22.66
H5 NAG D . 51.89 13.66 23.58
H61 NAG D . 51.87 15.11 25.34
H62 NAG D . 50.38 15.07 24.78
H81 NAG D . 54.54 13.59 16.75
H82 NAG D . 52.98 13.24 16.78
H83 NAG D . 54.01 12.33 17.58
HN2 NAG D . 52.07 13.11 19.08
HO3 NAG D . 54.46 15.94 20.83
HO4 NAG D . 53.87 14.30 24.34
HO6 NAG D . 51.22 16.93 23.53
C1 NAG E . 47.67 15.01 5.42
C2 NAG E . 48.01 16.37 4.82
C3 NAG E . 48.90 17.16 5.78
C4 NAG E . 48.27 17.24 7.15
C5 NAG E . 47.91 15.84 7.64
C6 NAG E . 47.18 15.85 8.96
C7 NAG E . 49.00 17.22 2.75
C8 NAG E . 49.67 16.88 1.45
N2 NAG E . 48.67 16.19 3.53
O3 NAG E . 49.09 18.47 5.25
O4 NAG E . 49.19 17.83 8.07
O5 NAG E . 47.05 15.20 6.69
O6 NAG E . 46.35 17.00 9.09
O7 NAG E . 48.78 18.39 3.07
H1 NAG E . 48.50 14.49 5.54
H2 NAG E . 47.18 16.86 4.69
H3 NAG E . 49.77 16.72 5.84
H4 NAG E . 47.46 17.79 7.11
H5 NAG E . 48.74 15.32 7.75
H61 NAG E . 47.83 15.85 9.69
H62 NAG E . 46.63 15.05 9.04
H81 NAG E . 49.05 16.38 0.90
H82 NAG E . 50.46 16.33 1.63
H83 NAG E . 49.94 17.70 0.99
HN2 NAG E . 48.86 15.36 3.24
HO3 NAG E . 49.95 18.58 5.02
HO4 NAG E . 49.46 17.22 8.65
HO6 NAG E . 46.14 17.12 9.94
CA CA F . 15.77 -28.77 -6.60
C1 NAG G . 12.18 44.88 27.19
C2 NAG G . 11.15 45.04 28.30
C3 NAG G . 11.35 46.37 29.02
C4 NAG G . 12.78 46.47 29.52
C5 NAG G . 13.75 46.27 28.37
C6 NAG G . 15.20 46.26 28.81
C7 NAG G . 9.16 43.77 27.63
C8 NAG G . 7.77 43.83 27.08
N2 NAG G . 9.80 44.93 27.78
O3 NAG G . 10.44 46.48 30.10
O4 NAG G . 13.00 47.74 30.13
O5 NAG G . 13.50 45.01 27.74
O6 NAG G . 15.61 44.95 29.16
O7 NAG G . 9.69 42.69 27.93
H1 NAG G . 12.04 45.57 26.52
H2 NAG G . 11.29 44.32 28.96
H3 NAG G . 11.18 47.09 28.39
H4 NAG G . 12.94 45.76 30.18
H5 NAG G . 13.62 46.99 27.72
H61 NAG G . 15.30 46.85 29.58
H62 NAG G . 15.76 46.58 28.08
H81 NAG G . 7.36 42.95 27.10
H82 NAG G . 7.81 44.14 26.15
H83 NAG G . 7.24 44.46 27.60
HN2 NAG G . 9.36 45.69 27.54
HO3 NAG G . 10.55 47.27 30.50
HO4 NAG G . 12.28 48.26 30.00
HO6 NAG G . 14.93 44.38 29.06
C1 NAG H . 27.59 36.07 26.97
C2 NAG H . 26.10 36.03 26.61
C3 NAG H . 25.91 35.32 25.27
C4 NAG H . 26.77 35.98 24.20
C5 NAG H . 28.23 36.04 24.66
C6 NAG H . 29.12 36.78 23.69
C7 NAG H . 24.66 36.02 28.59
C8 NAG H . 23.93 35.18 29.60
N2 NAG H . 25.35 35.37 27.66
O1 NAG H . 27.76 36.78 28.15
O4 NAG H . 26.68 35.23 22.99
O5 NAG H . 28.32 36.71 25.92
O6 NAG H . 30.48 36.41 23.85
O7 NAG H . 24.62 37.25 28.62
H1 NAG H . 27.92 35.16 27.08
H2 NAG H . 25.79 36.94 26.52
H3 NAG H . 26.17 34.39 25.36
H4 NAG H . 26.45 36.89 24.04
H5 NAG H . 28.56 35.13 24.75
H61 NAG H . 29.03 37.74 23.85
H62 NAG H . 28.84 36.58 22.78
H81 NAG H . 23.31 34.58 29.13
H82 NAG H . 23.44 35.76 30.20
H83 NAG H . 24.57 34.65 30.10
HN2 NAG H . 25.33 34.46 27.68
HO1 NAG H . 27.66 36.22 28.84
HO4 NAG H . 25.91 35.41 22.58
HO6 NAG H . 30.66 36.30 24.71
C1 NAG I . 33.82 43.32 13.61
C2 NAG I . 34.75 43.90 14.69
C3 NAG I . 35.59 45.02 14.11
C4 NAG I . 36.33 44.56 12.87
C5 NAG I . 35.32 44.00 11.87
C6 NAG I . 35.98 43.43 10.64
C7 NAG I . 33.29 43.53 16.64
C8 NAG I . 32.58 44.17 17.80
N2 NAG I . 34.00 44.35 15.85
O3 NAG I . 36.51 45.49 15.10
O4 NAG I . 37.01 45.66 12.29
O5 NAG I . 34.59 42.92 12.48
O6 NAG I . 35.61 42.07 10.42
O7 NAG I . 33.24 42.32 16.44
H1 NAG I . 33.19 44.02 13.35
H2 NAG I . 35.35 43.18 14.97
H3 NAG I . 34.99 45.75 13.85
H4 NAG I . 36.96 43.87 13.11
H5 NAG I . 34.70 44.70 11.60
H61 NAG I . 36.94 43.49 10.74
H62 NAG I . 35.71 43.96 9.86
H81 NAG I . 33.21 44.72 18.30
H82 NAG I . 32.21 43.48 18.37
H83 NAG I . 31.86 44.74 17.46
HN2 NAG I . 34.00 45.24 16.05
HO3 NAG I . 36.09 45.62 15.87
HO4 NAG I . 36.66 46.42 12.57
HO6 NAG I . 36.31 41.55 10.59
CA CA J . -23.77 20.34 3.93
CA CA K . -21.50 22.75 5.39
#